data_9K2R
#
_entry.id   9K2R
#
_cell.length_a   207.827
_cell.length_b   344.872
_cell.length_c   134.270
_cell.angle_alpha   90.000
_cell.angle_beta   90.000
_cell.angle_gamma   90.000
#
_symmetry.space_group_name_H-M   'C 2 2 21'
#
loop_
_entity.id
_entity.type
_entity.pdbx_description
1 polymer 'MHC class I antigen'
2 polymer Beta-2-microglobulin
3 polymer 'peptide from p51 RT'
4 polymer 'T cell receptor alpha chain'
5 polymer 'T cell receptor beta chain'
#
loop_
_entity_poly.entity_id
_entity_poly.type
_entity_poly.pdbx_seq_one_letter_code
_entity_poly.pdbx_strand_id
1 'polypeptide(L)'
;SHSMRYFYTAVSRPGRGEPRFIAVGYVDDTQFVRFDSDAASPRGEPRAPWVEQEGPEYWDRETQKYKRQAQADRVSLRNL
RGYYNQSEAGSHTLQRMYGCDLGPDGRLLRGYDQSAYDGKDYIALNEDLRSWTAADTAAQITQRKWEAAREAEQWRAYLE
GTCVEWLRRYLENGKETLQRAEHPKTHVTHHPVSDHEATLRCWALGFYPAEITLTWQRDGEDQTQDTELVETRPAGDGTF
QKWAAVVVPSGEEQRYTCHVQHEGLPEPLTLRWEP
;
A,D,G
2 'polypeptide(L)'
;MIQRTPKIQVYSRHPAENGKSNFLNCYVSGFHPSDIEVDLLKNGERIEKVEHSDLSFSKDWSFYLLYYTEFTPTEKDEYA
CRVNHVTLSQPKIVKWDRDM
;
B,E,H
3 'polypeptide(L)' ILKEPVHGVYY C,F,I
4 'polypeptide(L)'
;ILNVEQSPQSLHVQEGDSTNFTCSFPSSNFYALHWYRWETAKSPEALFVMTLNGDEKKKGRISATLNTKEGYSYLYIKGS
QPEDSATYLCYVPMDSNYQLIWGAGTKLIIKPDIQNPDPAVYQLRDSKSSDKSVCLFTDFDSQTNVSQSKDSDVYITDKC
VLDMRSMDFKSNSAVAWSNKSDFACANAFNNSIIPEDTFFPSPE
;
J,L,N
5 'polypeptide(L)'
;QVTQNPRYLITVTGKKLTVTCSQNMNHEYMSWYRQDPGLGLRQIYYSMNVEVTDKGDVPEGYKVSRKEKRNFPLILESPS
PNQTSLYFCASSLVGAGQPQHFGDGTRLSILEDLNKVFPPEVAVFEPSEAEISHTQKATLVCLATGFFPDHVELSWWVNG
KEVHSGVCTDPQPLKEQPALNDSRYALSSRLRVSATFWQNPRNHFRCQVQFYGLSENDEWTQDRAKPVTQIVSAEAWGRA
D
;
K,M,O
#
# COMPACT_ATOMS: atom_id res chain seq x y z
N SER A 1 -6.36 25.50 4.71
CA SER A 1 -7.47 25.93 5.57
C SER A 1 -8.39 24.74 5.88
N HIS A 2 -8.45 23.80 4.95
CA HIS A 2 -9.21 22.57 5.11
C HIS A 2 -8.44 21.44 4.43
N SER A 3 -8.37 20.29 5.07
CA SER A 3 -7.56 19.21 4.54
C SER A 3 -8.17 17.86 4.88
N MET A 4 -7.87 16.88 4.05
CA MET A 4 -8.13 15.47 4.30
C MET A 4 -6.83 14.70 4.20
N ARG A 5 -6.55 13.83 5.17
CA ARG A 5 -5.28 13.10 5.21
C ARG A 5 -5.52 11.67 5.69
N TYR A 6 -4.83 10.72 5.04
CA TYR A 6 -4.82 9.33 5.45
C TYR A 6 -3.43 8.93 5.93
N PHE A 7 -3.40 8.06 6.94
CA PHE A 7 -2.15 7.62 7.57
C PHE A 7 -2.12 6.10 7.57
N TYR A 8 -1.14 5.53 6.87
CA TYR A 8 -0.93 4.09 6.85
C TYR A 8 0.26 3.74 7.73
N THR A 9 0.15 2.65 8.48
CA THR A 9 1.25 2.13 9.29
C THR A 9 1.27 0.61 9.18
N ALA A 10 2.19 0.08 8.39
CA ALA A 10 2.39 -1.36 8.25
C ALA A 10 3.68 -1.75 8.96
N VAL A 11 3.58 -2.72 9.87
CA VAL A 11 4.71 -3.16 10.69
C VAL A 11 4.84 -4.67 10.53
N SER A 12 5.97 -5.13 10.02
CA SER A 12 6.20 -6.56 9.89
C SER A 12 6.44 -7.20 11.25
N ARG A 13 5.97 -8.43 11.41
CA ARG A 13 6.10 -9.18 12.66
C ARG A 13 6.71 -10.54 12.36
N PRO A 14 8.01 -10.72 12.61
CA PRO A 14 8.62 -12.04 12.36
C PRO A 14 8.06 -13.11 13.26
N GLY A 15 7.60 -12.76 14.46
CA GLY A 15 7.00 -13.70 15.38
C GLY A 15 5.61 -14.13 14.93
N GLU A 18 2.38 -12.72 9.72
CA GLU A 18 1.80 -11.64 8.93
C GLU A 18 1.95 -10.26 9.58
N PRO A 19 2.26 -9.27 8.76
CA PRO A 19 2.37 -7.90 9.27
C PRO A 19 1.03 -7.37 9.73
N ARG A 20 1.07 -6.25 10.44
CA ARG A 20 -0.12 -5.57 10.93
C ARG A 20 -0.25 -4.24 10.20
N PHE A 21 -1.36 -4.05 9.49
CA PHE A 21 -1.66 -2.83 8.77
C PHE A 21 -2.71 -2.03 9.52
N ILE A 22 -2.37 -0.81 9.92
CA ILE A 22 -3.29 0.08 10.61
C ILE A 22 -3.39 1.37 9.81
N ALA A 23 -4.62 1.79 9.51
CA ALA A 23 -4.87 2.97 8.70
C ALA A 23 -5.94 3.82 9.38
N VAL A 24 -5.76 5.13 9.35
CA VAL A 24 -6.73 6.08 9.88
C VAL A 24 -6.88 7.24 8.90
N GLY A 25 -8.04 7.87 8.94
CA GLY A 25 -8.31 9.00 8.06
C GLY A 25 -8.80 10.19 8.86
N TYR A 26 -8.37 11.38 8.45
CA TYR A 26 -8.70 12.61 9.13
C TYR A 26 -9.25 13.63 8.14
N VAL A 27 -10.19 14.44 8.62
CA VAL A 27 -10.58 15.69 7.98
C VAL A 27 -10.23 16.80 8.95
N ASP A 28 -9.30 17.67 8.54
CA ASP A 28 -8.69 18.63 9.45
C ASP A 28 -8.11 17.90 10.64
N ASP A 29 -8.69 18.11 11.82
CA ASP A 29 -8.23 17.48 13.07
C ASP A 29 -9.27 16.51 13.63
N THR A 30 -10.10 15.93 12.76
CA THR A 30 -11.15 15.01 13.18
C THR A 30 -11.00 13.69 12.44
N GLN A 31 -10.80 12.61 13.19
CA GLN A 31 -10.75 11.29 12.61
C GLN A 31 -12.15 10.83 12.22
N PHE A 32 -12.26 10.12 11.10
CA PHE A 32 -13.54 9.58 10.67
C PHE A 32 -13.51 8.12 10.26
N VAL A 33 -12.34 7.51 10.11
CA VAL A 33 -12.25 6.12 9.69
C VAL A 33 -11.01 5.49 10.32
N ARG A 34 -11.09 4.19 10.59
CA ARG A 34 -9.99 3.43 11.15
C ARG A 34 -10.06 2.01 10.60
N PHE A 35 -8.89 1.42 10.32
CA PHE A 35 -8.82 0.05 9.83
C PHE A 35 -7.68 -0.67 10.53
N ASP A 36 -7.95 -1.88 11.00
CA ASP A 36 -6.98 -2.71 11.70
C ASP A 36 -7.03 -4.12 11.14
N SER A 37 -5.94 -4.56 10.53
CA SER A 37 -5.86 -5.89 9.94
C SER A 37 -5.92 -7.00 10.98
N ASP A 38 -5.78 -6.70 12.26
CA ASP A 38 -5.77 -7.73 13.30
C ASP A 38 -7.14 -7.97 13.91
N ALA A 39 -8.20 -7.43 13.31
CA ALA A 39 -9.54 -7.72 13.80
C ALA A 39 -9.97 -9.11 13.36
N ALA A 40 -11.03 -9.61 14.01
CA ALA A 40 -11.59 -10.91 13.64
C ALA A 40 -11.95 -10.93 12.16
N SER A 41 -12.79 -10.00 11.73
CA SER A 41 -13.04 -9.75 10.32
C SER A 41 -12.73 -8.30 10.06
N PRO A 42 -11.52 -7.99 9.58
CA PRO A 42 -11.12 -6.58 9.42
C PRO A 42 -12.08 -5.83 8.52
N ARG A 43 -12.35 -4.58 8.89
CA ARG A 43 -13.35 -3.78 8.20
C ARG A 43 -13.11 -2.31 8.50
N GLY A 44 -13.29 -1.48 7.47
CA GLY A 44 -13.22 -0.04 7.67
C GLY A 44 -14.35 0.43 8.55
N GLU A 45 -14.01 1.13 9.63
CA GLU A 45 -15.01 1.48 10.62
C GLU A 45 -15.11 3.00 10.78
N PRO A 46 -16.31 3.52 10.95
CA PRO A 46 -16.46 4.97 11.13
C PRO A 46 -16.06 5.44 12.52
N ARG A 47 -15.50 6.64 12.57
CA ARG A 47 -15.09 7.25 13.83
C ARG A 47 -15.68 8.65 13.99
N ALA A 48 -16.56 9.07 13.08
CA ALA A 48 -17.25 10.36 13.13
C ALA A 48 -18.67 10.16 12.62
N PRO A 49 -19.63 10.93 13.13
CA PRO A 49 -21.03 10.71 12.71
C PRO A 49 -21.29 11.05 11.24
N TRP A 50 -20.59 12.03 10.67
CA TRP A 50 -20.86 12.43 9.30
C TRP A 50 -20.38 11.42 8.25
N VAL A 51 -19.86 10.27 8.67
CA VAL A 51 -19.56 9.18 7.74
C VAL A 51 -20.31 7.90 8.09
N GLU A 52 -20.90 7.81 9.29
CA GLU A 52 -21.71 6.65 9.64
C GLU A 52 -22.97 6.54 8.79
N GLN A 53 -23.44 7.66 8.26
CA GLN A 53 -24.66 7.73 7.46
C GLN A 53 -24.42 7.43 5.97
N GLU A 54 -23.25 6.90 5.61
CA GLU A 54 -22.91 6.72 4.20
C GLU A 54 -23.48 5.44 3.59
N GLY A 55 -23.79 4.43 4.39
CA GLY A 55 -24.43 3.24 3.89
C GLY A 55 -23.46 2.10 3.60
N PRO A 56 -24.00 0.93 3.30
CA PRO A 56 -23.14 -0.25 3.13
C PRO A 56 -22.29 -0.25 1.87
N GLU A 57 -22.79 0.30 0.75
CA GLU A 57 -21.99 0.31 -0.47
C GLU A 57 -20.74 1.16 -0.30
N TYR A 58 -20.86 2.27 0.43
CA TYR A 58 -19.69 3.10 0.72
C TYR A 58 -18.67 2.33 1.57
N TRP A 59 -19.14 1.69 2.64
CA TRP A 59 -18.21 1.05 3.56
C TRP A 59 -17.70 -0.29 3.06
N ASP A 60 -18.46 -0.98 2.20
CA ASP A 60 -17.94 -2.18 1.58
C ASP A 60 -16.80 -1.85 0.62
N ARG A 61 -16.94 -0.75 -0.13
CA ARG A 61 -15.89 -0.34 -1.04
C ARG A 61 -14.64 0.11 -0.27
N GLU A 62 -14.83 0.88 0.80
CA GLU A 62 -13.71 1.31 1.62
C GLU A 62 -12.99 0.10 2.23
N THR A 63 -13.75 -0.81 2.83
CA THR A 63 -13.16 -2.01 3.43
C THR A 63 -12.38 -2.82 2.41
N GLN A 64 -12.89 -2.90 1.17
CA GLN A 64 -12.14 -3.59 0.13
C GLN A 64 -10.79 -2.93 -0.11
N LYS A 65 -10.76 -1.60 -0.20
CA LYS A 65 -9.51 -0.91 -0.48
C LYS A 65 -8.51 -1.07 0.67
N TYR A 66 -8.98 -1.00 1.92
CA TYR A 66 -8.08 -1.20 3.05
C TYR A 66 -7.43 -2.59 2.99
N LYS A 67 -8.24 -3.63 2.78
CA LYS A 67 -7.68 -4.98 2.71
C LYS A 67 -6.76 -5.14 1.52
N ARG A 68 -7.06 -4.46 0.40
CA ARG A 68 -6.17 -4.54 -0.75
C ARG A 68 -4.85 -3.84 -0.45
N GLN A 69 -4.90 -2.69 0.22
CA GLN A 69 -3.67 -1.99 0.57
C GLN A 69 -2.85 -2.78 1.60
N ALA A 70 -3.53 -3.47 2.51
CA ALA A 70 -2.82 -4.24 3.52
C ALA A 70 -2.07 -5.41 2.89
N GLN A 71 -2.69 -6.09 1.92
CA GLN A 71 -2.01 -7.15 1.21
C GLN A 71 -0.82 -6.61 0.43
N ALA A 72 -0.95 -5.40 -0.11
CA ALA A 72 0.13 -4.80 -0.87
C ALA A 72 1.29 -4.39 0.02
N ASP A 73 0.99 -3.81 1.18
CA ASP A 73 2.04 -3.40 2.10
C ASP A 73 2.82 -4.57 2.65
N ARG A 74 2.25 -5.79 2.60
CA ARG A 74 2.99 -6.96 3.03
C ARG A 74 4.10 -7.30 2.04
N VAL A 75 3.79 -7.24 0.74
CA VAL A 75 4.81 -7.46 -0.27
C VAL A 75 5.85 -6.34 -0.25
N SER A 76 5.39 -5.10 -0.08
CA SER A 76 6.31 -3.97 0.00
C SER A 76 7.28 -4.13 1.17
N LEU A 77 6.79 -4.64 2.29
CA LEU A 77 7.66 -4.86 3.44
C LEU A 77 8.75 -5.87 3.12
N ARG A 78 8.44 -6.89 2.31
CA ARG A 78 9.45 -7.85 1.92
C ARG A 78 10.39 -7.29 0.87
N ASN A 79 9.87 -6.47 -0.04
CA ASN A 79 10.72 -5.83 -1.04
C ASN A 79 11.70 -4.86 -0.38
N LEU A 80 11.20 -4.03 0.53
CA LEU A 80 12.07 -3.10 1.24
C LEU A 80 13.12 -3.84 2.04
N ARG A 81 12.73 -4.95 2.70
CA ARG A 81 13.69 -5.77 3.42
C ARG A 81 14.79 -6.28 2.50
N GLY A 82 14.44 -6.58 1.24
CA GLY A 82 15.44 -7.04 0.29
C GLY A 82 16.32 -5.93 -0.23
N TYR A 83 15.79 -4.70 -0.30
CA TYR A 83 16.60 -3.57 -0.78
C TYR A 83 17.77 -3.31 0.16
N TYR A 84 17.55 -3.40 1.46
CA TYR A 84 18.56 -3.08 2.45
C TYR A 84 19.28 -4.30 2.99
N ASN A 85 19.01 -5.48 2.43
CA ASN A 85 19.65 -6.73 2.84
C ASN A 85 19.47 -6.97 4.33
N GLN A 86 18.20 -6.95 4.75
CA GLN A 86 17.84 -7.12 6.15
C GLN A 86 17.31 -8.53 6.39
N SER A 87 17.63 -9.07 7.56
CA SER A 87 17.18 -10.40 7.92
C SER A 87 15.66 -10.41 8.15
N GLU A 88 15.11 -11.62 8.27
CA GLU A 88 13.68 -11.80 8.50
C GLU A 88 13.36 -12.02 9.97
N ALA A 89 14.34 -11.80 10.86
CA ALA A 89 14.13 -11.86 12.29
C ALA A 89 13.88 -10.50 12.92
N GLY A 90 13.80 -9.44 12.13
CA GLY A 90 13.63 -8.10 12.65
C GLY A 90 12.36 -7.43 12.15
N SER A 91 11.73 -6.66 13.04
CA SER A 91 10.51 -5.93 12.68
C SER A 91 10.86 -4.61 12.02
N HIS A 92 10.11 -4.26 10.98
CA HIS A 92 10.31 -3.03 10.25
C HIS A 92 8.99 -2.33 10.01
N THR A 93 9.07 -1.02 9.76
CA THR A 93 7.90 -0.15 9.71
C THR A 93 7.84 0.57 8.37
N LEU A 94 6.70 0.47 7.70
CA LEU A 94 6.41 1.22 6.48
C LEU A 94 5.25 2.16 6.77
N GLN A 95 5.48 3.46 6.60
CA GLN A 95 4.50 4.49 6.89
C GLN A 95 4.19 5.29 5.62
N ARG A 96 2.92 5.70 5.50
CA ARG A 96 2.48 6.49 4.38
C ARG A 96 1.47 7.54 4.85
N MET A 97 1.63 8.77 4.37
CA MET A 97 0.69 9.84 4.65
C MET A 97 0.42 10.57 3.34
N TYR A 98 -0.85 10.69 2.98
CA TYR A 98 -1.24 11.41 1.78
C TYR A 98 -2.54 12.15 2.03
N GLY A 99 -2.84 13.09 1.15
CA GLY A 99 -4.07 13.84 1.28
C GLY A 99 -4.03 15.09 0.42
N CYS A 100 -4.99 15.97 0.68
CA CYS A 100 -5.20 17.16 -0.14
C CYS A 100 -5.61 18.32 0.75
N ASP A 101 -5.26 19.53 0.32
CA ASP A 101 -5.61 20.76 1.02
C ASP A 101 -6.50 21.60 0.12
N LEU A 102 -7.58 22.13 0.68
CA LEU A 102 -8.51 22.95 -0.08
C LEU A 102 -8.03 24.39 -0.15
N GLY A 103 -7.97 24.93 -1.37
CA GLY A 103 -7.73 26.34 -1.56
C GLY A 103 -9.04 27.10 -1.56
N PRO A 104 -9.02 28.37 -1.96
CA PRO A 104 -10.26 29.17 -1.93
C PRO A 104 -11.37 28.59 -2.80
N ASP A 105 -11.04 28.14 -4.01
CA ASP A 105 -12.03 27.52 -4.89
C ASP A 105 -12.14 26.02 -4.59
N LEU A 108 -8.10 22.34 -5.41
CA LEU A 108 -6.93 21.84 -4.69
C LEU A 108 -5.84 22.91 -4.55
N LEU A 109 -5.41 23.13 -3.32
CA LEU A 109 -4.31 24.04 -3.02
C LEU A 109 -2.96 23.32 -3.08
N ARG A 110 -2.85 22.18 -2.41
CA ARG A 110 -1.63 21.38 -2.45
C ARG A 110 -2.01 19.93 -2.22
N GLY A 111 -1.35 19.03 -2.93
CA GLY A 111 -1.55 17.62 -2.76
C GLY A 111 -0.23 16.95 -2.40
N TYR A 112 -0.30 15.79 -1.74
CA TYR A 112 0.94 15.19 -1.28
C TYR A 112 0.73 13.71 -1.01
N ASP A 113 1.81 12.95 -1.17
CA ASP A 113 1.84 11.52 -0.87
C ASP A 113 3.29 11.17 -0.55
N GLN A 114 3.60 11.08 0.74
CA GLN A 114 4.95 10.82 1.20
C GLN A 114 4.98 9.53 2.02
N SER A 115 6.14 8.88 2.02
CA SER A 115 6.29 7.59 2.70
C SER A 115 7.59 7.57 3.46
N ALA A 116 7.68 6.63 4.40
CA ALA A 116 8.88 6.49 5.23
C ALA A 116 9.09 5.02 5.55
N TYR A 117 10.36 4.63 5.63
CA TYR A 117 10.73 3.28 6.02
C TYR A 117 11.61 3.36 7.25
N ASP A 118 11.21 2.66 8.31
CA ASP A 118 11.97 2.59 9.56
C ASP A 118 12.26 3.99 10.11
N GLY A 119 11.26 4.87 10.05
CA GLY A 119 11.34 6.19 10.63
C GLY A 119 11.87 7.28 9.73
N LYS A 120 12.80 6.96 8.83
CA LYS A 120 13.35 7.99 7.97
C LYS A 120 12.58 8.07 6.66
N ASP A 121 12.64 9.26 6.03
CA ASP A 121 11.95 9.48 4.77
C ASP A 121 12.44 8.51 3.71
N TYR A 122 11.51 8.05 2.86
CA TYR A 122 11.83 7.12 1.79
C TYR A 122 11.55 7.75 0.43
N ILE A 123 10.29 7.95 0.08
CA ILE A 123 9.92 8.55 -1.20
C ILE A 123 8.72 9.46 -0.96
N ALA A 124 8.61 10.50 -1.78
CA ALA A 124 7.53 11.47 -1.64
C ALA A 124 7.11 11.99 -3.01
N LEU A 125 5.81 12.19 -3.18
CA LEU A 125 5.29 12.76 -4.42
C LEU A 125 5.50 14.27 -4.43
N ASN A 126 6.14 14.75 -5.49
CA ASN A 126 6.44 16.18 -5.58
C ASN A 126 5.16 16.99 -5.74
N GLU A 127 5.28 18.31 -5.53
CA GLU A 127 4.10 19.15 -5.48
C GLU A 127 3.43 19.30 -6.84
N ASP A 128 4.20 19.18 -7.92
CA ASP A 128 3.59 19.23 -9.25
C ASP A 128 2.79 17.98 -9.57
N LEU A 129 2.81 16.98 -8.68
CA LEU A 129 2.06 15.74 -8.82
C LEU A 129 2.44 14.95 -10.07
N ARG A 130 3.63 15.19 -10.60
CA ARG A 130 4.10 14.49 -11.80
C ARG A 130 5.45 13.84 -11.63
N SER A 131 6.11 14.00 -10.48
CA SER A 131 7.42 13.41 -10.25
C SER A 131 7.52 13.00 -8.78
N TRP A 132 8.58 12.28 -8.46
CA TRP A 132 8.84 11.80 -7.12
C TRP A 132 10.23 12.25 -6.66
N THR A 133 10.43 12.25 -5.35
CA THR A 133 11.74 12.51 -4.75
C THR A 133 12.14 11.30 -3.91
N ALA A 134 13.25 10.67 -4.27
CA ALA A 134 13.73 9.48 -3.59
C ALA A 134 14.84 9.86 -2.60
N ALA A 135 14.81 9.24 -1.42
CA ALA A 135 15.79 9.57 -0.40
C ALA A 135 17.13 8.89 -0.67
N ASP A 136 17.12 7.57 -0.82
CA ASP A 136 18.33 6.82 -1.10
C ASP A 136 18.17 6.05 -2.40
N THR A 137 19.17 5.23 -2.73
CA THR A 137 19.12 4.45 -3.96
C THR A 137 17.99 3.43 -3.92
N ALA A 138 17.69 2.87 -2.74
CA ALA A 138 16.61 1.90 -2.64
C ALA A 138 15.28 2.53 -3.05
N ALA A 139 15.05 3.78 -2.63
CA ALA A 139 13.84 4.48 -3.04
C ALA A 139 13.82 4.77 -4.54
N GLN A 140 15.00 4.86 -5.17
CA GLN A 140 15.03 5.05 -6.61
C GLN A 140 14.59 3.79 -7.35
N ILE A 141 14.76 2.63 -6.74
CA ILE A 141 14.14 1.41 -7.28
C ILE A 141 12.63 1.54 -7.21
N THR A 142 12.11 2.03 -6.09
CA THR A 142 10.68 2.26 -5.95
C THR A 142 10.19 3.31 -6.94
N GLN A 143 10.97 4.38 -7.13
CA GLN A 143 10.56 5.44 -8.04
C GLN A 143 10.49 4.93 -9.48
N ARG A 144 11.45 4.11 -9.89
CA ARG A 144 11.41 3.58 -11.25
C ARG A 144 10.25 2.61 -11.44
N LYS A 145 9.90 1.86 -10.39
CA LYS A 145 8.73 0.98 -10.48
C LYS A 145 7.45 1.78 -10.65
N TRP A 146 7.27 2.80 -9.82
CA TRP A 146 6.05 3.60 -9.89
C TRP A 146 5.99 4.41 -11.18
N GLU A 147 7.13 4.88 -11.68
CA GLU A 147 7.13 5.59 -12.95
C GLU A 147 6.71 4.67 -14.10
N ALA A 148 7.13 3.40 -14.05
CA ALA A 148 6.73 2.47 -15.10
C ALA A 148 5.25 2.15 -15.04
N ALA A 149 4.67 2.13 -13.84
CA ALA A 149 3.25 1.88 -13.65
C ALA A 149 2.40 3.12 -13.88
N ARG A 150 3.01 4.25 -14.25
CA ARG A 150 2.30 5.53 -14.40
C ARG A 150 1.55 5.88 -13.12
N GLU A 151 2.16 5.58 -11.98
CA GLU A 151 1.52 5.80 -10.69
C GLU A 151 1.34 7.29 -10.38
N ALA A 152 2.12 8.16 -11.02
CA ALA A 152 2.02 9.59 -10.75
C ALA A 152 0.69 10.15 -11.26
N GLU A 153 0.26 9.74 -12.46
CA GLU A 153 -1.02 10.23 -12.96
C GLU A 153 -2.18 9.63 -12.20
N GLN A 154 -1.99 8.45 -11.60
CA GLN A 154 -3.03 7.88 -10.75
C GLN A 154 -3.25 8.73 -9.50
N TRP A 155 -2.16 9.26 -8.93
CA TRP A 155 -2.29 10.08 -7.73
C TRP A 155 -2.77 11.49 -8.06
N ARG A 156 -2.32 12.03 -9.19
CA ARG A 156 -2.84 13.31 -9.64
C ARG A 156 -4.33 13.25 -9.87
N ALA A 157 -4.83 12.14 -10.44
CA ALA A 157 -6.27 11.99 -10.60
C ALA A 157 -6.98 11.98 -9.25
N TYR A 158 -6.38 11.33 -8.25
CA TYR A 158 -7.00 11.24 -6.94
C TYR A 158 -6.93 12.57 -6.20
N LEU A 159 -5.74 13.17 -6.11
CA LEU A 159 -5.56 14.37 -5.30
C LEU A 159 -6.34 15.56 -5.89
N GLU A 160 -6.22 15.76 -7.20
CA GLU A 160 -6.90 16.89 -7.83
C GLU A 160 -8.41 16.68 -7.91
N GLY A 161 -8.86 15.43 -7.95
CA GLY A 161 -10.27 15.15 -8.14
C GLY A 161 -10.97 14.52 -6.95
N THR A 162 -10.78 13.22 -6.76
CA THR A 162 -11.54 12.48 -5.76
C THR A 162 -11.32 13.05 -4.35
N CYS A 163 -10.07 13.37 -4.01
CA CYS A 163 -9.76 13.84 -2.67
C CYS A 163 -10.46 15.17 -2.38
N VAL A 164 -10.41 16.09 -3.33
CA VAL A 164 -11.05 17.39 -3.13
C VAL A 164 -12.57 17.24 -3.08
N GLU A 165 -13.13 16.42 -3.97
CA GLU A 165 -14.58 16.27 -4.05
C GLU A 165 -15.14 15.71 -2.74
N TRP A 166 -14.53 14.64 -2.23
CA TRP A 166 -15.04 14.03 -1.01
C TRP A 166 -14.70 14.85 0.24
N LEU A 167 -13.61 15.63 0.18
CA LEU A 167 -13.34 16.55 1.28
C LEU A 167 -14.44 17.59 1.40
N ARG A 168 -14.89 18.14 0.26
CA ARG A 168 -16.01 19.06 0.27
C ARG A 168 -17.28 18.39 0.79
N ARG A 169 -17.50 17.13 0.39
CA ARG A 169 -18.70 16.43 0.84
C ARG A 169 -18.67 16.19 2.35
N TYR A 170 -17.51 15.80 2.88
CA TYR A 170 -17.39 15.60 4.32
C TYR A 170 -17.59 16.90 5.08
N LEU A 171 -17.05 18.01 4.56
CA LEU A 171 -17.19 19.29 5.24
C LEU A 171 -18.63 19.78 5.25
N GLU A 172 -19.44 19.34 4.28
CA GLU A 172 -20.84 19.73 4.24
C GLU A 172 -21.71 18.82 5.10
N ASN A 173 -21.48 17.51 5.04
CA ASN A 173 -22.25 16.58 5.87
C ASN A 173 -21.99 16.82 7.35
N GLY A 174 -20.83 17.35 7.70
CA GLY A 174 -20.51 17.60 9.09
C GLY A 174 -20.13 19.04 9.38
N LYS A 175 -20.72 19.99 8.64
CA LYS A 175 -20.43 21.40 8.87
C LYS A 175 -20.79 21.82 10.29
N GLU A 176 -21.79 21.17 10.89
CA GLU A 176 -22.17 21.47 12.26
C GLU A 176 -21.01 21.30 13.23
N THR A 177 -20.12 20.34 12.95
CA THR A 177 -19.00 20.03 13.82
C THR A 177 -17.65 20.40 13.22
N LEU A 178 -17.49 20.28 11.90
CA LEU A 178 -16.18 20.48 11.29
C LEU A 178 -15.88 21.95 11.02
N GLN A 179 -16.85 22.69 10.47
CA GLN A 179 -16.64 24.09 10.14
C GLN A 179 -17.00 25.04 11.27
N ARG A 180 -17.04 24.54 12.50
CA ARG A 180 -17.20 25.38 13.68
C ARG A 180 -15.84 25.59 14.32
N ALA A 181 -15.81 26.46 15.32
CA ALA A 181 -14.58 26.77 16.04
C ALA A 181 -14.88 26.86 17.52
N GLU A 182 -14.20 26.05 18.31
CA GLU A 182 -14.37 26.03 19.75
C GLU A 182 -13.32 26.97 20.35
N HIS A 183 -13.77 28.06 20.94
CA HIS A 183 -12.84 28.98 21.58
C HIS A 183 -12.18 28.29 22.78
N PRO A 184 -10.90 28.53 23.03
CA PRO A 184 -10.23 27.88 24.15
C PRO A 184 -10.65 28.49 25.47
N LYS A 185 -10.90 27.63 26.46
CA LYS A 185 -11.13 28.05 27.83
C LYS A 185 -9.77 28.18 28.53
N THR A 186 -9.51 29.35 29.12
CA THR A 186 -8.16 29.73 29.51
C THR A 186 -8.10 30.16 30.97
N HIS A 187 -6.98 29.84 31.62
CA HIS A 187 -6.68 30.31 32.97
C HIS A 187 -5.17 30.27 33.16
N VAL A 188 -4.71 30.94 34.21
CA VAL A 188 -3.28 31.04 34.52
C VAL A 188 -3.05 30.44 35.91
N THR A 189 -2.09 29.53 36.01
CA THR A 189 -1.71 28.90 37.27
C THR A 189 -0.35 29.43 37.72
N HIS A 190 -0.18 29.52 39.04
CA HIS A 190 1.03 30.06 39.65
C HIS A 190 1.57 29.04 40.64
N HIS A 191 2.87 28.72 40.52
CA HIS A 191 3.52 27.74 41.38
C HIS A 191 4.92 28.25 41.74
N PRO A 192 5.25 28.34 43.02
CA PRO A 192 6.62 28.69 43.39
C PRO A 192 7.60 27.60 43.00
N VAL A 193 8.80 28.02 42.62
CA VAL A 193 9.87 27.11 42.26
C VAL A 193 11.09 27.25 43.17
N SER A 194 11.37 28.48 43.61
CA SER A 194 12.49 28.75 44.50
C SER A 194 12.03 29.76 45.54
N ASP A 195 12.97 30.27 46.33
CA ASP A 195 12.71 31.39 47.23
C ASP A 195 12.81 32.72 46.50
N HIS A 196 12.95 32.68 45.17
CA HIS A 196 13.06 33.90 44.37
C HIS A 196 12.43 33.76 43.00
N GLU A 197 11.79 32.64 42.67
CA GLU A 197 11.24 32.41 41.34
C GLU A 197 9.92 31.68 41.46
N ALA A 198 9.09 31.84 40.42
CA ALA A 198 7.80 31.19 40.36
C ALA A 198 7.46 30.91 38.90
N THR A 199 6.70 29.85 38.67
CA THR A 199 6.29 29.45 37.33
C THR A 199 4.87 29.91 37.07
N LEU A 200 4.68 30.62 35.97
CA LEU A 200 3.37 31.04 35.50
C LEU A 200 3.03 30.15 34.30
N ARG A 201 2.00 29.34 34.43
CA ARG A 201 1.57 28.43 33.38
C ARG A 201 0.24 28.92 32.81
N CYS A 202 0.22 29.21 31.52
CA CYS A 202 -0.97 29.71 30.83
C CYS A 202 -1.68 28.55 30.13
N TRP A 203 -2.92 28.30 30.52
CA TRP A 203 -3.66 27.14 30.04
C TRP A 203 -4.65 27.53 28.95
N ALA A 204 -4.89 26.60 28.04
CA ALA A 204 -5.90 26.73 26.99
C ALA A 204 -6.52 25.35 26.79
N LEU A 205 -7.78 25.20 27.19
CA LEU A 205 -8.42 23.90 27.24
C LEU A 205 -9.67 23.86 26.38
N GLY A 206 -9.94 22.70 25.80
CA GLY A 206 -11.17 22.42 25.07
C GLY A 206 -11.41 23.31 23.86
N PHE A 207 -10.43 23.38 22.96
CA PHE A 207 -10.54 24.21 21.77
C PHE A 207 -10.46 23.33 20.52
N TYR A 208 -11.04 23.83 19.42
CA TYR A 208 -11.00 23.15 18.15
C TYR A 208 -11.06 24.21 17.07
N PRO A 209 -10.22 24.13 16.02
CA PRO A 209 -9.20 23.11 15.73
C PRO A 209 -7.98 23.21 16.65
N ALA A 210 -6.98 22.36 16.41
CA ALA A 210 -5.82 22.28 17.30
C ALA A 210 -4.86 23.44 17.12
N GLU A 211 -4.85 24.10 15.97
CA GLU A 211 -3.93 25.21 15.74
C GLU A 211 -4.20 26.33 16.73
N ILE A 212 -3.18 26.70 17.50
CA ILE A 212 -3.29 27.73 18.52
C ILE A 212 -1.91 28.33 18.75
N THR A 213 -1.88 29.53 19.33
CA THR A 213 -0.64 30.25 19.62
C THR A 213 -0.69 30.74 21.06
N LEU A 214 0.21 30.23 21.89
CA LEU A 214 0.35 30.64 23.27
C LEU A 214 1.70 31.31 23.45
N THR A 215 1.69 32.59 23.83
CA THR A 215 2.91 33.37 24.01
C THR A 215 2.85 34.13 25.33
N TRP A 216 3.99 34.19 26.02
CA TRP A 216 4.14 34.98 27.24
C TRP A 216 4.88 36.27 26.91
N GLN A 217 4.48 37.36 27.56
CA GLN A 217 5.06 38.67 27.31
C GLN A 217 5.50 39.33 28.61
N ARG A 218 6.66 39.98 28.57
CA ARG A 218 7.18 40.77 29.68
C ARG A 218 7.20 42.23 29.28
N ASP A 219 6.36 43.03 29.93
CA ASP A 219 6.25 44.47 29.65
C ASP A 219 5.90 44.72 28.19
N GLY A 220 5.19 43.77 27.57
CA GLY A 220 4.78 43.89 26.20
C GLY A 220 5.75 43.28 25.21
N GLU A 221 6.90 42.79 25.68
CA GLU A 221 7.90 42.18 24.81
C GLU A 221 7.74 40.67 24.88
N ASP A 222 7.75 40.02 23.72
CA ASP A 222 7.51 38.59 23.66
C ASP A 222 8.61 37.85 24.41
N GLN A 223 8.23 37.05 25.41
CA GLN A 223 9.19 36.26 26.18
C GLN A 223 9.29 34.82 25.67
N THR A 224 9.18 34.62 24.36
CA THR A 224 9.04 33.27 23.82
C THR A 224 10.32 32.45 23.96
N GLN A 225 11.49 33.08 23.89
CA GLN A 225 12.73 32.33 24.04
C GLN A 225 12.84 31.68 25.40
N ASP A 226 12.14 32.22 26.40
CA ASP A 226 12.11 31.68 27.76
C ASP A 226 10.84 30.89 28.06
N THR A 227 9.92 30.75 27.10
CA THR A 227 8.68 30.02 27.31
C THR A 227 8.87 28.54 27.00
N GLU A 228 8.29 27.70 27.84
CA GLU A 228 8.22 26.27 27.60
C GLU A 228 6.82 25.94 27.09
N LEU A 229 6.72 25.70 25.78
CA LEU A 229 5.47 25.27 25.18
C LEU A 229 5.40 23.74 25.19
N VAL A 230 4.30 23.21 25.72
CA VAL A 230 4.08 21.78 25.73
C VAL A 230 3.39 21.38 24.43
N GLU A 231 3.55 20.12 24.05
CA GLU A 231 2.90 19.62 22.85
C GLU A 231 1.39 19.64 23.01
N THR A 232 0.70 20.10 21.97
CA THR A 232 -0.76 20.13 22.01
C THR A 232 -1.31 18.71 22.12
N ARG A 233 -2.06 18.45 23.18
CA ARG A 233 -2.56 17.11 23.47
C ARG A 233 -4.05 17.00 23.17
N PRO A 234 -4.52 15.81 22.79
CA PRO A 234 -5.97 15.60 22.60
C PRO A 234 -6.67 15.40 23.94
N ALA A 235 -7.79 16.11 24.13
CA ALA A 235 -8.56 15.94 25.36
C ALA A 235 -9.27 14.60 25.42
N GLY A 236 -9.52 13.98 24.27
CA GLY A 236 -10.24 12.73 24.20
C GLY A 236 -11.70 12.87 23.81
N ASP A 237 -12.24 14.08 23.81
CA ASP A 237 -13.63 14.33 23.44
C ASP A 237 -13.76 15.06 22.11
N GLY A 238 -12.68 15.19 21.34
CA GLY A 238 -12.67 15.90 20.08
C GLY A 238 -12.01 17.26 20.13
N THR A 239 -11.77 17.81 21.31
CA THR A 239 -11.07 19.07 21.47
C THR A 239 -9.63 18.80 21.90
N PHE A 240 -8.87 19.88 22.11
CA PHE A 240 -7.45 19.79 22.40
C PHE A 240 -7.11 20.66 23.60
N GLN A 241 -5.91 20.44 24.14
CA GLN A 241 -5.39 21.17 25.29
C GLN A 241 -3.94 21.55 25.02
N LYS A 242 -3.50 22.62 25.67
CA LYS A 242 -2.11 23.09 25.55
C LYS A 242 -1.84 24.11 26.65
N TRP A 243 -0.60 24.15 27.13
CA TRP A 243 -0.19 25.16 28.10
C TRP A 243 1.19 25.69 27.74
N ALA A 244 1.45 26.93 28.17
CA ALA A 244 2.74 27.59 27.99
C ALA A 244 3.15 28.20 29.32
N ALA A 245 4.37 27.89 29.75
CA ALA A 245 4.87 28.32 31.06
C ALA A 245 6.14 29.13 30.91
N VAL A 246 6.33 30.05 31.85
CA VAL A 246 7.55 30.85 31.93
C VAL A 246 7.91 31.02 33.40
N VAL A 247 9.21 31.03 33.71
CA VAL A 247 9.70 31.18 35.07
C VAL A 247 10.00 32.65 35.32
N VAL A 248 9.37 33.22 36.33
CA VAL A 248 9.47 34.65 36.60
C VAL A 248 9.93 34.84 38.02
N PRO A 249 10.56 35.98 38.33
CA PRO A 249 10.93 36.28 39.71
C PRO A 249 9.70 36.52 40.58
N SER A 250 9.88 36.31 41.89
CA SER A 250 8.78 36.39 42.84
C SER A 250 8.19 37.80 42.98
N GLY A 251 8.91 38.84 42.60
CA GLY A 251 8.31 40.17 42.69
C GLY A 251 7.98 40.82 41.37
N GLU A 252 7.78 40.01 40.32
CA GLU A 252 7.43 40.57 39.02
C GLU A 252 6.38 39.75 38.28
N GLU A 253 5.54 38.98 38.99
CA GLU A 253 4.55 38.17 38.29
C GLU A 253 3.53 39.03 37.55
N GLN A 254 3.24 40.22 38.06
CA GLN A 254 2.30 41.12 37.42
C GLN A 254 2.91 41.89 36.25
N ARG A 255 4.15 41.59 35.87
CA ARG A 255 4.75 42.16 34.68
C ARG A 255 4.61 41.26 33.45
N TYR A 256 4.07 40.06 33.63
CA TYR A 256 3.96 39.07 32.57
C TYR A 256 2.51 38.89 32.17
N THR A 257 2.24 38.94 30.87
CA THR A 257 0.91 38.73 30.34
C THR A 257 0.95 37.57 29.34
N CYS A 258 -0.12 36.77 29.34
CA CYS A 258 -0.25 35.68 28.39
C CYS A 258 -1.18 36.09 27.26
N HIS A 259 -0.85 35.67 26.05
CA HIS A 259 -1.63 36.01 24.86
C HIS A 259 -1.94 34.72 24.11
N VAL A 260 -3.23 34.44 23.94
CA VAL A 260 -3.70 33.25 23.25
C VAL A 260 -4.41 33.68 21.97
N GLN A 261 -4.03 33.06 20.85
CA GLN A 261 -4.64 33.30 19.55
C GLN A 261 -5.23 32.01 19.03
N HIS A 262 -6.52 32.04 18.70
CA HIS A 262 -7.20 30.86 18.17
C HIS A 262 -8.31 31.32 17.23
N GLU A 263 -8.71 30.41 16.34
CA GLU A 263 -9.77 30.71 15.38
C GLU A 263 -11.10 30.98 16.07
N GLY A 264 -11.39 30.26 17.15
CA GLY A 264 -12.64 30.41 17.87
C GLY A 264 -12.74 31.69 18.68
N LEU A 265 -11.63 32.40 18.86
CA LEU A 265 -11.67 33.67 19.56
C LEU A 265 -12.01 34.80 18.57
N PRO A 266 -12.94 35.69 18.93
CA PRO A 266 -13.16 36.87 18.08
C PRO A 266 -11.94 37.77 18.02
N GLU A 267 -11.20 37.86 19.12
CA GLU A 267 -9.95 38.59 19.20
C GLU A 267 -9.02 37.80 20.10
N PRO A 268 -7.70 37.87 19.85
CA PRO A 268 -6.77 37.19 20.76
C PRO A 268 -6.90 37.72 22.19
N LEU A 269 -7.03 36.80 23.14
CA LEU A 269 -7.17 37.14 24.54
C LEU A 269 -5.82 37.43 25.16
N THR A 270 -5.83 38.32 26.16
CA THR A 270 -4.66 38.63 26.96
C THR A 270 -4.96 38.26 28.41
N LEU A 271 -4.15 37.37 28.97
CA LEU A 271 -4.37 36.85 30.31
C LEU A 271 -3.29 37.33 31.26
N ARG A 272 -3.57 37.17 32.55
CA ARG A 272 -2.70 37.64 33.62
C ARG A 272 -2.97 36.81 34.86
N TRP A 273 -1.92 36.57 35.64
CA TRP A 273 -2.08 35.89 36.91
C TRP A 273 -2.93 36.73 37.86
N GLU A 274 -4.04 36.16 38.30
CA GLU A 274 -4.97 36.83 39.21
C GLU A 274 -4.84 36.17 40.58
N PRO A 275 -4.04 36.72 41.49
CA PRO A 275 -3.79 36.12 42.81
C PRO A 275 -5.02 36.14 43.70
N MET B 1 19.29 1.59 12.51
CA MET B 1 17.87 1.70 12.82
C MET B 1 17.62 2.91 13.72
N ILE B 2 16.48 3.58 13.50
CA ILE B 2 16.14 4.82 14.17
C ILE B 2 15.24 4.52 15.36
N GLN B 3 15.58 5.05 16.52
CA GLN B 3 14.76 4.96 17.72
C GLN B 3 14.45 6.35 18.25
N ARG B 4 13.19 6.56 18.61
CA ARG B 4 12.74 7.82 19.19
C ARG B 4 12.12 7.54 20.55
N THR B 5 12.50 8.32 21.55
CA THR B 5 11.97 8.08 22.90
C THR B 5 10.61 8.77 23.08
N PRO B 6 9.68 8.16 23.80
CA PRO B 6 8.33 8.73 23.91
C PRO B 6 8.25 9.89 24.88
N LYS B 7 7.27 10.75 24.63
CA LYS B 7 6.95 11.88 25.50
C LYS B 7 5.59 11.62 26.16
N ILE B 8 5.56 11.69 27.48
CA ILE B 8 4.39 11.29 28.28
C ILE B 8 3.72 12.54 28.85
N GLN B 9 2.40 12.60 28.72
CA GLN B 9 1.59 13.61 29.39
C GLN B 9 0.41 12.93 30.05
N VAL B 10 0.28 13.09 31.36
CA VAL B 10 -0.83 12.53 32.13
C VAL B 10 -1.74 13.67 32.55
N TYR B 11 -3.02 13.56 32.21
CA TYR B 11 -3.98 14.63 32.46
C TYR B 11 -5.37 14.04 32.38
N SER B 12 -6.36 14.86 32.74
CA SER B 12 -7.76 14.47 32.68
C SER B 12 -8.45 15.21 31.54
N ARG B 13 -9.51 14.59 31.00
CA ARG B 13 -10.22 15.18 29.87
C ARG B 13 -10.85 16.51 30.24
N HIS B 14 -11.47 16.58 31.40
CA HIS B 14 -12.05 17.80 31.94
C HIS B 14 -11.30 18.21 33.20
N PRO B 15 -11.42 19.48 33.61
CA PRO B 15 -10.85 19.88 34.91
C PRO B 15 -11.33 18.97 36.02
N ALA B 16 -10.38 18.33 36.71
CA ALA B 16 -10.71 17.32 37.71
C ALA B 16 -11.49 17.92 38.87
N GLU B 17 -12.66 17.36 39.13
CA GLU B 17 -13.51 17.75 40.25
C GLU B 17 -13.87 16.52 41.05
N ASN B 18 -13.64 16.58 42.36
CA ASN B 18 -13.81 15.40 43.21
C ASN B 18 -15.26 14.92 43.19
N GLY B 19 -15.43 13.63 42.89
CA GLY B 19 -16.74 13.01 42.92
C GLY B 19 -17.45 12.96 41.58
N LYS B 20 -17.01 13.74 40.61
CA LYS B 20 -17.62 13.79 39.29
C LYS B 20 -16.83 12.94 38.31
N SER B 21 -17.54 12.32 37.37
CA SER B 21 -16.90 11.42 36.43
C SER B 21 -16.02 12.22 35.45
N ASN B 22 -14.97 11.55 34.97
CA ASN B 22 -13.99 12.18 34.09
C ASN B 22 -13.27 11.07 33.35
N PHE B 23 -12.27 11.46 32.55
CA PHE B 23 -11.44 10.51 31.81
C PHE B 23 -9.98 10.79 32.13
N LEU B 24 -9.24 9.74 32.47
CA LEU B 24 -7.82 9.85 32.77
C LEU B 24 -7.03 9.56 31.50
N ASN B 25 -6.28 10.55 31.03
CA ASN B 25 -5.56 10.44 29.76
C ASN B 25 -4.06 10.31 30.00
N CYS B 26 -3.43 9.41 29.24
CA CYS B 26 -1.99 9.35 29.11
C CYS B 26 -1.66 9.48 27.63
N TYR B 27 -1.01 10.58 27.26
CA TYR B 27 -0.71 10.88 25.86
C TYR B 27 0.77 10.63 25.61
N VAL B 28 1.07 9.53 24.91
CA VAL B 28 2.43 9.18 24.54
C VAL B 28 2.65 9.59 23.09
N SER B 29 3.73 10.31 22.83
CA SER B 29 3.95 10.86 21.50
C SER B 29 5.44 10.91 21.18
N GLY B 30 5.74 11.03 19.90
CA GLY B 30 7.11 11.24 19.44
C GLY B 30 8.01 10.04 19.56
N PHE B 31 7.47 8.83 19.59
CA PHE B 31 8.26 7.63 19.78
C PHE B 31 8.34 6.82 18.49
N HIS B 32 9.37 5.99 18.41
CA HIS B 32 9.62 5.09 17.30
C HIS B 32 10.55 3.98 17.79
N PRO B 33 10.26 2.71 17.48
CA PRO B 33 9.17 2.19 16.66
C PRO B 33 7.80 2.27 17.33
N SER B 34 6.77 1.76 16.66
CA SER B 34 5.41 1.92 17.17
C SER B 34 5.12 1.03 18.36
N ASP B 35 5.89 -0.05 18.53
CA ASP B 35 5.63 -0.99 19.62
C ASP B 35 5.88 -0.31 20.96
N ILE B 36 4.83 -0.16 21.75
CA ILE B 36 4.90 0.51 23.04
C ILE B 36 3.89 -0.13 23.98
N GLU B 37 4.22 -0.13 25.27
CA GLU B 37 3.34 -0.65 26.31
C GLU B 37 3.00 0.50 27.26
N VAL B 38 1.71 0.75 27.45
CA VAL B 38 1.22 1.84 28.29
C VAL B 38 0.14 1.30 29.22
N ASP B 39 0.31 1.55 30.52
CA ASP B 39 -0.65 1.15 31.53
C ASP B 39 -0.95 2.33 32.43
N LEU B 40 -2.22 2.51 32.76
CA LEU B 40 -2.64 3.52 33.72
C LEU B 40 -2.65 2.91 35.12
N LEU B 41 -2.29 3.71 36.12
CA LEU B 41 -2.12 3.23 37.49
C LEU B 41 -3.04 3.99 38.43
N LYS B 42 -3.63 3.27 39.38
CA LYS B 42 -4.43 3.86 40.44
C LYS B 42 -3.85 3.42 41.78
N ASN B 43 -3.19 4.35 42.47
CA ASN B 43 -2.45 4.10 43.71
C ASN B 43 -1.34 3.07 43.54
N GLY B 44 -0.92 2.82 42.29
CA GLY B 44 0.17 1.92 42.01
C GLY B 44 -0.22 0.60 41.39
N GLU B 45 -1.47 0.44 40.96
CA GLU B 45 -1.94 -0.80 40.38
C GLU B 45 -2.56 -0.51 39.03
N ARG B 46 -2.37 -1.42 38.08
CA ARG B 46 -2.86 -1.17 36.73
C ARG B 46 -4.38 -1.20 36.67
N ILE B 47 -4.94 -0.26 35.93
CA ILE B 47 -6.38 -0.22 35.70
C ILE B 47 -6.72 -1.27 34.65
N GLU B 48 -7.74 -2.07 34.93
CA GLU B 48 -7.95 -3.31 34.16
C GLU B 48 -8.34 -3.04 32.70
N LYS B 49 -9.22 -2.08 32.46
CA LYS B 49 -9.84 -1.91 31.14
C LYS B 49 -9.53 -0.51 30.60
N VAL B 50 -8.27 -0.29 30.22
CA VAL B 50 -7.84 0.97 29.63
C VAL B 50 -7.94 0.84 28.11
N GLU B 51 -8.53 1.84 27.47
CA GLU B 51 -8.59 1.91 26.02
C GLU B 51 -7.59 2.93 25.49
N HIS B 52 -7.32 2.84 24.19
CA HIS B 52 -6.38 3.74 23.54
C HIS B 52 -6.86 4.06 22.13
N SER B 53 -6.41 5.21 21.64
CA SER B 53 -6.79 5.64 20.29
C SER B 53 -6.09 4.77 19.25
N ASP B 54 -6.51 4.95 18.00
CA ASP B 54 -5.91 4.22 16.90
C ASP B 54 -4.54 4.81 16.55
N LEU B 55 -3.66 3.95 16.06
CA LEU B 55 -2.28 4.36 15.81
C LEU B 55 -2.21 5.39 14.70
N SER B 56 -1.51 6.50 14.98
CA SER B 56 -1.26 7.52 13.98
C SER B 56 0.12 8.11 14.27
N PHE B 57 0.58 8.98 13.38
CA PHE B 57 1.91 9.57 13.51
C PHE B 57 1.85 11.03 13.08
N SER B 58 2.94 11.75 13.37
CA SER B 58 3.06 13.16 13.08
C SER B 58 3.84 13.37 11.78
N LYS B 59 4.22 14.63 11.52
CA LYS B 59 4.92 14.93 10.28
C LYS B 59 6.30 14.27 10.22
N ASP B 60 6.99 14.20 11.36
CA ASP B 60 8.30 13.55 11.41
C ASP B 60 8.22 12.02 11.53
N TRP B 61 7.04 11.45 11.25
CA TRP B 61 6.77 10.01 11.27
C TRP B 61 6.79 9.40 12.67
N SER B 62 6.91 10.22 13.72
CA SER B 62 6.88 9.70 15.08
C SER B 62 5.44 9.44 15.51
N PHE B 63 5.23 8.29 16.15
CA PHE B 63 3.88 7.87 16.50
C PHE B 63 3.39 8.55 17.77
N TYR B 64 2.06 8.59 17.90
CA TYR B 64 1.42 9.09 19.12
C TYR B 64 0.18 8.25 19.41
N LEU B 65 -0.10 8.07 20.69
CA LEU B 65 -1.26 7.33 21.16
C LEU B 65 -1.82 8.01 22.40
N LEU B 66 -3.14 7.93 22.54
CA LEU B 66 -3.84 8.44 23.72
C LEU B 66 -4.49 7.28 24.43
N TYR B 67 -3.99 6.96 25.63
CA TYR B 67 -4.57 5.92 26.47
C TYR B 67 -5.48 6.59 27.49
N TYR B 68 -6.74 6.18 27.52
CA TYR B 68 -7.74 6.81 28.37
C TYR B 68 -8.57 5.77 29.08
N THR B 69 -9.11 6.15 30.23
CA THR B 69 -10.06 5.31 30.96
C THR B 69 -10.99 6.23 31.72
N GLU B 70 -12.26 5.85 31.80
CA GLU B 70 -13.21 6.59 32.60
C GLU B 70 -12.89 6.41 34.08
N PHE B 71 -12.88 7.51 34.82
CA PHE B 71 -12.63 7.44 36.26
C PHE B 71 -13.31 8.63 36.93
N THR B 72 -13.46 8.51 38.24
CA THR B 72 -14.00 9.60 39.07
C THR B 72 -12.96 9.94 40.12
N PRO B 73 -12.21 11.03 39.96
CA PRO B 73 -11.12 11.31 40.90
C PRO B 73 -11.62 11.70 42.27
N THR B 74 -10.85 11.32 43.28
CA THR B 74 -11.11 11.71 44.65
C THR B 74 -9.93 12.51 45.18
N GLU B 75 -10.04 12.94 46.43
CA GLU B 75 -8.97 13.75 47.02
C GLU B 75 -7.74 12.92 47.35
N LYS B 76 -7.91 11.63 47.63
CA LYS B 76 -6.81 10.81 48.12
C LYS B 76 -6.23 9.83 47.11
N ASP B 77 -6.97 9.51 46.04
CA ASP B 77 -6.45 8.60 45.03
C ASP B 77 -5.37 9.28 44.19
N GLU B 78 -4.24 8.60 44.01
CA GLU B 78 -3.14 9.09 43.20
C GLU B 78 -3.05 8.24 41.94
N TYR B 79 -3.25 8.85 40.78
CA TYR B 79 -3.15 8.17 39.50
C TYR B 79 -1.85 8.50 38.80
N ALA B 80 -1.42 7.59 37.92
CA ALA B 80 -0.16 7.76 37.20
C ALA B 80 -0.23 6.95 35.91
N CYS B 81 0.81 7.09 35.10
CA CYS B 81 0.93 6.37 33.84
C CYS B 81 2.31 5.75 33.74
N ARG B 82 2.35 4.45 33.50
CA ARG B 82 3.59 3.70 33.34
C ARG B 82 3.72 3.27 31.88
N VAL B 83 4.81 3.68 31.24
CA VAL B 83 5.04 3.41 29.83
C VAL B 83 6.39 2.72 29.67
N ASN B 84 6.42 1.67 28.86
CA ASN B 84 7.64 0.95 28.56
C ASN B 84 7.89 0.93 27.07
N HIS B 85 9.14 1.20 26.67
CA HIS B 85 9.52 1.29 25.27
C HIS B 85 10.93 0.72 25.12
N VAL B 86 11.34 0.49 23.87
CA VAL B 86 12.68 -0.02 23.63
C VAL B 86 13.73 1.04 23.96
N THR B 87 13.36 2.32 23.86
CA THR B 87 14.29 3.39 24.19
C THR B 87 14.41 3.61 25.69
N LEU B 88 13.56 2.99 26.51
CA LEU B 88 13.57 3.15 27.95
C LEU B 88 14.33 1.97 28.57
N SER B 89 15.35 2.28 29.37
CA SER B 89 16.06 1.23 30.09
C SER B 89 15.20 0.61 31.18
N GLN B 90 14.13 1.29 31.58
CA GLN B 90 13.21 0.80 32.60
C GLN B 90 11.90 1.58 32.45
N PRO B 91 10.78 1.02 32.89
CA PRO B 91 9.49 1.68 32.65
C PRO B 91 9.44 3.06 33.29
N LYS B 92 9.07 4.06 32.49
CA LYS B 92 8.90 5.41 32.98
C LYS B 92 7.51 5.56 33.59
N ILE B 93 7.45 6.15 34.78
CA ILE B 93 6.18 6.36 35.48
C ILE B 93 6.02 7.86 35.71
N VAL B 94 4.93 8.42 35.20
CA VAL B 94 4.62 9.83 35.34
C VAL B 94 3.35 9.95 36.16
N LYS B 95 3.45 10.61 37.32
CA LYS B 95 2.28 10.80 38.16
C LYS B 95 1.44 11.95 37.65
N TRP B 96 0.15 11.91 37.99
CA TRP B 96 -0.82 12.88 37.51
C TRP B 96 -0.91 14.04 38.50
N ASP B 97 -0.70 15.26 38.01
CA ASP B 97 -0.84 16.46 38.82
C ASP B 97 -2.03 17.27 38.32
N ARG B 98 -2.95 17.59 39.24
CA ARG B 98 -4.16 18.30 38.84
C ARG B 98 -3.93 19.80 38.78
N ASP B 99 -3.12 20.32 39.70
CA ASP B 99 -2.88 21.74 39.85
C ASP B 99 -1.80 22.27 38.92
N MET B 100 -1.33 21.45 37.98
CA MET B 100 -0.29 21.88 37.07
C MET B 100 -0.74 23.11 36.29
N ILE C 1 -12.68 9.48 0.67
CA ILE C 1 -12.54 8.04 0.58
C ILE C 1 -11.08 7.66 0.40
N LEU C 2 -10.81 6.35 0.45
CA LEU C 2 -9.46 5.84 0.35
C LEU C 2 -8.98 5.84 -1.10
N LYS C 3 -7.68 6.07 -1.28
CA LYS C 3 -7.09 5.97 -2.60
C LYS C 3 -7.09 4.53 -3.07
N GLU C 4 -7.56 4.31 -4.29
CA GLU C 4 -7.70 2.97 -4.82
C GLU C 4 -6.32 2.32 -4.98
N PRO C 5 -6.06 1.21 -4.29
CA PRO C 5 -4.81 0.48 -4.52
C PRO C 5 -4.84 -0.20 -5.88
N VAL C 6 -3.72 -0.14 -6.59
CA VAL C 6 -3.58 -0.76 -7.90
C VAL C 6 -2.91 -2.12 -7.72
N HIS C 7 -3.51 -3.15 -8.31
CA HIS C 7 -2.94 -4.49 -8.18
C HIS C 7 -1.63 -4.55 -8.94
N GLY C 8 -0.54 -4.81 -8.23
CA GLY C 8 0.77 -4.92 -8.82
C GLY C 8 1.73 -3.81 -8.45
N VAL C 9 1.25 -2.69 -7.92
CA VAL C 9 2.14 -1.63 -7.48
C VAL C 9 2.59 -1.91 -6.05
N TYR C 10 3.91 -1.93 -5.85
CA TYR C 10 4.48 -2.10 -4.53
C TYR C 10 5.62 -1.09 -4.39
N TYR C 11 6.38 -1.22 -3.32
CA TYR C 11 7.56 -0.39 -3.15
C TYR C 11 8.75 -1.11 -3.80
N SER D 1 -20.98 -65.13 1.45
CA SER D 1 -19.80 -65.75 2.05
C SER D 1 -18.83 -64.71 2.57
N HIS D 2 -18.84 -63.54 1.93
CA HIS D 2 -18.06 -62.39 2.35
C HIS D 2 -18.87 -61.13 2.08
N SER D 3 -18.87 -60.21 3.03
CA SER D 3 -19.74 -59.05 2.91
C SER D 3 -19.12 -57.84 3.58
N MET D 4 -19.55 -56.67 3.12
CA MET D 4 -19.30 -55.41 3.80
C MET D 4 -20.64 -54.76 4.08
N ARG D 5 -20.82 -54.27 5.29
CA ARG D 5 -22.11 -53.75 5.73
C ARG D 5 -21.90 -52.45 6.50
N TYR D 6 -22.74 -51.47 6.22
CA TYR D 6 -22.76 -50.22 6.96
C TYR D 6 -24.10 -50.09 7.67
N PHE D 7 -24.06 -49.53 8.88
CA PHE D 7 -25.24 -49.39 9.72
C PHE D 7 -25.35 -47.93 10.17
N TYR D 8 -26.42 -47.26 9.76
CA TYR D 8 -26.70 -45.90 10.20
C TYR D 8 -27.79 -45.93 11.25
N THR D 9 -27.63 -45.11 12.29
CA THR D 9 -28.65 -44.93 13.32
C THR D 9 -28.71 -43.45 13.66
N ALA D 10 -29.72 -42.76 13.16
CA ALA D 10 -29.96 -41.36 13.45
C ALA D 10 -31.16 -41.26 14.39
N VAL D 11 -30.97 -40.59 15.52
CA VAL D 11 -32.00 -40.49 16.55
C VAL D 11 -32.21 -39.03 16.88
N SER D 12 -33.43 -38.54 16.66
CA SER D 12 -33.79 -37.19 17.04
C SER D 12 -33.93 -37.08 18.56
N ARG D 13 -33.63 -35.90 19.10
CA ARG D 13 -33.68 -35.65 20.53
C ARG D 13 -34.61 -34.47 20.79
N PRO D 14 -35.82 -34.71 21.28
CA PRO D 14 -36.75 -33.59 21.53
C PRO D 14 -36.24 -32.61 22.56
N GLY D 15 -35.37 -33.04 23.47
CA GLY D 15 -34.85 -32.16 24.51
C GLY D 15 -33.92 -31.09 23.98
N ARG D 16 -34.40 -30.30 23.01
CA ARG D 16 -33.65 -29.19 22.44
C ARG D 16 -32.23 -29.61 22.06
N GLY D 17 -32.14 -30.75 21.39
CA GLY D 17 -30.86 -31.30 20.99
C GLY D 17 -30.84 -31.73 19.55
N GLU D 18 -29.80 -31.32 18.83
CA GLU D 18 -29.63 -31.72 17.44
C GLU D 18 -29.50 -33.24 17.39
N PRO D 19 -30.06 -33.91 16.38
CA PRO D 19 -30.04 -35.39 16.40
C PRO D 19 -28.64 -35.98 16.42
N ARG D 20 -28.58 -37.26 16.79
CA ARG D 20 -27.32 -37.98 16.93
C ARG D 20 -27.22 -39.02 15.82
N PHE D 21 -26.18 -38.90 15.01
CA PHE D 21 -25.90 -39.82 13.91
C PHE D 21 -24.73 -40.70 14.32
N ILE D 22 -24.98 -42.01 14.39
CA ILE D 22 -23.96 -43.00 14.73
C ILE D 22 -23.92 -44.02 13.60
N ALA D 23 -22.72 -44.27 13.07
CA ALA D 23 -22.54 -45.18 11.95
C ALA D 23 -21.39 -46.12 12.25
N VAL D 24 -21.55 -47.38 11.86
CA VAL D 24 -20.51 -48.38 12.01
C VAL D 24 -20.43 -49.19 10.71
N GLY D 25 -19.26 -49.73 10.45
CA GLY D 25 -19.05 -50.55 9.26
C GLY D 25 -18.44 -51.88 9.61
N TYR D 26 -18.89 -52.92 8.92
CA TYR D 26 -18.44 -54.28 9.19
C TYR D 26 -17.97 -54.93 7.90
N VAL D 27 -16.96 -55.78 8.02
CA VAL D 27 -16.59 -56.76 7.01
C VAL D 27 -16.77 -58.13 7.61
N ASP D 28 -17.70 -58.91 7.05
CA ASP D 28 -18.17 -60.14 7.68
C ASP D 28 -18.68 -59.84 9.08
N ASP D 29 -17.98 -60.34 10.11
CA ASP D 29 -18.36 -60.13 11.51
C ASP D 29 -17.33 -59.30 12.26
N THR D 30 -16.60 -58.44 11.54
CA THR D 30 -15.55 -57.61 12.13
C THR D 30 -15.82 -56.15 11.81
N GLN D 31 -15.96 -55.35 12.86
CA GLN D 31 -16.11 -53.91 12.68
C GLN D 31 -14.77 -53.29 12.30
N PHE D 32 -14.80 -52.28 11.44
CA PHE D 32 -13.59 -51.58 11.04
C PHE D 32 -13.69 -50.06 11.10
N VAL D 33 -14.88 -49.49 11.25
CA VAL D 33 -15.03 -48.04 11.26
C VAL D 33 -16.19 -47.66 12.18
N ARG D 34 -16.09 -46.49 12.79
CA ARG D 34 -17.12 -45.98 13.66
C ARG D 34 -17.16 -44.46 13.53
N PHE D 35 -18.37 -43.90 13.52
CA PHE D 35 -18.56 -42.46 13.44
C PHE D 35 -19.67 -42.05 14.38
N ASP D 36 -19.42 -40.99 15.16
CA ASP D 36 -20.38 -40.48 16.13
C ASP D 36 -20.45 -38.96 15.97
N SER D 37 -21.60 -38.46 15.56
CA SER D 37 -21.77 -37.02 15.39
C SER D 37 -21.76 -36.28 16.73
N ASP D 38 -21.83 -37.00 17.84
CA ASP D 38 -21.89 -36.39 19.16
C ASP D 38 -20.50 -36.26 19.80
N ALA D 39 -19.44 -36.48 19.04
CA ALA D 39 -18.09 -36.31 19.53
C ALA D 39 -17.71 -34.82 19.57
N ALA D 40 -16.62 -34.52 20.28
CA ALA D 40 -16.11 -33.16 20.34
C ALA D 40 -15.88 -32.59 18.95
N SER D 41 -15.05 -33.28 18.16
CA SER D 41 -14.93 -33.01 16.73
C SER D 41 -15.21 -34.31 15.99
N PRO D 42 -16.44 -34.52 15.52
CA PRO D 42 -16.77 -35.82 14.92
C PRO D 42 -15.86 -36.16 13.75
N ARG D 43 -15.51 -37.45 13.65
CA ARG D 43 -14.56 -37.91 12.67
C ARG D 43 -14.70 -39.42 12.51
N GLY D 44 -14.57 -39.90 11.28
CA GLY D 44 -14.54 -41.33 11.03
C GLY D 44 -13.31 -41.96 11.67
N GLU D 45 -13.50 -42.98 12.49
CA GLU D 45 -12.43 -43.55 13.29
C GLU D 45 -12.22 -45.02 12.94
N PRO D 46 -10.96 -45.48 12.94
CA PRO D 46 -10.71 -46.89 12.65
C PRO D 46 -11.04 -47.77 13.85
N ARG D 47 -11.56 -48.97 13.56
CA ARG D 47 -11.85 -49.96 14.59
C ARG D 47 -11.20 -51.31 14.26
N ALA D 48 -10.38 -51.37 13.23
CA ALA D 48 -9.61 -52.55 12.84
C ALA D 48 -8.25 -52.09 12.35
N PRO D 49 -7.21 -52.89 12.54
CA PRO D 49 -5.87 -52.45 12.11
C PRO D 49 -5.74 -52.34 10.60
N TRP D 50 -6.43 -53.18 9.83
CA TRP D 50 -6.26 -53.18 8.38
C TRP D 50 -6.89 -51.96 7.70
N VAL D 51 -7.45 -51.01 8.44
CA VAL D 51 -7.90 -49.75 7.85
C VAL D 51 -7.19 -48.54 8.46
N GLU D 52 -6.52 -48.69 9.60
CA GLU D 52 -5.73 -47.60 10.14
C GLU D 52 -4.55 -47.25 9.25
N GLN D 53 -4.12 -48.19 8.41
CA GLN D 53 -2.98 -48.01 7.51
C GLN D 53 -3.36 -47.30 6.22
N GLU D 54 -4.58 -46.75 6.15
CA GLU D 54 -5.05 -46.15 4.90
C GLU D 54 -4.58 -44.71 4.73
N GLY D 55 -4.29 -44.02 5.83
CA GLY D 55 -3.76 -42.68 5.76
C GLY D 55 -4.83 -41.63 5.90
N PRO D 56 -4.43 -40.36 5.99
CA PRO D 56 -5.42 -39.29 6.20
C PRO D 56 -6.30 -39.03 5.00
N GLU D 57 -5.79 -39.23 3.78
CA GLU D 57 -6.60 -38.98 2.58
C GLU D 57 -7.81 -39.90 2.52
N TYR D 58 -7.63 -41.17 2.94
CA TYR D 58 -8.75 -42.08 3.03
C TYR D 58 -9.75 -41.61 4.09
N TRP D 59 -9.24 -41.25 5.27
CA TRP D 59 -10.10 -40.87 6.39
C TRP D 59 -10.69 -39.49 6.24
N ASP D 60 -10.04 -38.60 5.49
CA ASP D 60 -10.65 -37.31 5.21
C ASP D 60 -11.88 -37.47 4.32
N ARG D 61 -11.81 -38.36 3.32
CA ARG D 61 -12.98 -38.58 2.48
C ARG D 61 -14.09 -39.26 3.27
N GLU D 62 -13.75 -40.27 4.06
CA GLU D 62 -14.76 -40.95 4.87
C GLU D 62 -15.41 -39.98 5.84
N THR D 63 -14.60 -39.21 6.58
CA THR D 63 -15.16 -38.25 7.52
C THR D 63 -16.07 -37.25 6.81
N GLN D 64 -15.69 -36.84 5.59
CA GLN D 64 -16.53 -35.92 4.83
C GLN D 64 -17.89 -36.53 4.55
N LYS D 65 -17.89 -37.80 4.13
CA LYS D 65 -19.14 -38.47 3.79
C LYS D 65 -20.01 -38.70 5.02
N TYR D 66 -19.40 -39.10 6.14
CA TYR D 66 -20.18 -39.28 7.37
C TYR D 66 -20.85 -37.97 7.76
N LYS D 67 -20.10 -36.87 7.74
CA LYS D 67 -20.67 -35.57 8.10
C LYS D 67 -21.76 -35.15 7.13
N ARG D 68 -21.59 -35.48 5.83
CA ARG D 68 -22.61 -35.13 4.85
C ARG D 68 -23.87 -35.95 5.05
N GLN D 69 -23.74 -37.25 5.33
CA GLN D 69 -24.91 -38.08 5.57
C GLN D 69 -25.62 -37.68 6.86
N ALA D 70 -24.87 -37.27 7.89
CA ALA D 70 -25.49 -36.90 9.15
C ALA D 70 -26.36 -35.65 9.00
N GLN D 71 -25.90 -34.66 8.21
CA GLN D 71 -26.73 -33.50 7.95
C GLN D 71 -27.99 -33.87 7.18
N ALA D 72 -27.90 -34.85 6.28
CA ALA D 72 -29.05 -35.24 5.47
C ALA D 72 -30.08 -35.98 6.32
N ASP D 73 -29.62 -36.85 7.23
CA ASP D 73 -30.54 -37.59 8.08
C ASP D 73 -31.30 -36.67 9.05
N ARG D 74 -30.77 -35.48 9.34
CA ARG D 74 -31.50 -34.55 10.19
C ARG D 74 -32.68 -33.94 9.46
N VAL D 75 -32.50 -33.60 8.18
CA VAL D 75 -33.62 -33.14 7.39
C VAL D 75 -34.60 -34.28 7.17
N SER D 76 -34.08 -35.49 6.93
CA SER D 76 -34.94 -36.66 6.76
C SER D 76 -35.76 -36.94 8.01
N LEU D 77 -35.16 -36.76 9.19
CA LEU D 77 -35.90 -36.98 10.42
C LEU D 77 -37.07 -36.01 10.54
N ARG D 78 -36.88 -34.77 10.09
CA ARG D 78 -37.98 -33.81 10.11
C ARG D 78 -39.00 -34.10 9.02
N ASN D 79 -38.54 -34.57 7.85
CA ASN D 79 -39.48 -34.95 6.81
C ASN D 79 -40.33 -36.14 7.24
N LEU D 80 -39.70 -37.16 7.80
CA LEU D 80 -40.43 -38.33 8.28
C LEU D 80 -41.43 -37.94 9.36
N ARG D 81 -41.01 -37.07 10.28
CA ARG D 81 -41.93 -36.60 11.32
C ARG D 81 -43.15 -35.93 10.70
N GLY D 82 -42.96 -35.22 9.59
CA GLY D 82 -44.09 -34.59 8.92
C GLY D 82 -44.97 -35.57 8.19
N TYR D 83 -44.40 -36.68 7.70
CA TYR D 83 -45.20 -37.68 7.02
C TYR D 83 -46.25 -38.28 7.95
N TYR D 84 -45.87 -38.52 9.22
CA TYR D 84 -46.74 -39.17 10.18
C TYR D 84 -47.44 -38.20 11.11
N ASN D 85 -47.28 -36.89 10.88
CA ASN D 85 -47.91 -35.85 11.70
C ASN D 85 -47.57 -36.06 13.18
N GLN D 86 -46.27 -36.13 13.46
CA GLN D 86 -45.79 -36.37 14.81
C GLN D 86 -45.27 -35.07 15.41
N SER D 87 -45.51 -34.90 16.71
CA SER D 87 -44.97 -33.72 17.39
C SER D 87 -43.45 -33.85 17.50
N GLU D 88 -42.81 -32.73 17.87
CA GLU D 88 -41.37 -32.72 18.02
C GLU D 88 -40.95 -32.85 19.48
N ALA D 89 -41.88 -33.24 20.35
CA ALA D 89 -41.56 -33.53 21.74
C ALA D 89 -41.23 -35.00 21.96
N GLY D 90 -41.20 -35.80 20.91
CA GLY D 90 -40.91 -37.21 21.01
C GLY D 90 -39.68 -37.57 20.18
N SER D 91 -38.88 -38.50 20.68
CA SER D 91 -37.70 -38.95 19.97
C SER D 91 -38.06 -40.03 18.96
N HIS D 92 -37.44 -39.97 17.78
CA HIS D 92 -37.69 -40.92 16.71
C HIS D 92 -36.38 -41.43 16.14
N THR D 93 -36.45 -42.60 15.52
CA THR D 93 -35.26 -43.33 15.10
C THR D 93 -35.33 -43.65 13.61
N LEU D 94 -34.29 -43.29 12.89
CA LEU D 94 -34.12 -43.65 11.49
C LEU D 94 -32.90 -44.55 11.38
N GLN D 95 -33.11 -45.76 10.87
CA GLN D 95 -32.05 -46.75 10.73
C GLN D 95 -31.90 -47.11 9.26
N ARG D 96 -30.66 -47.36 8.85
CA ARG D 96 -30.37 -47.76 7.48
C ARG D 96 -29.25 -48.78 7.48
N MET D 97 -29.42 -49.83 6.68
CA MET D 97 -28.40 -50.86 6.52
C MET D 97 -28.25 -51.15 5.03
N TYR D 98 -27.02 -51.08 4.54
CA TYR D 98 -26.73 -51.38 3.15
C TYR D 98 -25.38 -52.07 3.07
N GLY D 99 -25.13 -52.70 1.93
CA GLY D 99 -23.87 -53.37 1.72
C GLY D 99 -23.96 -54.33 0.54
N CYS D 100 -22.95 -55.18 0.44
CA CYS D 100 -22.82 -56.07 -0.68
C CYS D 100 -22.28 -57.42 -0.22
N ASP D 101 -22.66 -58.47 -0.94
CA ASP D 101 -22.20 -59.83 -0.70
C ASP D 101 -21.43 -60.32 -1.91
N LEU D 102 -20.27 -60.95 -1.67
CA LEU D 102 -19.44 -61.49 -2.74
C LEU D 102 -19.92 -62.87 -3.17
N LEU D 108 -20.05 -59.91 -7.27
CA LEU D 108 -21.20 -59.50 -6.46
C LEU D 108 -22.33 -60.51 -6.49
N LEU D 109 -22.74 -60.97 -5.31
CA LEU D 109 -23.87 -61.90 -5.24
C LEU D 109 -25.19 -61.16 -5.06
N ARG D 110 -25.27 -60.25 -4.08
CA ARG D 110 -26.48 -59.49 -3.85
C ARG D 110 -26.12 -58.15 -3.21
N GLY D 111 -26.81 -57.11 -3.64
CA GLY D 111 -26.67 -55.79 -3.03
C GLY D 111 -28.01 -55.29 -2.57
N TYR D 112 -27.98 -54.41 -1.58
CA TYR D 112 -29.23 -53.96 -0.98
C TYR D 112 -29.00 -52.67 -0.19
N ASP D 113 -30.09 -51.91 -0.03
CA ASP D 113 -30.08 -50.69 0.76
C ASP D 113 -31.48 -50.53 1.34
N GLN D 114 -31.65 -50.91 2.60
CA GLN D 114 -32.94 -50.91 3.26
C GLN D 114 -32.90 -49.97 4.46
N SER D 115 -34.06 -49.43 4.80
CA SER D 115 -34.16 -48.44 5.86
C SER D 115 -35.37 -48.77 6.73
N ALA D 116 -35.39 -48.18 7.92
CA ALA D 116 -36.46 -48.38 8.87
C ALA D 116 -36.68 -47.11 9.68
N TYR D 117 -37.93 -46.86 10.02
CA TYR D 117 -38.30 -45.72 10.84
C TYR D 117 -39.02 -46.24 12.08
N ASP D 118 -38.51 -45.89 13.26
CA ASP D 118 -39.12 -46.26 14.54
C ASP D 118 -39.32 -47.76 14.66
N GLY D 119 -38.31 -48.55 14.24
CA GLY D 119 -38.34 -49.98 14.41
C GLY D 119 -38.97 -50.75 13.26
N LYS D 120 -39.95 -50.15 12.58
CA LYS D 120 -40.65 -50.83 11.50
C LYS D 120 -39.97 -50.55 10.16
N ASP D 121 -40.14 -51.48 9.22
CA ASP D 121 -39.57 -51.30 7.89
C ASP D 121 -40.17 -50.07 7.22
N TYR D 122 -39.34 -49.35 6.46
CA TYR D 122 -39.80 -48.15 5.76
C TYR D 122 -39.65 -48.32 4.26
N ILE D 123 -38.43 -48.36 3.73
CA ILE D 123 -38.21 -48.53 2.30
C ILE D 123 -36.99 -49.43 2.12
N ALA D 124 -36.96 -50.16 1.02
CA ALA D 124 -35.87 -51.08 0.75
C ALA D 124 -35.59 -51.14 -0.74
N LEU D 125 -34.31 -51.21 -1.09
CA LEU D 125 -33.90 -51.35 -2.48
C LEU D 125 -34.08 -52.81 -2.90
N ASN D 126 -34.83 -53.02 -3.98
CA ASN D 126 -35.10 -54.37 -4.45
C ASN D 126 -33.83 -55.03 -4.96
N GLU D 127 -33.90 -56.35 -5.15
CA GLU D 127 -32.70 -57.12 -5.48
C GLU D 127 -32.19 -56.80 -6.88
N ASP D 128 -33.08 -56.37 -7.79
CA ASP D 128 -32.63 -55.97 -9.12
C ASP D 128 -31.88 -54.64 -9.11
N LEU D 129 -31.84 -53.94 -7.97
CA LEU D 129 -31.13 -52.68 -7.82
C LEU D 129 -31.66 -51.61 -8.77
N ARG D 130 -32.90 -51.75 -9.24
CA ARG D 130 -33.51 -50.79 -10.14
C ARG D 130 -34.87 -50.28 -9.68
N SER D 131 -35.39 -50.79 -8.57
CA SER D 131 -36.70 -50.40 -8.08
C SER D 131 -36.67 -50.43 -6.55
N TRP D 132 -37.74 -49.92 -5.95
CA TRP D 132 -37.86 -49.86 -4.50
C TRP D 132 -39.15 -50.54 -4.06
N THR D 133 -39.18 -50.92 -2.79
CA THR D 133 -40.38 -51.45 -2.14
C THR D 133 -40.70 -50.56 -0.95
N ALA D 134 -41.88 -49.95 -0.95
CA ALA D 134 -42.31 -49.04 0.10
C ALA D 134 -43.25 -49.76 1.05
N ALA D 135 -43.07 -49.50 2.35
CA ALA D 135 -43.86 -50.19 3.36
C ALA D 135 -45.25 -49.58 3.50
N ASP D 136 -45.33 -48.28 3.75
CA ASP D 136 -46.59 -47.57 3.90
C ASP D 136 -46.67 -46.46 2.86
N THR D 137 -47.73 -45.65 2.96
CA THR D 137 -47.90 -44.56 2.01
C THR D 137 -46.82 -43.50 2.18
N ALA D 138 -46.35 -43.28 3.41
CA ALA D 138 -45.29 -42.30 3.63
C ALA D 138 -44.01 -42.69 2.89
N ALA D 139 -43.69 -43.97 2.86
CA ALA D 139 -42.52 -44.43 2.12
C ALA D 139 -42.68 -44.26 0.62
N GLN D 140 -43.91 -44.22 0.12
CA GLN D 140 -44.11 -43.94 -1.30
C GLN D 140 -43.76 -42.50 -1.65
N ILE D 141 -43.89 -41.58 -0.68
CA ILE D 141 -43.38 -40.23 -0.88
C ILE D 141 -41.87 -40.27 -1.02
N THR D 142 -41.20 -41.04 -0.16
CA THR D 142 -39.76 -41.20 -0.27
C THR D 142 -39.37 -41.89 -1.57
N GLN D 143 -40.15 -42.90 -1.98
CA GLN D 143 -39.83 -43.62 -3.21
C GLN D 143 -39.95 -42.72 -4.43
N ARG D 144 -41.00 -41.89 -4.47
CA ARG D 144 -41.15 -40.98 -5.60
C ARG D 144 -40.06 -39.90 -5.60
N LYS D 145 -39.60 -39.47 -4.43
CA LYS D 145 -38.47 -38.55 -4.39
C LYS D 145 -37.21 -39.20 -4.94
N TRP D 146 -36.90 -40.40 -4.47
CA TRP D 146 -35.68 -41.07 -4.91
C TRP D 146 -35.76 -41.47 -6.38
N GLU D 147 -36.93 -41.84 -6.87
CA GLU D 147 -37.07 -42.17 -8.28
C GLU D 147 -36.83 -40.95 -9.15
N ALA D 148 -37.28 -39.77 -8.69
CA ALA D 148 -37.03 -38.56 -9.45
C ALA D 148 -35.56 -38.18 -9.43
N ALA D 149 -34.87 -38.45 -8.33
CA ALA D 149 -33.44 -38.17 -8.20
C ALA D 149 -32.58 -39.25 -8.84
N ARG D 150 -33.20 -40.27 -9.45
CA ARG D 150 -32.47 -41.39 -10.05
C ARG D 150 -31.52 -42.03 -9.04
N GLU D 151 -31.98 -42.13 -7.79
CA GLU D 151 -31.15 -42.68 -6.72
C GLU D 151 -30.88 -44.17 -6.87
N ALA D 152 -31.72 -44.88 -7.63
CA ALA D 152 -31.51 -46.32 -7.79
C ALA D 152 -30.26 -46.62 -8.60
N GLU D 153 -30.02 -45.89 -9.68
CA GLU D 153 -28.82 -46.10 -10.47
C GLU D 153 -27.58 -45.61 -9.74
N GLN D 154 -27.73 -44.65 -8.82
CA GLN D 154 -26.62 -44.25 -7.98
C GLN D 154 -26.19 -45.37 -7.05
N TRP D 155 -27.16 -46.14 -6.54
CA TRP D 155 -26.84 -47.25 -5.64
C TRP D 155 -26.32 -48.47 -6.40
N ARG D 156 -26.84 -48.72 -7.61
CA ARG D 156 -26.28 -49.78 -8.43
C ARG D 156 -24.81 -49.54 -8.72
N ALA D 157 -24.44 -48.29 -9.01
CA ALA D 157 -23.02 -47.97 -9.23
C ALA D 157 -22.18 -48.28 -8.00
N TYR D 158 -22.70 -47.97 -6.81
CA TYR D 158 -21.95 -48.20 -5.58
C TYR D 158 -21.88 -49.69 -5.25
N LEU D 159 -23.04 -50.37 -5.22
CA LEU D 159 -23.07 -51.75 -4.78
C LEU D 159 -22.34 -52.67 -5.75
N GLU D 160 -22.60 -52.51 -7.04
CA GLU D 160 -21.96 -53.37 -8.03
C GLU D 160 -20.49 -53.04 -8.21
N GLY D 161 -20.09 -51.80 -7.94
CA GLY D 161 -18.72 -51.38 -8.21
C GLY D 161 -17.91 -51.09 -6.97
N THR D 162 -18.13 -49.91 -6.38
CA THR D 162 -17.30 -49.46 -5.27
C THR D 162 -17.36 -50.42 -4.10
N CYS D 163 -18.54 -50.92 -3.78
CA CYS D 163 -18.70 -51.80 -2.62
C CYS D 163 -17.88 -53.08 -2.80
N VAL D 164 -17.96 -53.70 -3.99
CA VAL D 164 -17.22 -54.93 -4.24
C VAL D 164 -15.72 -54.67 -4.24
N GLU D 165 -15.27 -53.60 -4.90
CA GLU D 165 -13.85 -53.32 -5.02
C GLU D 165 -13.19 -53.13 -3.66
N TRP D 166 -13.81 -52.33 -2.80
CA TRP D 166 -13.22 -52.09 -1.49
C TRP D 166 -13.41 -53.28 -0.55
N LEU D 167 -14.46 -54.08 -0.74
CA LEU D 167 -14.60 -55.29 0.04
C LEU D 167 -13.47 -56.26 -0.25
N ARG D 168 -13.13 -56.45 -1.52
CA ARG D 168 -11.97 -57.26 -1.86
C ARG D 168 -10.69 -56.65 -1.31
N ARG D 169 -10.58 -55.33 -1.35
CA ARG D 169 -9.38 -54.66 -0.84
C ARG D 169 -9.26 -54.84 0.67
N TYR D 170 -10.38 -54.73 1.40
CA TYR D 170 -10.34 -54.95 2.84
C TYR D 170 -10.01 -56.41 3.17
N LEU D 171 -10.54 -57.36 2.39
CA LEU D 171 -10.26 -58.76 2.66
C LEU D 171 -8.80 -59.10 2.39
N GLU D 172 -8.13 -58.36 1.52
CA GLU D 172 -6.71 -58.59 1.24
C GLU D 172 -5.80 -57.87 2.23
N ASN D 173 -6.13 -56.61 2.57
CA ASN D 173 -5.33 -55.89 3.56
C ASN D 173 -5.40 -56.54 4.94
N GLY D 174 -6.49 -57.26 5.21
CA GLY D 174 -6.64 -57.91 6.51
C GLY D 174 -6.87 -59.40 6.36
N LYS D 175 -6.30 -60.00 5.33
CA LYS D 175 -6.42 -61.44 5.13
C LYS D 175 -5.88 -62.23 6.31
N GLU D 176 -4.91 -61.66 7.02
CA GLU D 176 -4.37 -62.32 8.21
C GLU D 176 -5.47 -62.61 9.23
N THR D 177 -6.45 -61.72 9.35
CA THR D 177 -7.51 -61.84 10.33
C THR D 177 -8.88 -62.11 9.75
N LEU D 178 -9.19 -61.59 8.55
CA LEU D 178 -10.55 -61.72 8.03
C LEU D 178 -10.77 -63.04 7.32
N GLN D 179 -9.82 -63.50 6.51
CA GLN D 179 -10.00 -64.72 5.74
C GLN D 179 -9.51 -65.97 6.49
N ARG D 180 -9.38 -65.88 7.81
CA ARG D 180 -9.13 -67.03 8.67
C ARG D 180 -10.43 -67.45 9.37
N ALA D 181 -10.38 -68.61 10.01
CA ALA D 181 -11.53 -69.14 10.74
C ALA D 181 -11.04 -69.86 11.99
N GLU D 182 -11.52 -69.43 13.15
CA GLU D 182 -11.21 -70.08 14.42
C GLU D 182 -12.30 -71.08 14.76
N HIS D 183 -11.92 -72.35 14.83
CA HIS D 183 -12.85 -73.40 15.23
C HIS D 183 -13.28 -73.18 16.69
N PRO D 184 -14.54 -73.48 17.02
CA PRO D 184 -14.99 -73.29 18.40
C PRO D 184 -14.42 -74.34 19.34
N LYS D 185 -14.04 -73.90 20.52
CA LYS D 185 -13.66 -74.81 21.59
C LYS D 185 -14.92 -75.26 22.33
N THR D 186 -15.11 -76.58 22.44
CA THR D 186 -16.40 -77.13 22.80
C THR D 186 -16.28 -78.09 23.97
N HIS D 187 -17.30 -78.09 24.83
CA HIS D 187 -17.44 -79.02 25.93
C HIS D 187 -18.91 -79.10 26.32
N VAL D 188 -19.25 -80.13 27.10
CA VAL D 188 -20.63 -80.38 27.51
C VAL D 188 -20.71 -80.29 29.03
N THR D 189 -21.67 -79.50 29.52
CA THR D 189 -21.89 -79.31 30.94
C THR D 189 -23.15 -80.05 31.37
N HIS D 190 -23.11 -80.59 32.59
CA HIS D 190 -24.22 -81.38 33.14
C HIS D 190 -24.61 -80.84 34.50
N HIS D 191 -25.89 -80.58 34.69
CA HIS D 191 -26.39 -80.09 35.96
C HIS D 191 -27.75 -80.70 36.26
N PRO D 192 -27.91 -81.38 37.39
CA PRO D 192 -29.23 -81.90 37.76
C PRO D 192 -30.19 -80.78 38.10
N VAL D 193 -31.47 -81.01 37.81
CA VAL D 193 -32.51 -80.05 38.16
C VAL D 193 -33.48 -80.71 39.13
N SER D 194 -33.68 -82.02 38.99
CA SER D 194 -34.55 -82.79 39.87
C SER D 194 -33.87 -84.12 40.17
N ASP D 195 -34.59 -85.02 40.84
CA ASP D 195 -34.16 -86.39 41.02
C ASP D 195 -34.50 -87.27 39.82
N HIS D 196 -34.96 -86.67 38.73
CA HIS D 196 -35.32 -87.41 37.54
C HIS D 196 -35.00 -86.68 36.25
N GLU D 197 -34.42 -85.48 36.31
CA GLU D 197 -34.09 -84.71 35.13
C GLU D 197 -32.76 -83.99 35.32
N ALA D 198 -32.10 -83.71 34.21
CA ALA D 198 -30.84 -82.97 34.22
C ALA D 198 -30.71 -82.22 32.91
N THR D 199 -30.03 -81.08 32.96
CA THR D 199 -29.83 -80.24 31.79
C THR D 199 -28.41 -80.45 31.25
N LEU D 200 -28.32 -80.75 29.96
CA LEU D 200 -27.05 -80.88 29.25
C LEU D 200 -26.85 -79.65 28.38
N ARG D 201 -25.81 -78.88 28.67
CA ARG D 201 -25.52 -77.65 27.93
C ARG D 201 -24.27 -77.87 27.09
N CYS D 202 -24.40 -77.67 25.78
CA CYS D 202 -23.31 -77.84 24.83
C CYS D 202 -22.70 -76.47 24.51
N TRP D 203 -21.42 -76.30 24.83
CA TRP D 203 -20.77 -75.01 24.72
C TRP D 203 -19.92 -74.90 23.46
N ALA D 204 -19.83 -73.68 22.93
CA ALA D 204 -18.98 -73.37 21.78
C ALA D 204 -18.38 -72.00 22.02
N LEU D 205 -17.07 -71.94 22.25
CA LEU D 205 -16.41 -70.71 22.68
C LEU D 205 -15.31 -70.31 21.71
N GLY D 206 -15.14 -68.99 21.57
CA GLY D 206 -14.03 -68.43 20.81
C GLY D 206 -13.96 -68.83 19.35
N PHE D 207 -15.05 -68.64 18.61
CA PHE D 207 -15.08 -69.00 17.19
C PHE D 207 -15.33 -67.76 16.33
N TYR D 208 -14.86 -67.83 15.08
CA TYR D 208 -15.05 -66.81 14.08
C TYR D 208 -15.08 -67.49 12.73
N PRO D 209 -16.03 -67.14 11.84
CA PRO D 209 -17.10 -66.13 12.00
C PRO D 209 -18.22 -66.58 12.94
N ALA D 210 -19.27 -65.77 13.08
CA ALA D 210 -20.32 -66.05 14.04
C ALA D 210 -21.27 -67.16 13.60
N GLU D 211 -21.38 -67.41 12.30
CA GLU D 211 -22.28 -68.45 11.80
C GLU D 211 -21.86 -69.81 12.35
N ILE D 212 -22.79 -70.47 13.06
CA ILE D 212 -22.54 -71.76 13.67
C ILE D 212 -23.88 -72.47 13.83
N THR D 213 -23.81 -73.80 13.97
CA THR D 213 -25.00 -74.64 14.12
C THR D 213 -24.77 -75.59 15.28
N LEU D 214 -25.57 -75.43 16.34
CA LEU D 214 -25.54 -76.30 17.51
C LEU D 214 -26.86 -77.06 17.59
N THR D 215 -26.79 -78.38 17.53
CA THR D 215 -27.97 -79.22 17.60
C THR D 215 -27.74 -80.36 18.58
N TRP D 216 -28.77 -80.66 19.38
CA TRP D 216 -28.75 -81.80 20.28
C TRP D 216 -29.51 -82.95 19.65
N GLN D 217 -28.99 -84.17 19.83
CA GLN D 217 -29.59 -85.34 19.23
C GLN D 217 -29.78 -86.42 20.28
N ARG D 218 -30.95 -87.07 20.25
CA ARG D 218 -31.23 -88.20 21.13
C ARG D 218 -31.42 -89.42 20.24
N ASP D 219 -30.47 -90.36 20.32
CA ASP D 219 -30.47 -91.57 19.48
C ASP D 219 -30.42 -91.21 18.00
N GLY D 220 -29.79 -90.08 17.68
CA GLY D 220 -29.61 -89.67 16.30
C GLY D 220 -30.65 -88.73 15.72
N GLU D 221 -31.70 -88.41 16.47
CA GLU D 221 -32.76 -87.52 15.99
C GLU D 221 -32.51 -86.09 16.48
N ASP D 222 -32.73 -85.13 15.59
CA ASP D 222 -32.32 -83.75 15.82
C ASP D 222 -32.95 -83.11 17.06
N GLN D 223 -33.98 -83.70 17.67
CA GLN D 223 -34.55 -83.22 18.92
C GLN D 223 -34.62 -81.70 19.01
N THR D 224 -34.93 -81.04 17.89
CA THR D 224 -34.77 -79.59 17.80
C THR D 224 -35.82 -78.84 18.62
N GLN D 225 -37.04 -79.39 18.74
CA GLN D 225 -38.09 -78.69 19.45
C GLN D 225 -37.79 -78.52 20.93
N ASP D 226 -36.98 -79.40 21.52
CA ASP D 226 -36.68 -79.36 22.95
C ASP D 226 -35.34 -78.69 23.26
N THR D 227 -34.63 -78.22 22.26
CA THR D 227 -33.34 -77.55 22.47
C THR D 227 -33.56 -76.07 22.69
N GLU D 228 -32.86 -75.51 23.68
CA GLU D 228 -32.83 -74.07 23.91
C GLU D 228 -31.53 -73.53 23.35
N LEU D 229 -31.62 -72.87 22.20
CA LEU D 229 -30.47 -72.18 21.62
C LEU D 229 -30.44 -70.75 22.12
N VAL D 230 -29.31 -70.36 22.70
CA VAL D 230 -29.14 -68.99 23.17
C VAL D 230 -28.58 -68.16 22.03
N GLU D 231 -28.83 -66.86 22.08
CA GLU D 231 -28.31 -65.97 21.05
C GLU D 231 -26.79 -65.96 21.08
N THR D 232 -26.18 -66.01 19.90
CA THR D 232 -24.72 -65.98 19.80
C THR D 232 -24.16 -64.69 20.38
N ARG D 233 -23.23 -64.82 21.35
CA ARG D 233 -22.73 -63.68 22.11
C ARG D 233 -21.35 -63.27 21.60
N PRO D 234 -21.02 -61.98 21.67
CA PRO D 234 -19.65 -61.55 21.38
C PRO D 234 -18.77 -61.80 22.60
N ALA D 235 -17.61 -62.40 22.37
CA ALA D 235 -16.67 -62.62 23.47
C ALA D 235 -16.02 -61.32 23.92
N GLY D 236 -15.93 -60.33 23.03
CA GLY D 236 -15.27 -59.08 23.32
C GLY D 236 -13.88 -58.96 22.75
N ASP D 237 -13.31 -60.07 22.27
CA ASP D 237 -11.99 -60.09 21.68
C ASP D 237 -12.02 -60.34 20.18
N GLY D 238 -13.19 -60.29 19.56
CA GLY D 238 -13.36 -60.54 18.15
C GLY D 238 -13.99 -61.88 17.81
N THR D 239 -14.03 -62.81 18.77
CA THR D 239 -14.66 -64.11 18.58
C THR D 239 -16.04 -64.11 19.22
N PHE D 240 -16.72 -65.26 19.14
CA PHE D 240 -18.10 -65.37 19.59
C PHE D 240 -18.28 -66.61 20.46
N GLN D 241 -19.40 -66.64 21.17
CA GLN D 241 -19.78 -67.75 22.03
C GLN D 241 -21.24 -68.11 21.78
N LYS D 242 -21.59 -69.36 22.07
CA LYS D 242 -22.95 -69.83 21.95
C LYS D 242 -23.07 -71.17 22.66
N TRP D 243 -24.24 -71.43 23.23
CA TRP D 243 -24.50 -72.73 23.84
C TRP D 243 -25.90 -73.20 23.48
N ALA D 244 -26.07 -74.53 23.52
CA ALA D 244 -27.35 -75.17 23.27
C ALA D 244 -27.60 -76.18 24.37
N ALA D 245 -28.77 -76.07 25.01
CA ALA D 245 -29.10 -76.91 26.15
C ALA D 245 -30.37 -77.70 25.89
N VAL D 246 -30.44 -78.89 26.48
CA VAL D 246 -31.63 -79.74 26.43
C VAL D 246 -31.79 -80.41 27.79
N VAL D 247 -33.05 -80.58 28.21
CA VAL D 247 -33.35 -81.21 29.49
C VAL D 247 -33.62 -82.69 29.25
N VAL D 248 -32.88 -83.53 29.95
CA VAL D 248 -32.90 -84.98 29.73
C VAL D 248 -33.24 -85.65 31.05
N PRO D 249 -33.74 -86.88 31.01
CA PRO D 249 -34.01 -87.63 32.25
C PRO D 249 -32.72 -87.89 33.02
N SER D 250 -32.86 -88.21 34.31
CA SER D 250 -31.68 -88.44 35.14
C SER D 250 -30.87 -89.60 34.60
N GLY D 251 -31.52 -90.61 34.04
CA GLY D 251 -30.85 -91.64 33.27
C GLY D 251 -30.89 -91.28 31.80
N GLU D 252 -30.42 -92.21 30.98
CA GLU D 252 -30.44 -92.04 29.52
C GLU D 252 -29.67 -90.79 29.07
N GLU D 253 -28.78 -90.27 29.92
CA GLU D 253 -28.04 -89.08 29.55
C GLU D 253 -27.06 -89.35 28.42
N GLN D 254 -26.56 -90.58 28.32
CA GLN D 254 -25.63 -90.99 27.28
C GLN D 254 -26.33 -91.31 25.96
N ARG D 255 -27.62 -91.02 25.85
CA ARG D 255 -28.33 -91.11 24.58
C ARG D 255 -28.32 -89.80 23.83
N TYR D 256 -27.76 -88.75 24.43
CA TYR D 256 -27.77 -87.41 23.84
C TYR D 256 -26.37 -87.04 23.38
N THR D 257 -26.25 -86.63 22.13
CA THR D 257 -25.00 -86.18 21.55
C THR D 257 -25.19 -84.78 20.98
N CYS D 258 -24.16 -83.95 21.10
CA CYS D 258 -24.18 -82.60 20.55
C CYS D 258 -23.39 -82.59 19.24
N HIS D 259 -23.87 -81.82 18.27
CA HIS D 259 -23.25 -81.74 16.95
C HIS D 259 -23.01 -80.28 16.60
N VAL D 260 -21.75 -79.95 16.32
CA VAL D 260 -21.34 -78.58 16.02
C VAL D 260 -20.88 -78.53 14.57
N GLN D 261 -21.41 -77.55 13.82
CA GLN D 261 -20.98 -77.28 12.46
C GLN D 261 -20.50 -75.84 12.39
N HIS D 262 -19.26 -75.65 11.96
CA HIS D 262 -18.66 -74.34 11.86
C HIS D 262 -17.63 -74.36 10.76
N GLU D 263 -17.30 -73.16 10.25
CA GLU D 263 -16.32 -73.05 9.17
C GLU D 263 -14.95 -73.56 9.62
N GLY D 264 -14.59 -73.31 10.88
CA GLY D 264 -13.29 -73.75 11.38
C GLY D 264 -13.17 -75.24 11.60
N LEU D 265 -14.28 -75.97 11.64
CA LEU D 265 -14.10 -77.42 11.77
C LEU D 265 -13.92 -78.06 10.40
N PRO D 266 -12.93 -78.94 10.24
CA PRO D 266 -12.84 -79.71 8.99
C PRO D 266 -14.05 -80.60 8.75
N GLU D 267 -14.60 -81.19 9.81
CA GLU D 267 -15.78 -82.02 9.78
C GLU D 267 -16.60 -81.70 11.02
N PRO D 268 -17.93 -81.81 10.95
CA PRO D 268 -18.76 -81.50 12.12
C PRO D 268 -18.40 -82.36 13.33
N LEU D 269 -18.23 -81.69 14.47
CA LEU D 269 -17.87 -82.37 15.71
C LEU D 269 -19.10 -83.01 16.35
N THR D 270 -18.85 -84.12 17.04
CA THR D 270 -19.86 -84.80 17.84
C THR D 270 -19.40 -84.82 19.29
N LEU D 271 -20.21 -84.24 20.18
CA LEU D 271 -19.87 -84.12 21.58
C LEU D 271 -20.80 -85.00 22.41
N ARG D 272 -20.39 -85.24 23.65
CA ARG D 272 -21.12 -86.12 24.55
C ARG D 272 -20.72 -85.77 25.97
N TRP D 273 -21.66 -85.86 26.90
CA TRP D 273 -21.32 -85.63 28.30
C TRP D 273 -20.36 -86.72 28.77
N GLU D 274 -19.16 -86.31 29.21
CA GLU D 274 -18.14 -87.23 29.69
C GLU D 274 -17.96 -87.08 31.19
N PRO D 275 -18.65 -87.89 32.02
CA PRO D 275 -18.54 -87.77 33.48
C PRO D 275 -17.18 -88.22 33.99
N MET E 1 -46.21 -46.52 18.24
CA MET E 1 -44.76 -46.64 18.37
C MET E 1 -44.41 -48.06 18.82
N ILE E 2 -43.33 -48.60 18.27
CA ILE E 2 -42.92 -49.97 18.53
C ILE E 2 -41.81 -49.97 19.58
N GLN E 3 -41.98 -50.80 20.60
CA GLN E 3 -40.98 -51.01 21.64
C GLN E 3 -40.64 -52.48 21.73
N ARG E 4 -39.36 -52.78 21.85
CA ARG E 4 -38.88 -54.15 22.04
C ARG E 4 -38.10 -54.22 23.35
N THR E 5 -38.39 -55.25 24.13
CA THR E 5 -37.74 -55.36 25.43
C THR E 5 -36.38 -56.03 25.27
N PRO E 6 -35.38 -55.60 26.04
CA PRO E 6 -34.02 -56.11 25.84
C PRO E 6 -33.83 -57.51 26.39
N LYS E 7 -32.86 -58.20 25.82
CA LYS E 7 -32.42 -59.51 26.28
C LYS E 7 -31.03 -59.39 26.88
N ILE E 8 -30.88 -59.83 28.12
CA ILE E 8 -29.65 -59.66 28.89
C ILE E 8 -28.94 -61.00 28.99
N GLN E 9 -27.63 -61.00 28.74
CA GLN E 9 -26.77 -62.15 28.97
C GLN E 9 -25.54 -61.69 29.74
N VAL E 10 -25.32 -62.27 30.92
CA VAL E 10 -24.17 -61.96 31.76
C VAL E 10 -23.23 -63.14 31.73
N TYR E 11 -21.97 -62.90 31.37
CA TYR E 11 -21.00 -63.97 31.20
C TYR E 11 -19.60 -63.37 31.23
N SER E 12 -18.60 -64.25 31.24
CA SER E 12 -17.20 -63.86 31.19
C SER E 12 -16.60 -64.21 29.83
N ARG E 13 -15.60 -63.44 29.42
CA ARG E 13 -14.98 -63.65 28.12
C ARG E 13 -14.34 -65.03 28.04
N HIS E 14 -13.64 -65.43 29.08
CA HIS E 14 -13.03 -66.75 29.20
C HIS E 14 -13.69 -67.53 30.33
N PRO E 15 -13.54 -68.86 30.34
CA PRO E 15 -14.04 -69.65 31.48
C PRO E 15 -13.55 -69.12 32.82
N ALA E 16 -14.51 -68.77 33.69
CA ALA E 16 -14.18 -68.13 34.96
C ALA E 16 -13.34 -69.06 35.83
N GLU E 17 -12.17 -68.59 36.22
CA GLU E 17 -11.29 -69.34 37.11
C GLU E 17 -10.89 -68.44 38.27
N ASN E 18 -11.03 -68.95 39.49
CA ASN E 18 -10.86 -68.13 40.68
C ASN E 18 -9.46 -67.55 40.78
N GLY E 19 -9.37 -66.22 40.92
CA GLY E 19 -8.11 -65.55 41.11
C GLY E 19 -7.44 -65.04 39.85
N LYS E 20 -7.89 -65.47 38.67
CA LYS E 20 -7.27 -65.08 37.42
C LYS E 20 -8.07 -63.98 36.74
N SER E 21 -7.36 -63.09 36.05
CA SER E 21 -8.00 -61.95 35.41
C SER E 21 -8.87 -62.40 34.23
N ASN E 22 -9.92 -61.63 33.96
CA ASN E 22 -10.88 -61.96 32.93
C ASN E 22 -11.63 -60.69 32.56
N PHE E 23 -12.65 -60.82 31.71
CA PHE E 23 -13.52 -59.71 31.33
C PHE E 23 -14.96 -60.09 31.62
N LEU E 24 -15.67 -59.18 32.29
CA LEU E 24 -17.08 -59.39 32.61
C LEU E 24 -17.93 -58.71 31.54
N ASN E 25 -18.71 -59.50 30.82
CA ASN E 25 -19.50 -59.02 29.70
C ASN E 25 -20.98 -59.03 30.05
N CYS E 26 -21.68 -57.95 29.67
CA CYS E 26 -23.13 -57.91 29.67
C CYS E 26 -23.57 -57.58 28.25
N TYR E 27 -24.21 -58.55 27.59
CA TYR E 27 -24.62 -58.41 26.20
C TYR E 27 -26.13 -58.16 26.18
N VAL E 28 -26.53 -56.92 25.92
CA VAL E 28 -27.93 -56.55 25.81
C VAL E 28 -28.29 -56.45 24.33
N SER E 29 -29.39 -57.11 23.94
CA SER E 29 -29.73 -57.22 22.53
C SER E 29 -31.25 -57.22 22.37
N GLY E 30 -31.68 -56.95 21.13
CA GLY E 30 -33.07 -57.07 20.77
C GLY E 30 -34.00 -56.01 21.33
N PHE E 31 -33.47 -54.83 21.66
CA PHE E 31 -34.27 -53.79 22.28
C PHE E 31 -34.52 -52.64 21.30
N HIS E 32 -35.57 -51.88 21.59
CA HIS E 32 -35.95 -50.72 20.80
C HIS E 32 -36.83 -49.80 21.65
N PRO E 33 -36.59 -48.49 21.68
CA PRO E 33 -35.55 -47.73 20.95
C PRO E 33 -34.15 -47.96 21.50
N SER E 34 -33.15 -47.27 20.94
CA SER E 34 -31.76 -47.55 21.26
C SER E 34 -31.32 -47.02 22.62
N ASP E 35 -32.00 -46.02 23.16
CA ASP E 35 -31.62 -45.43 24.44
C ASP E 35 -31.78 -46.47 25.55
N ILE E 36 -30.67 -46.83 26.20
CA ILE E 36 -30.68 -47.86 27.23
C ILE E 36 -29.64 -47.53 28.28
N GLU E 37 -29.89 -47.99 29.51
CA GLU E 37 -29.00 -47.81 30.65
C GLU E 37 -28.51 -49.18 31.11
N VAL E 38 -27.19 -49.36 31.13
CA VAL E 38 -26.57 -50.64 31.50
C VAL E 38 -25.44 -50.37 32.48
N ASP E 39 -25.48 -51.04 33.63
CA ASP E 39 -24.43 -50.94 34.64
C ASP E 39 -24.04 -52.33 35.11
N LEU E 40 -22.73 -52.54 35.29
CA LEU E 40 -22.22 -53.78 35.86
C LEU E 40 -22.13 -53.66 37.37
N LEU E 41 -22.40 -54.77 38.06
CA LEU E 41 -22.49 -54.78 39.51
C LEU E 41 -21.49 -55.76 40.12
N LYS E 42 -20.87 -55.34 41.22
CA LYS E 42 -19.98 -56.18 42.02
C LYS E 42 -20.50 -56.21 43.44
N ASN E 43 -21.10 -57.33 43.84
CA ASN E 43 -21.74 -57.51 45.14
C ASN E 43 -22.82 -56.47 45.39
N GLY E 44 -23.32 -55.82 44.34
CA GLY E 44 -24.36 -54.82 44.47
C GLY E 44 -23.90 -53.40 44.27
N GLU E 45 -22.70 -53.18 43.73
CA GLU E 45 -22.10 -51.86 43.60
C GLU E 45 -21.77 -51.58 42.15
N ARG E 46 -21.98 -50.33 41.73
CA ARG E 46 -21.71 -49.96 40.35
C ARG E 46 -20.21 -49.96 40.09
N ILE E 47 -19.80 -50.60 38.99
CA ILE E 47 -18.39 -50.57 38.58
C ILE E 47 -18.11 -49.28 37.82
N GLU E 48 -17.06 -48.56 38.25
CA GLU E 48 -16.74 -47.26 37.69
C GLU E 48 -16.21 -47.36 36.27
N LYS E 49 -15.56 -48.47 35.94
CA LYS E 49 -14.74 -48.57 34.73
C LYS E 49 -15.36 -49.51 33.71
N VAL E 50 -16.57 -49.19 33.25
CA VAL E 50 -17.27 -49.97 32.24
C VAL E 50 -17.13 -49.29 30.88
N GLU E 51 -16.74 -50.07 29.87
CA GLU E 51 -16.76 -49.63 28.49
C GLU E 51 -17.88 -50.36 27.75
N HIS E 52 -18.26 -49.82 26.58
CA HIS E 52 -19.30 -50.46 25.79
C HIS E 52 -18.96 -50.35 24.30
N SER E 53 -19.48 -51.30 23.53
CA SER E 53 -19.25 -51.32 22.10
C SER E 53 -20.05 -50.22 21.41
N ASP E 54 -19.77 -50.03 20.13
CA ASP E 54 -20.50 -49.04 19.33
C ASP E 54 -21.88 -49.56 18.98
N LEU E 55 -22.82 -48.63 18.83
CA LEU E 55 -24.21 -49.00 18.59
C LEU E 55 -24.37 -49.65 17.22
N SER E 56 -25.04 -50.81 17.20
CA SER E 56 -25.39 -51.47 15.96
C SER E 56 -26.73 -52.16 16.18
N PHE E 57 -27.28 -52.73 15.10
CA PHE E 57 -28.57 -53.39 15.17
C PHE E 57 -28.56 -54.64 14.31
N SER E 58 -29.60 -55.45 14.48
CA SER E 58 -29.73 -56.73 13.82
C SER E 58 -30.62 -56.58 12.58
N LYS E 59 -31.01 -57.71 11.99
CA LYS E 59 -31.84 -57.67 10.79
C LYS E 59 -33.21 -57.07 11.09
N ASP E 60 -33.77 -57.37 12.25
CA ASP E 60 -35.06 -56.83 12.66
C ASP E 60 -34.97 -55.41 13.20
N TRP E 61 -33.84 -54.74 12.99
CA TRP E 61 -33.58 -53.35 13.39
C TRP E 61 -33.44 -53.20 14.91
N SER E 62 -33.44 -54.29 15.66
CA SER E 62 -33.28 -54.21 17.10
C SER E 62 -31.81 -54.04 17.46
N PHE E 63 -31.56 -53.13 18.40
CA PHE E 63 -30.20 -52.75 18.75
C PHE E 63 -29.55 -53.78 19.67
N TYR E 64 -28.22 -53.80 19.67
CA TYR E 64 -27.46 -54.63 20.60
C TYR E 64 -26.20 -53.88 21.02
N LEU E 65 -25.81 -54.10 22.28
CA LEU E 65 -24.65 -53.46 22.87
C LEU E 65 -23.95 -54.45 23.78
N LEU E 66 -22.62 -54.33 23.87
CA LEU E 66 -21.80 -55.14 24.77
C LEU E 66 -21.15 -54.22 25.79
N TYR E 67 -21.52 -54.34 27.05
CA TYR E 67 -20.90 -53.61 28.14
C TYR E 67 -19.92 -54.55 28.84
N TYR E 68 -18.65 -54.14 28.90
CA TYR E 68 -17.58 -54.99 29.41
C TYR E 68 -16.64 -54.22 30.32
N THR E 69 -16.00 -54.95 31.24
CA THR E 69 -14.93 -54.40 32.07
C THR E 69 -13.98 -55.53 32.47
N GLU E 70 -12.69 -55.22 32.52
CA GLU E 70 -11.71 -56.17 33.03
C GLU E 70 -11.89 -56.34 34.54
N PHE E 71 -11.88 -57.59 35.01
CA PHE E 71 -12.05 -57.87 36.43
C PHE E 71 -11.35 -59.18 36.79
N THR E 72 -11.15 -59.37 38.08
CA THR E 72 -10.58 -60.62 38.62
C THR E 72 -11.54 -61.23 39.62
N PRO E 73 -12.29 -62.26 39.25
CA PRO E 73 -13.32 -62.80 40.14
C PRO E 73 -12.72 -63.61 41.28
N THR E 74 -13.42 -63.59 42.41
CA THR E 74 -13.09 -64.38 43.59
C THR E 74 -14.24 -65.33 43.90
N GLU E 75 -14.07 -66.11 44.97
CA GLU E 75 -15.09 -67.08 45.35
C GLU E 75 -16.31 -66.40 45.95
N LYS E 76 -16.14 -65.22 46.54
CA LYS E 76 -17.23 -64.53 47.24
C LYS E 76 -17.77 -63.32 46.50
N ASP E 77 -17.06 -62.79 45.52
CA ASP E 77 -17.59 -61.66 44.76
C ASP E 77 -18.72 -62.16 43.87
N GLU E 78 -19.87 -61.49 43.96
CA GLU E 78 -21.04 -61.81 43.16
C GLU E 78 -21.27 -60.68 42.18
N TYR E 79 -21.18 -60.98 40.89
CA TYR E 79 -21.35 -59.98 39.86
C TYR E 79 -22.73 -60.11 39.22
N ALA E 80 -23.21 -59.01 38.66
CA ALA E 80 -24.52 -58.97 38.03
C ALA E 80 -24.53 -57.83 37.01
N CYS E 81 -25.62 -57.74 36.27
CA CYS E 81 -25.81 -56.69 35.29
C CYS E 81 -27.19 -56.08 35.51
N ARG E 82 -27.23 -54.76 35.67
CA ARG E 82 -28.47 -54.02 35.87
C ARG E 82 -28.76 -53.22 34.61
N VAL E 83 -29.93 -53.47 34.01
CA VAL E 83 -30.33 -52.83 32.76
C VAL E 83 -31.65 -52.11 32.99
N ASN E 84 -31.73 -50.88 32.50
CA ASN E 84 -32.96 -50.09 32.57
C ASN E 84 -33.34 -49.66 31.16
N HIS E 85 -34.61 -49.80 30.82
CA HIS E 85 -35.10 -49.50 29.49
C HIS E 85 -36.52 -48.92 29.62
N VAL E 86 -37.01 -48.36 28.52
CA VAL E 86 -38.36 -47.81 28.54
C VAL E 86 -39.40 -48.93 28.64
N THR E 87 -39.08 -50.12 28.15
CA THR E 87 -39.99 -51.26 28.21
C THR E 87 -40.04 -51.91 29.59
N LEU E 88 -39.12 -51.56 30.49
CA LEU E 88 -39.06 -52.14 31.82
C LEU E 88 -39.72 -51.20 32.81
N SER E 89 -40.68 -51.72 33.60
CA SER E 89 -41.28 -50.91 34.63
C SER E 89 -40.29 -50.55 35.73
N GLN E 90 -39.19 -51.28 35.84
CA GLN E 90 -38.13 -51.00 36.80
C GLN E 90 -36.89 -51.76 36.35
N PRO E 91 -35.70 -51.32 36.76
CA PRO E 91 -34.46 -51.91 36.21
C PRO E 91 -34.35 -53.41 36.47
N LYS E 92 -34.08 -54.16 35.41
CA LYS E 92 -33.86 -55.60 35.49
C LYS E 92 -32.44 -55.88 35.92
N ILE E 93 -32.27 -56.81 36.85
CA ILE E 93 -30.95 -57.19 37.35
C ILE E 93 -30.77 -58.69 37.10
N VAL E 94 -29.73 -59.04 36.35
CA VAL E 94 -29.41 -60.43 36.02
C VAL E 94 -28.07 -60.76 36.66
N LYS E 95 -28.07 -61.74 37.57
CA LYS E 95 -26.84 -62.14 38.23
C LYS E 95 -26.02 -63.08 37.34
N TRP E 96 -24.72 -63.10 37.58
CA TRP E 96 -23.77 -63.84 36.77
C TRP E 96 -23.59 -65.24 37.32
N ASP E 97 -23.82 -66.25 36.47
CA ASP E 97 -23.61 -67.65 36.81
C ASP E 97 -22.44 -68.18 36.02
N ARG E 98 -21.50 -68.84 36.71
CA ARG E 98 -20.28 -69.32 36.06
C ARG E 98 -20.53 -70.61 35.30
N ASP E 99 -21.47 -71.44 35.75
CA ASP E 99 -21.74 -72.73 35.12
C ASP E 99 -22.67 -72.57 33.92
N ILE F 1 -15.59 -48.56 1.58
CA ILE F 1 -15.73 -47.16 1.94
C ILE F 1 -17.22 -46.79 2.02
N LEU F 2 -17.50 -45.57 2.47
CA LEU F 2 -18.86 -45.12 2.68
C LEU F 2 -19.52 -44.73 1.36
N LYS F 3 -20.82 -44.98 1.27
CA LYS F 3 -21.60 -44.55 0.11
C LYS F 3 -21.70 -43.04 0.07
N GLU F 4 -21.41 -42.46 -1.09
CA GLU F 4 -21.40 -41.01 -1.24
C GLU F 4 -22.79 -40.44 -1.04
N PRO F 5 -23.01 -39.60 -0.03
CA PRO F 5 -24.31 -38.93 0.10
C PRO F 5 -24.47 -37.87 -0.98
N VAL F 6 -25.65 -37.81 -1.56
CA VAL F 6 -25.97 -36.85 -2.61
C VAL F 6 -26.67 -35.65 -1.99
N HIS F 7 -26.19 -34.45 -2.32
CA HIS F 7 -26.78 -33.23 -1.79
C HIS F 7 -28.17 -33.03 -2.39
N GLY F 8 -29.19 -33.04 -1.53
CA GLY F 8 -30.55 -32.82 -1.96
C GLY F 8 -31.45 -34.04 -1.84
N VAL F 9 -30.88 -35.23 -1.77
CA VAL F 9 -31.68 -36.43 -1.57
C VAL F 9 -31.91 -36.61 -0.08
N TYR F 10 -33.18 -36.72 0.30
CA TYR F 10 -33.56 -36.98 1.68
C TYR F 10 -34.62 -38.06 1.70
N TYR F 11 -35.21 -38.30 2.86
CA TYR F 11 -36.33 -39.21 2.95
C TYR F 11 -37.63 -38.43 2.71
N SER G 1 36.28 16.41 -5.69
CA SER G 1 37.48 15.67 -6.07
C SER G 1 38.60 15.91 -5.06
N HIS G 2 38.60 17.08 -4.44
CA HIS G 2 39.55 17.41 -3.39
C HIS G 2 38.85 18.25 -2.35
N SER G 3 39.04 17.93 -1.07
CA SER G 3 38.31 18.60 -0.01
C SER G 3 39.13 18.60 1.27
N MET G 4 38.85 19.58 2.12
CA MET G 4 39.29 19.59 3.50
C MET G 4 38.05 19.71 4.39
N ARG G 5 38.00 18.90 5.44
CA ARG G 5 36.80 18.83 6.28
C ARG G 5 37.20 18.77 7.75
N TYR G 6 36.48 19.53 8.57
CA TYR G 6 36.63 19.48 10.01
C TYR G 6 35.34 18.97 10.63
N PHE G 7 35.47 18.16 11.69
CA PHE G 7 34.34 17.54 12.35
C PHE G 7 34.44 17.83 13.84
N TYR G 8 33.45 18.54 14.37
CA TYR G 8 33.38 18.83 15.81
C TYR G 8 32.32 17.96 16.46
N THR G 9 32.62 17.46 17.65
CA THR G 9 31.67 16.67 18.45
C THR G 9 31.77 17.10 19.91
N ALA G 10 30.81 17.91 20.36
CA ALA G 10 30.73 18.35 21.74
C ALA G 10 29.59 17.63 22.43
N VAL G 11 29.89 16.97 23.55
CA VAL G 11 28.92 16.15 24.27
C VAL G 11 28.87 16.61 25.71
N SER G 12 27.71 17.10 26.14
CA SER G 12 27.56 17.48 27.54
C SER G 12 27.48 16.24 28.42
N ARG G 13 28.04 16.36 29.61
CA ARG G 13 28.11 15.24 30.56
C ARG G 13 27.54 15.70 31.89
N PRO G 14 26.34 15.24 32.26
CA PRO G 14 25.72 15.72 33.51
C PRO G 14 26.54 15.43 34.76
N GLY G 15 27.38 14.39 34.74
CA GLY G 15 28.20 14.06 35.89
C GLY G 15 29.32 15.05 36.13
N GLU G 18 31.79 18.62 33.17
CA GLU G 18 32.27 19.42 32.03
C GLU G 18 32.16 18.60 30.74
N PRO G 19 31.63 19.19 29.67
CA PRO G 19 31.48 18.47 28.41
C PRO G 19 32.83 18.15 27.77
N ARG G 20 32.76 17.25 26.80
CA ARG G 20 33.93 16.78 26.06
C ARG G 20 33.84 17.27 24.62
N PHE G 21 34.83 18.06 24.20
CA PHE G 21 34.94 18.55 22.84
C PHE G 21 36.04 17.77 22.14
N ILE G 22 35.69 17.03 21.09
CA ILE G 22 36.64 16.26 20.30
C ILE G 22 36.49 16.66 18.84
N ALA G 23 37.60 17.00 18.21
CA ALA G 23 37.61 17.48 16.83
C ALA G 23 38.67 16.76 16.02
N VAL G 24 38.35 16.45 14.76
CA VAL G 24 39.27 15.83 13.84
C VAL G 24 39.18 16.54 12.50
N GLY G 25 40.26 16.49 11.74
CA GLY G 25 40.31 17.12 10.43
C GLY G 25 40.77 16.15 9.37
N TYR G 26 40.19 16.27 8.19
CA TYR G 26 40.49 15.38 7.07
C TYR G 26 40.85 16.20 5.84
N VAL G 27 41.76 15.64 5.04
CA VAL G 27 41.98 16.05 3.66
C VAL G 27 41.66 14.83 2.80
N ASP G 28 40.62 14.95 1.97
CA ASP G 28 40.04 13.81 1.28
C ASP G 28 39.65 12.73 2.29
N ASP G 29 40.31 11.57 2.26
CA ASP G 29 39.98 10.47 3.15
C ASP G 29 41.12 10.15 4.13
N THR G 30 41.94 11.15 4.45
CA THR G 30 43.07 10.97 5.35
C THR G 30 42.97 11.98 6.48
N GLN G 31 42.93 11.48 7.72
CA GLN G 31 42.95 12.37 8.88
C GLN G 31 44.34 12.96 9.06
N PHE G 32 44.38 14.22 9.50
CA PHE G 32 45.65 14.89 9.75
C PHE G 32 45.74 15.61 11.08
N VAL G 33 44.64 15.79 11.80
CA VAL G 33 44.67 16.52 13.06
C VAL G 33 43.61 15.93 13.99
N ARG G 34 43.89 16.00 15.29
CA ARG G 34 43.00 15.49 16.31
C ARG G 34 43.10 16.38 17.55
N PHE G 35 41.95 16.64 18.17
CA PHE G 35 41.91 17.42 19.41
C PHE G 35 40.89 16.80 20.34
N ASP G 36 41.29 16.60 21.59
CA ASP G 36 40.44 15.99 22.62
C ASP G 36 40.53 16.83 23.89
N SER G 37 39.41 17.41 24.30
CA SER G 37 39.38 18.23 25.50
C SER G 37 39.60 17.43 26.78
N ASP G 38 39.58 16.10 26.72
CA ASP G 38 39.76 15.26 27.90
C ASP G 38 41.20 14.80 28.09
N ALA G 39 42.14 15.38 27.36
CA ALA G 39 43.53 15.03 27.57
C ALA G 39 44.06 15.70 28.84
N ALA G 40 45.20 15.21 29.31
CA ALA G 40 45.84 15.80 30.48
C ALA G 40 46.06 17.30 30.29
N SER G 41 46.80 17.66 29.24
CA SER G 41 46.92 19.04 28.78
C SER G 41 46.47 19.07 27.33
N PRO G 42 45.21 19.40 27.05
CA PRO G 42 44.70 19.30 25.68
C PRO G 42 45.53 20.12 24.70
N ARG G 43 45.74 19.54 23.51
CA ARG G 43 46.58 20.15 22.50
C ARG G 43 46.28 19.52 21.15
N GLY G 44 46.25 20.33 20.10
CA GLY G 44 46.08 19.82 18.76
C GLY G 44 47.22 18.92 18.35
N GLU G 45 46.90 17.69 17.91
CA GLU G 45 47.93 16.71 17.65
C GLU G 45 47.90 16.25 16.19
N PRO G 46 49.06 16.03 15.59
CA PRO G 46 49.09 15.57 14.19
C PRO G 46 48.75 14.09 14.05
N ARG G 47 48.08 13.77 12.96
CA ARG G 47 47.74 12.39 12.61
C ARG G 47 48.19 12.03 11.20
N ALA G 48 48.95 12.89 10.54
CA ALA G 48 49.50 12.64 9.22
C ALA G 48 50.91 13.20 9.15
N PRO G 49 51.80 12.56 8.38
CA PRO G 49 53.19 13.05 8.35
C PRO G 49 53.34 14.42 7.72
N TRP G 50 52.54 14.76 6.72
CA TRP G 50 52.70 16.03 6.04
C TRP G 50 52.24 17.23 6.87
N VAL G 51 51.82 17.01 8.11
CA VAL G 51 51.50 18.12 9.00
C VAL G 51 52.35 18.12 10.27
N GLU G 52 53.05 17.04 10.61
CA GLU G 52 53.98 17.08 11.73
C GLU G 52 55.17 17.98 11.45
N GLN G 53 55.47 18.22 10.17
CA GLN G 53 56.59 19.05 9.77
C GLN G 53 56.26 20.54 9.76
N GLU G 54 55.12 20.93 10.34
CA GLU G 54 54.69 22.32 10.27
C GLU G 54 55.33 23.18 11.36
N GLY G 55 55.77 22.58 12.47
CA GLY G 55 56.45 23.32 13.49
C GLY G 55 55.56 23.75 14.64
N PRO G 56 56.17 24.29 15.69
CA PRO G 56 55.37 24.66 16.87
C PRO G 56 54.48 25.87 16.65
N GLU G 57 54.90 26.83 15.81
CA GLU G 57 54.08 28.02 15.58
C GLU G 57 52.75 27.65 14.93
N TYR G 58 52.77 26.66 14.03
CA TYR G 58 51.52 26.17 13.44
C TYR G 58 50.63 25.53 14.49
N TRP G 59 51.21 24.68 15.33
CA TRP G 59 50.42 23.92 16.30
C TRP G 59 50.01 24.77 17.50
N ASP G 60 50.77 25.82 17.82
CA ASP G 60 50.32 26.75 18.85
C ASP G 60 49.09 27.52 18.39
N ARG G 61 49.07 27.91 17.12
CA ARG G 61 47.92 28.61 16.56
C ARG G 61 46.70 27.70 16.50
N GLU G 62 46.88 26.46 16.04
CA GLU G 62 45.78 25.51 16.00
C GLU G 62 45.26 25.21 17.39
N THR G 63 46.16 24.89 18.32
CA THR G 63 45.74 24.55 19.68
C THR G 63 44.95 25.68 20.34
N GLN G 64 45.35 26.93 20.10
CA GLN G 64 44.59 28.05 20.65
C GLN G 64 43.16 28.06 20.12
N LYS G 65 42.99 27.83 18.81
CA LYS G 65 41.67 27.85 18.21
C LYS G 65 40.81 26.71 18.73
N TYR G 66 41.38 25.51 18.86
CA TYR G 66 40.63 24.38 19.40
C TYR G 66 40.13 24.67 20.81
N LYS G 67 41.03 25.14 21.68
CA LYS G 67 40.64 25.42 23.05
C LYS G 67 39.63 26.55 23.13
N ARG G 68 39.76 27.56 22.27
CA ARG G 68 38.77 28.64 22.26
C ARG G 68 37.46 28.16 21.66
N GLN G 69 37.51 27.32 20.63
CA GLN G 69 36.29 26.77 20.06
C GLN G 69 35.60 25.83 21.05
N ALA G 70 36.38 25.09 21.84
CA ALA G 70 35.81 24.17 22.82
C ALA G 70 35.07 24.92 23.93
N GLN G 71 35.62 26.06 24.36
CA GLN G 71 34.92 26.88 25.35
C GLN G 71 33.61 27.41 24.80
N ALA G 72 33.57 27.73 23.50
CA ALA G 72 32.34 28.26 22.91
C ALA G 72 31.28 27.18 22.78
N ASP G 73 31.67 25.98 22.32
CA ASP G 73 30.69 24.91 22.17
C ASP G 73 30.10 24.45 23.49
N ARG G 74 30.79 24.72 24.60
CA ARG G 74 30.24 24.37 25.90
C ARG G 74 29.11 25.30 26.29
N VAL G 75 29.27 26.60 26.06
CA VAL G 75 28.20 27.53 26.33
C VAL G 75 27.05 27.27 25.37
N SER G 76 27.38 26.95 24.12
CA SER G 76 26.37 26.64 23.12
C SER G 76 25.55 25.43 23.52
N LEU G 77 26.19 24.41 24.10
CA LEU G 77 25.45 23.25 24.58
C LEU G 77 24.44 23.66 25.65
N ARG G 78 24.79 24.64 26.47
CA ARG G 78 23.86 25.13 27.49
C ARG G 78 22.77 26.00 26.90
N ASN G 79 23.10 26.79 25.87
CA ASN G 79 22.08 27.59 25.20
C ASN G 79 21.08 26.69 24.49
N LEU G 80 21.57 25.68 23.77
CA LEU G 80 20.69 24.74 23.07
C LEU G 80 19.77 24.01 24.04
N ARG G 81 20.31 23.59 25.18
CA ARG G 81 19.49 22.95 26.21
C ARG G 81 18.38 23.88 26.68
N GLY G 82 18.65 25.19 26.73
CA GLY G 82 17.62 26.14 27.13
C GLY G 82 16.57 26.38 26.07
N TYR G 83 16.94 26.25 24.79
CA TYR G 83 15.97 26.43 23.71
C TYR G 83 14.86 25.39 23.79
N TYR G 84 15.21 24.15 24.12
CA TYR G 84 14.25 23.04 24.11
C TYR G 84 13.71 22.71 25.49
N ASN G 85 14.05 23.49 26.51
CA ASN G 85 13.60 23.27 27.89
C ASN G 85 13.95 21.87 28.36
N GLN G 86 15.23 21.54 28.28
CA GLN G 86 15.74 20.23 28.63
C GLN G 86 16.43 20.28 29.98
N SER G 87 16.29 19.20 30.76
CA SER G 87 16.92 19.10 32.05
C SER G 87 18.44 18.96 31.89
N GLU G 88 19.14 19.11 33.01
CA GLU G 88 20.60 19.00 33.02
C GLU G 88 21.05 17.62 33.51
N ALA G 89 20.14 16.65 33.61
CA ALA G 89 20.50 15.28 33.95
C ALA G 89 20.66 14.40 32.72
N GLY G 90 20.55 14.98 31.52
CA GLY G 90 20.67 14.22 30.29
C GLY G 90 21.81 14.74 29.43
N SER G 91 22.50 13.82 28.76
CA SER G 91 23.59 14.17 27.88
C SER G 91 23.07 14.52 26.49
N HIS G 92 23.65 15.55 25.89
CA HIS G 92 23.24 16.01 24.57
C HIS G 92 24.48 16.19 23.69
N THR G 93 24.27 16.14 22.39
CA THR G 93 25.35 16.09 21.41
C THR G 93 25.20 17.23 20.41
N LEU G 94 26.27 18.00 20.24
CA LEU G 94 26.36 19.05 19.24
C LEU G 94 27.45 18.68 18.24
N GLN G 95 27.09 18.55 16.97
CA GLN G 95 28.01 18.18 15.91
C GLN G 95 28.09 19.29 14.88
N ARG G 96 29.29 19.50 14.33
CA ARG G 96 29.49 20.52 13.31
C ARG G 96 30.49 20.00 12.28
N MET G 97 30.19 20.23 11.01
CA MET G 97 31.06 19.86 9.92
C MET G 97 31.15 21.01 8.93
N TYR G 98 32.38 21.42 8.61
CA TYR G 98 32.61 22.48 7.64
C TYR G 98 33.85 22.17 6.83
N GLY G 99 33.99 22.86 5.71
CA GLY G 99 35.13 22.66 4.85
C GLY G 99 34.89 23.25 3.47
N CYS G 100 35.78 22.88 2.56
CA CYS G 100 35.80 23.44 1.21
C CYS G 100 36.14 22.36 0.20
N ASP G 101 35.66 22.55 -1.03
CA ASP G 101 35.91 21.65 -2.15
C ASP G 101 36.70 22.38 -3.23
N LEU G 102 37.72 21.73 -3.75
CA LEU G 102 38.56 22.33 -4.78
C LEU G 102 37.91 22.16 -6.14
N GLY G 103 37.84 23.25 -6.90
CA GLY G 103 37.38 23.21 -8.26
C GLY G 103 38.47 22.74 -9.20
N PRO G 104 38.07 22.40 -10.43
CA PRO G 104 39.06 21.99 -11.43
C PRO G 104 40.11 23.05 -11.71
N ASP G 105 39.74 24.33 -11.60
CA ASP G 105 40.70 25.42 -11.77
C ASP G 105 41.62 25.60 -10.56
N GLY G 106 41.29 24.99 -9.42
CA GLY G 106 42.07 25.13 -8.22
C GLY G 106 41.46 26.01 -7.16
N ARG G 107 40.36 26.71 -7.46
CA ARG G 107 39.70 27.58 -6.51
C ARG G 107 38.49 26.87 -5.90
N LEU G 108 37.79 27.58 -5.03
CA LEU G 108 36.67 26.99 -4.30
C LEU G 108 35.56 26.55 -5.26
N LEU G 109 35.19 25.27 -5.14
CA LEU G 109 34.06 24.72 -5.88
C LEU G 109 32.77 24.86 -5.08
N ARG G 110 32.80 24.47 -3.81
CA ARG G 110 31.64 24.57 -2.93
C ARG G 110 32.12 24.73 -1.49
N GLY G 111 31.44 25.58 -0.74
CA GLY G 111 31.73 25.77 0.67
C GLY G 111 30.50 25.49 1.51
N TYR G 112 30.72 25.11 2.77
CA TYR G 112 29.63 24.67 3.62
C TYR G 112 30.04 24.70 5.08
N ASP G 113 29.05 24.88 5.95
CA ASP G 113 29.25 24.85 7.39
C ASP G 113 27.91 24.41 8.00
N GLN G 114 27.82 23.15 8.40
CA GLN G 114 26.58 22.57 8.89
C GLN G 114 26.74 22.11 10.33
N SER G 115 25.63 22.11 11.06
CA SER G 115 25.65 21.72 12.47
C SER G 115 24.44 20.82 12.75
N ALA G 116 24.52 20.10 13.86
CA ALA G 116 23.45 19.19 14.26
C ALA G 116 23.37 19.13 15.77
N TYR G 117 22.15 19.02 16.29
CA TYR G 117 21.90 18.86 17.71
C TYR G 117 21.13 17.57 17.95
N ASP G 118 21.68 16.70 18.80
CA ASP G 118 21.04 15.44 19.17
C ASP G 118 20.70 14.59 17.94
N GLY G 119 21.64 14.54 16.98
CA GLY G 119 21.50 13.69 15.82
C GLY G 119 20.79 14.34 14.64
N LYS G 120 19.84 15.24 14.89
CA LYS G 120 19.09 15.88 13.83
C LYS G 120 19.76 17.16 13.37
N ASP G 121 19.49 17.55 12.12
CA ASP G 121 20.05 18.78 11.58
C ASP G 121 19.57 19.97 12.38
N TYR G 122 20.45 20.96 12.54
CA TYR G 122 20.12 22.17 13.28
C TYR G 122 20.19 23.40 12.37
N ILE G 123 21.38 23.81 11.94
CA ILE G 123 21.54 24.95 11.06
C ILE G 123 22.66 24.64 10.08
N ALA G 124 22.57 25.23 8.89
CA ALA G 124 23.54 24.96 7.83
C ALA G 124 23.77 26.24 7.03
N LEU G 125 25.03 26.44 6.63
CA LEU G 125 25.38 27.57 5.78
C LEU G 125 24.99 27.26 4.34
N ASN G 126 24.22 28.16 3.74
CA ASN G 126 23.75 27.93 2.38
C ASN G 126 24.93 27.99 1.41
N GLU G 127 24.67 27.49 0.19
CA GLU G 127 25.75 27.36 -0.79
C GLU G 127 26.24 28.71 -1.29
N ASP G 128 25.38 29.74 -1.26
CA ASP G 128 25.80 31.08 -1.64
C ASP G 128 26.71 31.71 -0.60
N LEU G 129 26.90 31.08 0.56
CA LEU G 129 27.78 31.55 1.63
C LEU G 129 27.37 32.92 2.17
N ARG G 130 26.10 33.29 1.98
CA ARG G 130 25.60 34.56 2.48
C ARG G 130 24.34 34.42 3.33
N SER G 131 23.82 33.20 3.48
CA SER G 131 22.59 32.97 4.22
C SER G 131 22.69 31.65 4.96
N TRP G 132 21.71 31.41 5.83
CA TRP G 132 21.63 30.18 6.60
C TRP G 132 20.29 29.51 6.38
N THR G 133 20.23 28.21 6.67
CA THR G 133 19.00 27.43 6.64
C THR G 133 18.81 26.82 8.03
N ALA G 134 17.71 27.17 8.69
CA ALA G 134 17.42 26.68 10.04
C ALA G 134 16.44 25.52 9.97
N ALA G 135 16.68 24.51 10.81
CA ALA G 135 15.83 23.33 10.80
C ALA G 135 14.54 23.54 11.56
N ASP G 136 14.64 23.97 12.82
CA ASP G 136 13.47 24.22 13.66
C ASP G 136 13.47 25.68 14.13
N THR G 137 12.51 26.00 15.00
CA THR G 137 12.40 27.35 15.51
C THR G 137 13.60 27.74 16.38
N ALA G 138 14.14 26.78 17.12
CA ALA G 138 15.31 27.07 17.96
C ALA G 138 16.49 27.51 17.12
N ALA G 139 16.70 26.85 15.97
CA ALA G 139 17.78 27.22 15.06
C ALA G 139 17.57 28.60 14.44
N GLN G 140 16.32 29.06 14.35
CA GLN G 140 16.07 30.40 13.85
C GLN G 140 16.57 31.45 14.84
N ILE G 141 16.58 31.12 16.14
CA ILE G 141 17.23 31.98 17.12
C ILE G 141 18.72 32.04 16.86
N THR G 142 19.33 30.88 16.56
CA THR G 142 20.74 30.84 16.23
C THR G 142 21.03 31.62 14.95
N GLN G 143 20.14 31.52 13.97
CA GLN G 143 20.34 32.22 12.71
C GLN G 143 20.33 33.73 12.90
N ARG G 144 19.42 34.23 13.76
CA ARG G 144 19.36 35.67 14.00
C ARG G 144 20.60 36.16 14.73
N LYS G 145 21.15 35.34 15.62
CA LYS G 145 22.39 35.71 16.30
C LYS G 145 23.55 35.78 15.31
N TRP G 146 23.69 34.76 14.47
CA TRP G 146 24.79 34.72 13.53
C TRP G 146 24.63 35.79 12.45
N GLU G 147 23.39 36.06 12.03
CA GLU G 147 23.16 37.13 11.06
C GLU G 147 23.53 38.48 11.65
N ALA G 148 23.23 38.68 12.94
CA ALA G 148 23.61 39.93 13.59
C ALA G 148 25.12 40.02 13.81
N ALA G 149 25.77 38.89 14.07
CA ALA G 149 27.22 38.87 14.25
C ALA G 149 27.99 38.85 12.94
N ARG G 150 27.28 38.90 11.81
CA ARG G 150 27.91 38.84 10.48
C ARG G 150 28.78 37.60 10.34
N GLU G 151 28.31 36.49 10.90
CA GLU G 151 29.06 35.25 10.86
C GLU G 151 29.13 34.67 9.45
N ALA G 152 28.21 35.05 8.57
CA ALA G 152 28.22 34.50 7.22
C ALA G 152 29.41 35.00 6.42
N GLU G 153 29.72 36.30 6.50
CA GLU G 153 30.87 36.82 5.80
C GLU G 153 32.18 36.38 6.43
N GLN G 154 32.17 36.04 7.73
CA GLN G 154 33.35 35.46 8.37
C GLN G 154 33.68 34.09 7.77
N TRP G 155 32.64 33.32 7.44
CA TRP G 155 32.86 32.01 6.85
C TRP G 155 33.26 32.10 5.39
N ARG G 156 32.74 33.06 4.65
CA ARG G 156 33.18 33.23 3.27
C ARG G 156 34.68 33.48 3.21
N ALA G 157 35.18 34.32 4.11
CA ALA G 157 36.62 34.60 4.17
C ALA G 157 37.41 33.33 4.44
N TYR G 158 36.88 32.47 5.30
CA TYR G 158 37.58 31.22 5.59
C TYR G 158 37.44 30.25 4.42
N LEU G 159 36.20 30.02 3.97
CA LEU G 159 35.95 29.00 2.96
C LEU G 159 36.51 29.39 1.60
N GLU G 160 36.24 30.61 1.13
CA GLU G 160 36.75 31.01 -0.17
C GLU G 160 38.25 31.26 -0.14
N GLY G 161 38.78 31.64 1.02
CA GLY G 161 40.18 31.99 1.07
C GLY G 161 41.02 31.00 1.85
N THR G 162 41.01 31.12 3.18
CA THR G 162 41.92 30.34 4.00
C THR G 162 41.76 28.84 3.80
N CYS G 163 40.52 28.36 3.68
CA CYS G 163 40.29 26.94 3.53
C CYS G 163 40.93 26.43 2.23
N VAL G 164 40.71 27.13 1.12
CA VAL G 164 41.26 26.70 -0.16
C VAL G 164 42.78 26.82 -0.18
N GLU G 165 43.31 27.91 0.37
CA GLU G 165 44.76 28.15 0.38
C GLU G 165 45.49 27.04 1.12
N TRP G 166 45.00 26.69 2.32
CA TRP G 166 45.68 25.67 3.11
C TRP G 166 45.40 24.27 2.59
N LEU G 167 44.27 24.06 1.93
CA LEU G 167 44.04 22.76 1.29
C LEU G 167 45.06 22.52 0.18
N ARG G 168 45.34 23.54 -0.63
CA ARG G 168 46.37 23.42 -1.66
C ARG G 168 47.72 23.12 -1.04
N ARG G 169 48.03 23.78 0.09
CA ARG G 169 49.31 23.58 0.75
C ARG G 169 49.43 22.16 1.29
N TYR G 170 48.35 21.62 1.87
CA TYR G 170 48.39 20.25 2.37
C TYR G 170 48.58 19.26 1.22
N LEU G 171 47.93 19.52 0.09
CA LEU G 171 48.06 18.61 -1.06
C LEU G 171 49.47 18.62 -1.64
N GLU G 172 50.22 19.72 -1.44
CA GLU G 172 51.58 19.78 -1.96
C GLU G 172 52.57 19.14 -0.99
N ASN G 173 52.44 19.42 0.31
CA ASN G 173 53.30 18.78 1.30
C ASN G 173 53.08 17.27 1.35
N GLY G 174 51.91 16.80 0.93
CA GLY G 174 51.59 15.40 1.00
C GLY G 174 51.23 14.77 -0.34
N LYS G 175 51.87 15.21 -1.42
CA LYS G 175 51.61 14.61 -2.73
C LYS G 175 51.87 13.11 -2.71
N GLU G 176 52.83 12.66 -1.90
CA GLU G 176 53.12 11.24 -1.77
C GLU G 176 51.90 10.46 -1.29
N THR G 177 51.09 11.06 -0.41
CA THR G 177 49.96 10.38 0.20
C THR G 177 48.60 10.87 -0.27
N LEU G 178 48.46 12.16 -0.56
CA LEU G 178 47.16 12.71 -0.91
C LEU G 178 46.83 12.55 -2.38
N GLN G 179 47.78 12.84 -3.26
CA GLN G 179 47.59 12.79 -4.71
C GLN G 179 47.96 11.43 -5.28
N ARG G 180 47.96 10.38 -4.47
CA ARG G 180 48.17 9.02 -4.92
C ARG G 180 46.84 8.29 -5.07
N ALA G 181 46.89 7.13 -5.72
CA ALA G 181 45.71 6.31 -5.90
C ALA G 181 46.14 4.85 -5.82
N GLU G 182 45.56 4.11 -4.88
CA GLU G 182 45.82 2.69 -4.72
C GLU G 182 44.71 1.92 -5.42
N HIS G 183 45.06 1.21 -6.50
CA HIS G 183 44.09 0.37 -7.15
C HIS G 183 43.72 -0.79 -6.21
N PRO G 184 42.45 -1.20 -6.18
CA PRO G 184 42.06 -2.28 -5.27
C PRO G 184 42.54 -3.63 -5.76
N LYS G 185 43.03 -4.45 -4.83
CA LYS G 185 43.32 -5.85 -5.11
C LYS G 185 42.04 -6.66 -4.92
N THR G 186 41.70 -7.44 -5.94
CA THR G 186 40.36 -7.99 -6.07
C THR G 186 40.41 -9.50 -6.30
N HIS G 187 39.41 -10.18 -5.75
CA HIS G 187 39.20 -11.60 -5.97
C HIS G 187 37.73 -11.92 -5.70
N VAL G 188 37.30 -13.09 -6.16
CA VAL G 188 35.92 -13.54 -6.01
C VAL G 188 35.91 -14.83 -5.20
N THR G 189 35.07 -14.89 -4.17
CA THR G 189 34.92 -16.06 -3.32
C THR G 189 33.60 -16.75 -3.61
N HIS G 190 33.58 -18.07 -3.48
CA HIS G 190 32.41 -18.89 -3.76
C HIS G 190 32.12 -19.77 -2.55
N HIS G 191 30.86 -19.75 -2.09
CA HIS G 191 30.47 -20.54 -0.93
C HIS G 191 29.05 -21.07 -1.13
N PRO G 192 28.84 -22.38 -1.04
CA PRO G 192 27.48 -22.91 -1.14
C PRO G 192 26.66 -22.52 0.08
N VAL G 193 25.37 -22.29 -0.15
CA VAL G 193 24.45 -21.94 0.94
C VAL G 193 23.33 -22.98 1.03
N SER G 194 22.93 -23.56 -0.10
CA SER G 194 21.88 -24.57 -0.12
C SER G 194 22.32 -25.70 -1.04
N ASP G 195 21.38 -26.61 -1.30
CA ASP G 195 21.56 -27.66 -2.30
C ASP G 195 21.25 -27.16 -3.71
N HIS G 196 21.01 -25.86 -3.84
CA HIS G 196 20.69 -25.27 -5.13
C HIS G 196 21.19 -23.85 -5.28
N GLU G 197 21.90 -23.30 -4.29
CA GLU G 197 22.34 -21.91 -4.33
C GLU G 197 23.73 -21.78 -3.74
N ALA G 198 24.43 -20.72 -4.17
CA ALA G 198 25.75 -20.40 -3.68
C ALA G 198 25.94 -18.89 -3.77
N THR G 199 26.75 -18.35 -2.85
CA THR G 199 27.01 -16.92 -2.79
C THR G 199 28.35 -16.58 -3.40
N LEU G 200 28.35 -15.63 -4.33
CA LEU G 200 29.57 -15.12 -4.95
C LEU G 200 29.87 -13.74 -4.37
N ARG G 201 30.99 -13.61 -3.67
CA ARG G 201 31.39 -12.36 -3.03
C ARG G 201 32.59 -11.79 -3.76
N CYS G 202 32.43 -10.57 -4.27
CA CYS G 202 33.49 -9.87 -5.00
C CYS G 202 34.20 -8.92 -4.05
N TRP G 203 35.50 -9.12 -3.87
CA TRP G 203 36.28 -8.38 -2.88
C TRP G 203 37.09 -7.26 -3.52
N ALA G 204 37.29 -6.19 -2.75
CA ALA G 204 38.13 -5.07 -3.16
C ALA G 204 38.85 -4.55 -1.91
N LEU G 205 40.16 -4.77 -1.84
CA LEU G 205 40.92 -4.51 -0.62
C LEU G 205 42.04 -3.52 -0.87
N GLY G 206 42.34 -2.72 0.17
CA GLY G 206 43.48 -1.84 0.19
C GLY G 206 43.52 -0.78 -0.91
N PHE G 207 42.45 -0.01 -1.05
CA PHE G 207 42.36 1.01 -2.09
C PHE G 207 42.20 2.39 -1.44
N TYR G 208 42.63 3.42 -2.19
CA TYR G 208 42.51 4.81 -1.79
C TYR G 208 42.37 5.64 -3.06
N PRO G 209 41.45 6.61 -3.08
CA PRO G 209 40.50 7.01 -2.03
C PRO G 209 39.37 6.01 -1.82
N ALA G 210 38.42 6.32 -0.94
CA ALA G 210 37.39 5.37 -0.57
C ALA G 210 36.32 5.18 -1.64
N GLU G 211 36.14 6.17 -2.51
CA GLU G 211 35.12 6.07 -3.56
C GLU G 211 35.43 4.90 -4.49
N ILE G 212 34.48 3.97 -4.60
CA ILE G 212 34.64 2.78 -5.43
C ILE G 212 33.25 2.29 -5.82
N THR G 213 33.18 1.50 -6.88
CA THR G 213 31.92 0.94 -7.36
C THR G 213 32.08 -0.54 -7.62
N LEU G 214 31.34 -1.35 -6.87
CA LEU G 214 31.32 -2.80 -7.04
C LEU G 214 29.93 -3.20 -7.51
N THR G 215 29.85 -3.79 -8.71
CA THR G 215 28.59 -4.23 -9.27
C THR G 215 28.71 -5.66 -9.79
N TRP G 216 27.68 -6.45 -9.57
CA TRP G 216 27.59 -7.81 -10.09
C TRP G 216 26.69 -7.81 -11.32
N GLN G 217 27.07 -8.59 -12.32
CA GLN G 217 26.33 -8.67 -13.58
C GLN G 217 26.07 -10.12 -13.92
N ARG G 218 24.84 -10.41 -14.37
CA ARG G 218 24.47 -11.73 -14.85
C ARG G 218 24.15 -11.60 -16.33
N ASP G 219 24.99 -12.19 -17.18
CA ASP G 219 24.85 -12.11 -18.63
C ASP G 219 24.90 -10.67 -19.13
N GLY G 220 25.61 -9.80 -18.41
CA GLY G 220 25.77 -8.41 -18.82
C GLY G 220 24.78 -7.43 -18.22
N GLU G 221 23.81 -7.88 -17.43
CA GLU G 221 22.81 -7.01 -16.82
C GLU G 221 23.20 -6.66 -15.39
N ASP G 222 22.98 -5.40 -15.03
CA ASP G 222 23.53 -4.84 -13.79
C ASP G 222 23.12 -5.56 -12.52
N GLN G 223 22.05 -6.37 -12.55
CA GLN G 223 21.66 -7.20 -11.41
C GLN G 223 21.84 -6.52 -10.04
N THR G 224 21.60 -5.21 -9.98
CA THR G 224 21.93 -4.45 -8.78
C THR G 224 20.96 -4.73 -7.64
N GLN G 225 19.69 -5.02 -7.94
CA GLN G 225 18.70 -5.23 -6.89
C GLN G 225 19.02 -6.44 -6.03
N ASP G 226 19.71 -7.44 -6.56
CA ASP G 226 20.03 -8.64 -5.81
C ASP G 226 21.44 -8.64 -5.25
N THR G 227 22.20 -7.58 -5.45
CA THR G 227 23.56 -7.48 -4.93
C THR G 227 23.52 -6.88 -3.54
N GLU G 228 24.27 -7.48 -2.62
CA GLU G 228 24.48 -6.91 -1.29
C GLU G 228 25.86 -6.30 -1.25
N LEU G 229 25.94 -4.98 -1.38
CA LEU G 229 27.20 -4.28 -1.19
C LEU G 229 27.27 -3.82 0.26
N VAL G 230 28.37 -4.16 0.93
CA VAL G 230 28.55 -3.80 2.32
C VAL G 230 29.17 -2.42 2.41
N GLU G 231 29.00 -1.78 3.57
CA GLU G 231 29.58 -0.47 3.80
C GLU G 231 31.10 -0.52 3.69
N THR G 232 31.67 0.46 3.01
CA THR G 232 33.12 0.51 2.83
C THR G 232 33.80 0.62 4.18
N ARG G 233 34.73 -0.33 4.45
CA ARG G 233 35.39 -0.46 5.74
C ARG G 233 36.80 0.12 5.69
N PRO G 234 37.29 0.66 6.80
CA PRO G 234 38.69 1.10 6.85
C PRO G 234 39.60 -0.09 7.08
N ALA G 235 40.66 -0.18 6.28
CA ALA G 235 41.64 -1.25 6.46
C ALA G 235 42.49 -1.04 7.71
N GLY G 236 42.65 0.21 8.16
CA GLY G 236 43.47 0.53 9.30
C GLY G 236 44.85 1.07 8.93
N ASP G 237 45.25 0.98 7.67
CA ASP G 237 46.54 1.48 7.20
C ASP G 237 46.40 2.72 6.33
N GLY G 238 45.21 3.31 6.25
CA GLY G 238 44.97 4.44 5.39
C GLY G 238 44.17 4.12 4.14
N THR G 239 44.07 2.84 3.79
CA THR G 239 43.28 2.39 2.66
C THR G 239 41.96 1.82 3.16
N PHE G 240 41.14 1.34 2.23
CA PHE G 240 39.78 0.91 2.53
C PHE G 240 39.50 -0.46 1.93
N GLN G 241 38.41 -1.07 2.39
CA GLN G 241 37.97 -2.36 1.92
C GLN G 241 36.48 -2.31 1.64
N LYS G 242 36.02 -3.19 0.75
CA LYS G 242 34.60 -3.30 0.42
C LYS G 242 34.39 -4.60 -0.34
N TRP G 243 33.22 -5.20 -0.16
CA TRP G 243 32.83 -6.37 -0.93
C TRP G 243 31.36 -6.26 -1.33
N ALA G 244 31.03 -6.94 -2.42
CA ALA G 244 29.66 -7.03 -2.91
C ALA G 244 29.36 -8.49 -3.22
N ALA G 245 28.28 -9.00 -2.66
CA ALA G 245 27.92 -10.41 -2.79
C ALA G 245 26.55 -10.56 -3.43
N VAL G 246 26.38 -11.66 -4.15
CA VAL G 246 25.10 -12.01 -4.75
C VAL G 246 24.94 -13.53 -4.64
N VAL G 247 23.70 -13.97 -4.43
CA VAL G 247 23.39 -15.39 -4.32
C VAL G 247 22.99 -15.91 -5.69
N VAL G 248 23.66 -16.94 -6.16
CA VAL G 248 23.44 -17.45 -7.52
C VAL G 248 23.06 -18.93 -7.44
N PRO G 249 22.34 -19.46 -8.43
CA PRO G 249 22.01 -20.88 -8.40
C PRO G 249 23.23 -21.76 -8.60
N SER G 250 23.15 -22.99 -8.08
CA SER G 250 24.24 -23.94 -8.20
C SER G 250 24.38 -24.33 -9.67
N GLY G 251 25.57 -24.12 -10.23
CA GLY G 251 25.85 -24.51 -11.59
C GLY G 251 25.75 -23.39 -12.61
N GLU G 252 25.33 -22.20 -12.18
CA GLU G 252 25.28 -21.03 -13.06
C GLU G 252 26.19 -19.91 -12.55
N GLU G 253 27.21 -20.26 -11.76
CA GLU G 253 28.10 -19.24 -11.21
C GLU G 253 28.91 -18.54 -12.31
N GLN G 254 29.20 -19.24 -13.41
CA GLN G 254 29.97 -18.66 -14.49
C GLN G 254 29.15 -17.75 -15.40
N ARG G 255 27.89 -17.48 -15.03
CA ARG G 255 27.09 -16.48 -15.72
C ARG G 255 27.18 -15.12 -15.06
N TYR G 256 27.86 -15.03 -13.92
CA TYR G 256 27.95 -13.82 -13.12
C TYR G 256 29.37 -13.28 -13.18
N THR G 257 29.49 -11.99 -13.49
CA THR G 257 30.77 -11.31 -13.54
C THR G 257 30.74 -10.12 -12.61
N CYS G 258 31.88 -9.86 -11.97
CA CYS G 258 32.04 -8.70 -11.10
C CYS G 258 32.77 -7.59 -11.84
N HIS G 259 32.37 -6.35 -11.59
CA HIS G 259 32.95 -5.20 -12.24
C HIS G 259 33.35 -4.17 -11.20
N VAL G 260 34.64 -3.82 -11.18
CA VAL G 260 35.19 -2.90 -10.21
C VAL G 260 35.59 -1.61 -10.93
N GLN G 261 35.12 -0.48 -10.41
CA GLN G 261 35.46 0.83 -10.92
C GLN G 261 36.10 1.64 -9.80
N HIS G 262 37.31 2.12 -10.03
CA HIS G 262 38.02 2.90 -9.03
C HIS G 262 38.94 3.90 -9.73
N GLU G 263 39.28 4.96 -9.00
CA GLU G 263 40.14 6.00 -9.55
C GLU G 263 41.53 5.47 -9.89
N GLY G 264 42.06 4.58 -9.04
CA GLY G 264 43.37 4.00 -9.25
C GLY G 264 43.44 2.98 -10.37
N LEU G 265 42.30 2.53 -10.87
CA LEU G 265 42.29 1.58 -11.99
C LEU G 265 42.39 2.33 -13.31
N PRO G 266 43.27 1.91 -14.22
CA PRO G 266 43.26 2.52 -15.56
C PRO G 266 41.99 2.24 -16.33
N GLU G 267 41.44 1.03 -16.20
CA GLU G 267 40.19 0.62 -16.83
C GLU G 267 39.39 -0.19 -15.83
N PRO G 268 38.06 -0.17 -15.92
CA PRO G 268 37.24 -0.97 -15.01
C PRO G 268 37.56 -2.45 -15.13
N LEU G 269 37.79 -3.10 -13.99
CA LEU G 269 38.12 -4.51 -13.96
C LEU G 269 36.87 -5.37 -14.14
N THR G 270 37.06 -6.53 -14.75
CA THR G 270 36.02 -7.53 -14.86
C THR G 270 36.52 -8.81 -14.20
N LEU G 271 35.81 -9.26 -13.17
CA LEU G 271 36.21 -10.42 -12.39
C LEU G 271 35.23 -11.57 -12.58
N ARG G 272 35.67 -12.75 -12.17
CA ARG G 272 34.94 -13.98 -12.36
C ARG G 272 35.41 -14.97 -11.30
N TRP G 273 34.49 -15.80 -10.84
CA TRP G 273 34.86 -16.87 -9.92
C TRP G 273 35.81 -17.84 -10.62
N GLU G 274 36.98 -18.04 -10.02
CA GLU G 274 38.03 -18.90 -10.58
C GLU G 274 38.08 -20.20 -9.79
N PRO G 275 37.35 -21.25 -10.22
CA PRO G 275 37.29 -22.52 -9.49
C PRO G 275 38.60 -23.29 -9.54
N MET H 1 14.28 12.74 21.33
CA MET H 1 15.69 12.39 21.13
C MET H 1 15.83 11.25 20.13
N ILE H 2 16.84 11.35 19.28
CA ILE H 2 17.09 10.36 18.23
C ILE H 2 18.21 9.43 18.69
N GLN H 3 17.96 8.13 18.59
CA GLN H 3 18.94 7.11 18.89
C GLN H 3 19.11 6.22 17.66
N ARG H 4 20.36 5.90 17.32
CA ARG H 4 20.67 5.04 16.20
C ARG H 4 21.46 3.82 16.66
N THR H 5 21.08 2.64 16.15
CA THR H 5 21.72 1.39 16.51
C THR H 5 22.98 1.18 15.67
N PRO H 6 24.05 0.64 16.25
CA PRO H 6 25.31 0.51 15.53
C PRO H 6 25.30 -0.66 14.57
N LYS H 7 26.15 -0.54 13.54
CA LYS H 7 26.40 -1.59 12.58
C LYS H 7 27.82 -2.10 12.79
N ILE H 8 27.95 -3.41 12.98
CA ILE H 8 29.23 -4.03 13.34
C ILE H 8 29.77 -4.79 12.15
N GLN H 9 31.07 -4.62 11.87
CA GLN H 9 31.79 -5.43 10.90
C GLN H 9 33.09 -5.90 11.52
N VAL H 10 33.27 -7.21 11.59
CA VAL H 10 34.49 -7.83 12.14
C VAL H 10 35.27 -8.44 10.99
N TYR H 11 36.53 -8.04 10.86
CA TYR H 11 37.34 -8.47 9.72
C TYR H 11 38.81 -8.26 10.06
N SER H 12 39.67 -8.77 9.18
CA SER H 12 41.11 -8.61 9.32
C SER H 12 41.62 -7.63 8.26
N ARG H 13 42.74 -6.97 8.60
CA ARG H 13 43.30 -5.99 7.67
C ARG H 13 43.73 -6.63 6.37
N HIS H 14 44.39 -7.78 6.46
CA HIS H 14 44.81 -8.55 5.30
C HIS H 14 44.04 -9.87 5.25
N PRO H 15 43.98 -10.52 4.08
CA PRO H 15 43.39 -11.87 4.03
C PRO H 15 44.01 -12.80 5.06
N ALA H 16 43.18 -13.34 5.95
CA ALA H 16 43.67 -14.14 7.06
C ALA H 16 44.40 -15.38 6.57
N GLU H 17 45.66 -15.53 6.97
CA GLU H 17 46.46 -16.69 6.65
C GLU H 17 47.04 -17.26 7.94
N ASN H 18 46.88 -18.57 8.12
CA ASN H 18 47.23 -19.20 9.38
C ASN H 18 48.72 -19.04 9.70
N GLY H 19 49.00 -18.52 10.89
CA GLY H 19 50.36 -18.41 11.38
C GLY H 19 51.02 -17.07 11.14
N LYS H 20 50.48 -16.24 10.27
CA LYS H 20 51.08 -14.94 9.96
C LYS H 20 50.33 -13.83 10.68
N SER H 21 51.08 -12.81 11.09
CA SER H 21 50.53 -11.70 11.86
C SER H 21 49.58 -10.87 11.00
N ASN H 22 48.62 -10.23 11.66
CA ASN H 22 47.58 -9.46 11.00
C ASN H 22 46.99 -8.48 12.00
N PHE H 23 45.96 -7.76 11.59
CA PHE H 23 45.24 -6.83 12.46
C PHE H 23 43.76 -7.20 12.47
N LEU H 24 43.19 -7.31 13.67
CA LEU H 24 41.79 -7.64 13.84
C LEU H 24 40.99 -6.35 14.01
N ASN H 25 40.09 -6.09 13.07
CA ASN H 25 39.31 -4.86 13.02
C ASN H 25 37.86 -5.12 13.39
N CYS H 26 37.31 -4.23 14.22
CA CYS H 26 35.86 -4.16 14.46
C CYS H 26 35.41 -2.75 14.13
N TYR H 27 34.61 -2.60 13.08
CA TYR H 27 34.18 -1.30 12.59
C TYR H 27 32.72 -1.08 13.00
N VAL H 28 32.50 -0.21 13.97
CA VAL H 28 31.16 0.16 14.43
C VAL H 28 30.79 1.49 13.79
N SER H 29 29.61 1.55 13.18
CA SER H 29 29.21 2.72 12.42
C SER H 29 27.70 2.92 12.52
N GLY H 30 27.28 4.14 12.19
CA GLY H 30 25.87 4.45 12.09
C GLY H 30 25.12 4.51 13.41
N PHE H 31 25.82 4.78 14.51
CA PHE H 31 25.17 4.81 15.82
C PHE H 31 25.10 6.24 16.35
N HIS H 32 24.16 6.44 17.27
CA HIS H 32 23.95 7.72 17.94
C HIS H 32 23.19 7.46 19.23
N PRO H 33 23.61 8.04 20.37
CA PRO H 33 24.74 8.97 20.57
C PRO H 33 26.10 8.28 20.49
N SER H 34 27.17 9.05 20.74
CA SER H 34 28.52 8.57 20.52
C SER H 34 29.00 7.58 21.58
N ASP H 35 28.40 7.59 22.76
CA ASP H 35 28.84 6.70 23.83
C ASP H 35 28.60 5.26 23.43
N ILE H 36 29.68 4.48 23.31
CA ILE H 36 29.60 3.10 22.85
C ILE H 36 30.69 2.30 23.55
N GLU H 37 30.43 1.01 23.73
CA GLU H 37 31.37 0.07 24.34
C GLU H 37 31.75 -0.98 23.31
N VAL H 38 33.04 -1.08 23.01
CA VAL H 38 33.52 -2.04 22.03
C VAL H 38 34.74 -2.75 22.60
N ASP H 39 34.69 -4.07 22.64
CA ASP H 39 35.80 -4.91 23.05
C ASP H 39 35.93 -6.07 22.08
N LEU H 40 37.17 -6.40 21.71
CA LEU H 40 37.42 -7.57 20.89
C LEU H 40 37.61 -8.79 21.77
N LEU H 41 37.16 -9.94 21.27
CA LEU H 41 37.16 -11.17 22.03
C LEU H 41 37.99 -12.22 21.33
N LYS H 42 38.80 -12.95 22.10
CA LYS H 42 39.57 -14.09 21.63
C LYS H 42 39.19 -15.27 22.49
N ASN H 43 38.42 -16.20 21.90
CA ASN H 43 37.84 -17.34 22.61
C ASN H 43 36.92 -16.91 23.75
N GLY H 44 36.47 -15.65 23.73
CA GLY H 44 35.53 -15.14 24.71
C GLY H 44 36.07 -14.18 25.75
N GLU H 45 37.30 -13.71 25.62
CA GLU H 45 37.90 -12.80 26.59
C GLU H 45 38.48 -11.58 25.89
N ARG H 46 38.41 -10.45 26.57
CA ARG H 46 38.85 -9.17 26.01
C ARG H 46 40.36 -9.16 25.77
N ILE H 47 40.74 -8.62 24.60
CA ILE H 47 42.14 -8.45 24.24
C ILE H 47 42.68 -7.22 24.98
N GLU H 48 43.89 -7.36 25.55
CA GLU H 48 44.37 -6.39 26.51
C GLU H 48 44.61 -5.01 25.90
N LYS H 49 45.20 -4.95 24.70
CA LYS H 49 45.68 -3.69 24.15
C LYS H 49 44.95 -3.39 22.84
N VAL H 50 43.66 -3.07 22.94
CA VAL H 50 42.87 -2.69 21.78
C VAL H 50 42.87 -1.16 21.69
N GLU H 51 43.18 -0.64 20.51
CA GLU H 51 43.09 0.77 20.21
C GLU H 51 41.91 1.04 19.29
N HIS H 52 41.53 2.32 19.21
CA HIS H 52 40.43 2.73 18.35
C HIS H 52 40.77 4.07 17.72
N SER H 53 40.17 4.33 16.56
CA SER H 53 40.40 5.57 15.85
C SER H 53 39.71 6.73 16.56
N ASP H 54 40.01 7.94 16.11
CA ASP H 54 39.38 9.12 16.69
C ASP H 54 37.94 9.23 16.20
N LEU H 55 37.09 9.82 17.05
CA LEU H 55 35.66 9.87 16.77
C LEU H 55 35.38 10.78 15.59
N SER H 56 34.60 10.28 14.64
CA SER H 56 34.13 11.07 13.52
C SER H 56 32.73 10.60 13.17
N PHE H 57 32.09 11.31 12.24
CA PHE H 57 30.73 10.99 11.85
C PHE H 57 30.56 11.18 10.34
N SER H 58 29.42 10.70 9.84
CA SER H 58 29.09 10.73 8.43
C SER H 58 28.17 11.91 8.14
N LYS H 59 27.58 11.92 6.94
CA LYS H 59 26.69 13.01 6.56
C LYS H 59 25.44 13.03 7.43
N ASP H 60 24.90 11.86 7.78
CA ASP H 60 23.71 11.76 8.62
C ASP H 60 24.02 11.94 10.11
N TRP H 61 25.22 12.42 10.44
CA TRP H 61 25.68 12.72 11.79
C TRP H 61 25.87 11.48 12.64
N SER H 62 25.73 10.28 12.07
CA SER H 62 25.94 9.06 12.83
C SER H 62 27.43 8.76 12.94
N PHE H 63 27.86 8.37 14.14
CA PHE H 63 29.27 8.20 14.41
C PHE H 63 29.78 6.87 13.90
N TYR H 64 31.10 6.79 13.69
CA TYR H 64 31.77 5.56 13.32
C TYR H 64 33.11 5.50 14.02
N LEU H 65 33.52 4.29 14.38
CA LEU H 65 34.79 4.04 15.06
C LEU H 65 35.38 2.73 14.55
N LEU H 66 36.71 2.68 14.50
CA LEU H 66 37.42 1.47 14.11
C LEU H 66 38.25 1.00 15.31
N TYR H 67 37.87 -0.15 15.85
CA TYR H 67 38.62 -0.80 16.92
C TYR H 67 39.48 -1.90 16.32
N TYR H 68 40.79 -1.82 16.57
CA TYR H 68 41.76 -2.71 15.95
C TYR H 68 42.71 -3.23 17.01
N THR H 69 43.29 -4.40 16.74
CA THR H 69 44.30 -4.96 17.63
C THR H 69 45.27 -5.83 16.84
N GLU H 70 46.52 -5.81 17.28
CA GLU H 70 47.53 -6.69 16.73
C GLU H 70 47.22 -8.12 17.13
N PHE H 71 47.21 -9.04 16.15
CA PHE H 71 46.96 -10.44 16.48
C PHE H 71 47.55 -11.33 15.40
N THR H 72 47.73 -12.61 15.76
CA THR H 72 48.16 -13.63 14.81
C THR H 72 47.14 -14.76 14.80
N PRO H 73 46.26 -14.83 13.81
CA PRO H 73 45.19 -15.83 13.84
C PRO H 73 45.71 -17.22 13.55
N THR H 74 45.06 -18.21 14.17
CA THR H 74 45.33 -19.62 13.93
C THR H 74 44.05 -20.29 13.43
N GLU H 75 44.15 -21.58 13.14
CA GLU H 75 43.01 -22.34 12.66
C GLU H 75 42.00 -22.62 13.78
N LYS H 76 42.45 -22.63 15.04
CA LYS H 76 41.61 -23.02 16.14
C LYS H 76 41.10 -21.85 16.97
N ASP H 77 41.76 -20.70 16.90
CA ASP H 77 41.33 -19.51 17.61
C ASP H 77 40.10 -18.89 16.96
N GLU H 78 39.08 -18.62 17.76
CA GLU H 78 37.86 -17.97 17.30
C GLU H 78 37.77 -16.57 17.91
N TYR H 79 37.79 -15.56 17.05
CA TYR H 79 37.72 -14.17 17.47
C TYR H 79 36.31 -13.61 17.26
N ALA H 80 35.99 -12.56 18.01
CA ALA H 80 34.67 -11.93 17.95
C ALA H 80 34.79 -10.49 18.40
N CYS H 81 33.67 -9.77 18.28
CA CYS H 81 33.59 -8.37 18.69
C CYS H 81 32.35 -8.16 19.54
N ARG H 82 32.52 -7.55 20.71
CA ARG H 82 31.44 -7.27 21.64
C ARG H 82 31.13 -5.77 21.60
N VAL H 83 29.88 -5.43 21.29
CA VAL H 83 29.45 -4.04 21.22
C VAL H 83 28.25 -3.85 22.14
N ASN H 84 28.30 -2.80 22.96
CA ASN H 84 27.18 -2.42 23.82
C ASN H 84 26.85 -0.96 23.57
N HIS H 85 25.55 -0.66 23.46
CA HIS H 85 25.09 0.69 23.18
C HIS H 85 23.79 0.94 23.93
N VAL H 86 23.39 2.21 23.97
CA VAL H 86 22.14 2.56 24.65
C VAL H 86 20.95 2.03 23.88
N THR H 87 21.07 1.87 22.55
CA THR H 87 19.99 1.34 21.74
C THR H 87 19.88 -0.17 21.82
N LEU H 88 20.86 -0.84 22.40
CA LEU H 88 20.87 -2.30 22.49
C LEU H 88 20.40 -2.73 23.87
N SER H 89 19.37 -3.59 23.90
CA SER H 89 18.90 -4.15 25.15
C SER H 89 19.90 -5.12 25.77
N GLN H 90 20.87 -5.59 25.00
CA GLN H 90 21.89 -6.52 25.50
C GLN H 90 23.08 -6.49 24.56
N PRO H 91 24.27 -6.80 25.03
CA PRO H 91 25.47 -6.66 24.19
C PRO H 91 25.41 -7.56 22.97
N LYS H 92 25.62 -6.96 21.80
CA LYS H 92 25.70 -7.71 20.55
C LYS H 92 27.11 -8.24 20.35
N ILE H 93 27.23 -9.51 20.00
CA ILE H 93 28.51 -10.16 19.76
C ILE H 93 28.51 -10.69 18.33
N VAL H 94 29.47 -10.24 17.53
CA VAL H 94 29.60 -10.66 16.14
C VAL H 94 30.91 -11.45 16.01
N LYS H 95 30.79 -12.71 15.62
CA LYS H 95 31.96 -13.55 15.46
C LYS H 95 32.64 -13.25 14.13
N TRP H 96 33.94 -13.54 14.07
CA TRP H 96 34.76 -13.19 12.92
C TRP H 96 34.75 -14.32 11.90
N ASP H 97 34.39 -13.97 10.67
CA ASP H 97 34.41 -14.89 9.53
C ASP H 97 35.51 -14.44 8.58
N ARG H 98 36.35 -15.39 8.16
CA ARG H 98 37.49 -15.06 7.32
C ARG H 98 37.09 -14.83 5.87
N ASP H 99 36.04 -15.49 5.40
CA ASP H 99 35.62 -15.36 4.01
C ASP H 99 34.73 -14.15 3.78
N ILE I 1 43.78 24.62 7.89
CA ILE I 1 43.82 24.99 9.30
C ILE I 1 42.42 25.20 9.83
N LEU I 2 42.33 25.40 11.15
CA LEU I 2 41.04 25.54 11.82
C LEU I 2 40.45 26.93 11.59
N LYS I 3 39.12 26.99 11.50
CA LYS I 3 38.42 28.26 11.41
C LYS I 3 38.54 29.03 12.72
N GLU I 4 38.90 30.30 12.63
CA GLU I 4 39.09 31.12 13.82
C GLU I 4 37.78 31.28 14.57
N PRO I 5 37.68 30.83 15.82
CA PRO I 5 36.47 31.09 16.61
C PRO I 5 36.40 32.56 17.00
N VAL I 6 35.20 33.12 16.90
CA VAL I 6 34.94 34.50 17.27
C VAL I 6 34.40 34.52 18.69
N HIS I 7 35.01 35.35 19.54
CA HIS I 7 34.55 35.48 20.92
C HIS I 7 33.19 36.17 20.96
N GLY I 8 32.18 35.47 21.46
CA GLY I 8 30.85 36.02 21.58
C GLY I 8 29.82 35.36 20.68
N VAL I 9 30.24 34.68 19.62
CA VAL I 9 29.31 33.95 18.77
C VAL I 9 29.09 32.56 19.37
N TYR I 10 27.82 32.22 19.59
CA TYR I 10 27.45 30.91 20.09
C TYR I 10 26.27 30.42 19.27
N TYR I 11 25.67 29.32 19.70
CA TYR I 11 24.44 28.84 19.11
C TYR I 11 23.26 29.49 19.83
N ILE J 1 -19.45 -4.66 -13.31
CA ILE J 1 -19.61 -4.97 -14.73
C ILE J 1 -18.25 -5.13 -15.42
N LEU J 2 -17.97 -6.33 -15.94
CA LEU J 2 -16.65 -6.71 -16.45
C LEU J 2 -16.82 -7.41 -17.80
N ASN J 3 -17.01 -6.61 -18.85
CA ASN J 3 -17.27 -7.12 -20.19
C ASN J 3 -16.56 -6.23 -21.20
N VAL J 4 -15.91 -6.86 -22.17
CA VAL J 4 -15.20 -6.15 -23.23
C VAL J 4 -15.75 -6.64 -24.57
N GLU J 5 -16.33 -5.74 -25.33
CA GLU J 5 -16.86 -6.05 -26.65
C GLU J 5 -15.92 -5.52 -27.72
N GLN J 6 -15.74 -6.29 -28.77
CA GLN J 6 -14.85 -5.92 -29.87
C GLN J 6 -15.64 -6.07 -31.17
N SER J 7 -15.75 -4.97 -31.91
CA SER J 7 -16.53 -4.93 -33.14
C SER J 7 -15.73 -4.34 -34.29
N PRO J 8 -15.83 -4.94 -35.49
CA PRO J 8 -16.61 -6.12 -35.84
C PRO J 8 -15.91 -7.40 -35.40
N GLN J 9 -16.61 -8.53 -35.36
CA GLN J 9 -15.96 -9.78 -35.01
C GLN J 9 -14.97 -10.21 -36.08
N SER J 10 -15.35 -10.08 -37.34
CA SER J 10 -14.47 -10.37 -38.47
C SER J 10 -14.73 -9.37 -39.59
N LEU J 11 -13.68 -9.06 -40.35
CA LEU J 11 -13.81 -8.07 -41.42
C LEU J 11 -12.74 -8.32 -42.49
N HIS J 12 -13.14 -8.16 -43.74
CA HIS J 12 -12.27 -8.35 -44.90
C HIS J 12 -12.16 -7.03 -45.64
N VAL J 13 -10.93 -6.58 -45.87
CA VAL J 13 -10.68 -5.33 -46.59
C VAL J 13 -9.62 -5.58 -47.65
N GLN J 14 -9.76 -4.91 -48.79
CA GLN J 14 -8.80 -5.07 -49.87
C GLN J 14 -7.50 -4.36 -49.53
N GLU J 15 -6.39 -4.93 -49.97
CA GLU J 15 -5.08 -4.33 -49.71
C GLU J 15 -5.04 -2.92 -50.30
N GLY J 16 -4.44 -2.00 -49.55
CA GLY J 16 -4.40 -0.60 -49.91
C GLY J 16 -5.52 0.24 -49.34
N ASP J 17 -6.63 -0.36 -48.94
CA ASP J 17 -7.70 0.40 -48.31
C ASP J 17 -7.36 0.68 -46.85
N SER J 18 -8.22 1.45 -46.20
CA SER J 18 -8.06 1.77 -44.79
C SER J 18 -9.24 1.21 -44.02
N THR J 19 -9.01 0.84 -42.76
CA THR J 19 -10.06 0.24 -41.96
C THR J 19 -9.90 0.67 -40.51
N ASN J 20 -10.97 0.52 -39.75
CA ASN J 20 -10.93 0.70 -38.32
C ASN J 20 -11.86 -0.30 -37.65
N PHE J 21 -11.54 -0.64 -36.40
CA PHE J 21 -12.42 -1.45 -35.58
C PHE J 21 -12.45 -0.85 -34.18
N THR J 22 -13.42 -1.30 -33.39
CA THR J 22 -13.75 -0.68 -32.12
C THR J 22 -13.59 -1.67 -30.98
N CYS J 23 -13.25 -1.14 -29.81
CA CYS J 23 -13.23 -1.89 -28.56
C CYS J 23 -14.11 -1.16 -27.56
N SER J 24 -15.05 -1.90 -26.96
CA SER J 24 -15.98 -1.31 -26.01
C SER J 24 -15.74 -1.89 -24.62
N PHE J 25 -15.81 -1.02 -23.62
CA PHE J 25 -15.57 -1.39 -22.23
C PHE J 25 -16.38 -0.43 -21.37
N PRO J 26 -16.70 -0.80 -20.14
CA PRO J 26 -17.46 0.11 -19.27
C PRO J 26 -16.64 1.33 -18.89
N SER J 27 -17.27 2.50 -18.95
CA SER J 27 -16.56 3.73 -18.63
C SER J 27 -16.04 3.69 -17.20
N SER J 28 -16.92 3.45 -16.25
CA SER J 28 -16.47 3.25 -14.89
C SER J 28 -15.73 1.92 -14.81
N ASN J 29 -15.07 1.70 -13.67
CA ASN J 29 -14.32 0.47 -13.45
C ASN J 29 -13.29 0.23 -14.56
N PHE J 30 -12.64 1.31 -14.99
CA PHE J 30 -11.62 1.26 -16.02
C PHE J 30 -10.27 1.58 -15.41
N TYR J 31 -9.22 0.91 -15.89
CA TYR J 31 -7.87 1.24 -15.45
C TYR J 31 -6.92 1.51 -16.62
N ALA J 32 -6.93 0.62 -17.61
CA ALA J 32 -6.01 0.75 -18.74
C ALA J 32 -6.59 -0.02 -19.93
N LEU J 33 -5.99 0.21 -21.09
CA LEU J 33 -6.38 -0.50 -22.31
C LEU J 33 -5.14 -0.79 -23.13
N HIS J 34 -5.01 -2.03 -23.58
CA HIS J 34 -3.93 -2.46 -24.45
C HIS J 34 -4.50 -2.94 -25.78
N TRP J 35 -3.74 -2.75 -26.84
CA TRP J 35 -4.04 -3.31 -28.15
C TRP J 35 -2.93 -4.28 -28.52
N TYR J 36 -3.29 -5.53 -28.80
CA TYR J 36 -2.34 -6.55 -29.21
C TYR J 36 -2.69 -7.03 -30.60
N ARG J 37 -1.66 -7.23 -31.43
CA ARG J 37 -1.79 -7.81 -32.76
C ARG J 37 -1.22 -9.21 -32.73
N TRP J 38 -1.97 -10.17 -33.26
CA TRP J 38 -1.57 -11.57 -33.21
C TRP J 38 -1.66 -12.15 -34.63
N GLU J 39 -0.54 -12.07 -35.34
CA GLU J 39 -0.45 -12.66 -36.67
C GLU J 39 -0.36 -14.18 -36.55
N THR J 40 -0.77 -14.87 -37.62
CA THR J 40 -0.77 -16.32 -37.62
C THR J 40 0.66 -16.83 -37.48
N ALA J 41 0.81 -17.88 -36.66
CA ALA J 41 2.09 -18.55 -36.40
C ALA J 41 3.04 -17.69 -35.58
N LYS J 42 2.75 -16.41 -35.42
CA LYS J 42 3.53 -15.52 -34.56
C LYS J 42 3.02 -15.60 -33.12
N SER J 43 3.41 -14.63 -32.30
CA SER J 43 2.96 -14.46 -30.93
C SER J 43 2.22 -13.13 -30.83
N PRO J 44 1.37 -12.96 -29.83
CA PRO J 44 0.72 -11.65 -29.63
C PRO J 44 1.77 -10.57 -29.40
N GLU J 45 1.63 -9.48 -30.14
CA GLU J 45 2.57 -8.37 -30.08
C GLU J 45 1.84 -7.11 -29.62
N ALA J 46 2.48 -6.35 -28.72
CA ALA J 46 1.87 -5.16 -28.17
C ALA J 46 1.95 -4.01 -29.18
N LEU J 47 0.81 -3.37 -29.43
CA LEU J 47 0.75 -2.19 -30.29
C LEU J 47 0.66 -0.89 -29.50
N PHE J 48 -0.28 -0.79 -28.58
CA PHE J 48 -0.49 0.44 -27.83
C PHE J 48 -0.88 0.11 -26.40
N VAL J 49 -0.50 0.99 -25.49
CA VAL J 49 -0.95 0.97 -24.11
C VAL J 49 -1.44 2.37 -23.78
N MET J 50 -2.74 2.51 -23.54
CA MET J 50 -3.36 3.82 -23.36
C MET J 50 -4.10 3.84 -22.03
N THR J 51 -3.89 4.91 -21.26
CA THR J 51 -4.45 5.04 -19.93
C THR J 51 -5.15 6.38 -19.67
N LEU J 52 -5.10 7.32 -20.59
CA LEU J 52 -5.69 8.64 -20.40
C LEU J 52 -6.77 8.89 -21.44
N ASN J 53 -7.81 9.61 -21.02
CA ASN J 53 -8.88 9.97 -21.94
C ASN J 53 -8.33 10.89 -23.03
N GLY J 54 -8.79 10.68 -24.26
CA GLY J 54 -8.30 11.45 -25.38
C GLY J 54 -6.92 11.09 -25.86
N ASP J 55 -6.37 9.97 -25.38
CA ASP J 55 -5.06 9.52 -25.81
C ASP J 55 -5.08 9.16 -27.29
N GLU J 56 -4.19 9.76 -28.06
CA GLU J 56 -4.01 9.42 -29.47
C GLU J 56 -2.57 8.97 -29.66
N LYS J 57 -2.39 7.70 -30.05
CA LYS J 57 -1.07 7.11 -30.20
C LYS J 57 -0.92 6.57 -31.61
N LYS J 58 0.16 6.95 -32.28
CA LYS J 58 0.45 6.58 -33.66
C LYS J 58 1.76 5.80 -33.74
N LYS J 59 1.72 4.68 -34.47
CA LYS J 59 2.91 3.89 -34.77
C LYS J 59 2.83 3.52 -36.24
N GLY J 60 3.52 4.27 -37.09
CA GLY J 60 3.47 3.99 -38.51
C GLY J 60 2.09 4.25 -39.07
N ARG J 61 1.55 3.27 -39.80
CA ARG J 61 0.22 3.36 -40.39
C ARG J 61 -0.88 2.95 -39.43
N ILE J 62 -0.54 2.56 -38.21
CA ILE J 62 -1.50 2.09 -37.22
C ILE J 62 -1.60 3.15 -36.13
N SER J 63 -2.83 3.64 -35.89
CA SER J 63 -3.09 4.61 -34.86
C SER J 63 -4.25 4.14 -34.00
N ALA J 64 -4.35 4.69 -32.79
CA ALA J 64 -5.40 4.31 -31.85
C ALA J 64 -5.79 5.51 -31.01
N THR J 65 -7.04 5.53 -30.56
CA THR J 65 -7.56 6.55 -29.67
C THR J 65 -8.30 5.88 -28.51
N LEU J 66 -8.39 6.61 -27.40
CA LEU J 66 -9.05 6.11 -26.20
C LEU J 66 -10.04 7.14 -25.69
N ASN J 67 -11.27 6.70 -25.43
CA ASN J 67 -12.34 7.53 -24.88
C ASN J 67 -12.84 6.84 -23.62
N THR J 68 -12.31 7.25 -22.47
CA THR J 68 -12.71 6.63 -21.21
C THR J 68 -14.05 7.13 -20.70
N LYS J 69 -14.51 8.29 -21.14
CA LYS J 69 -15.81 8.79 -20.71
C LYS J 69 -16.93 7.97 -21.33
N GLU J 70 -16.77 7.57 -22.59
CA GLU J 70 -17.75 6.75 -23.28
C GLU J 70 -17.39 5.28 -23.32
N GLY J 71 -16.19 4.91 -22.86
CA GLY J 71 -15.77 3.53 -22.81
C GLY J 71 -15.52 2.94 -24.19
N TYR J 72 -14.77 3.65 -25.02
CA TYR J 72 -14.50 3.21 -26.38
C TYR J 72 -13.03 3.47 -26.73
N SER J 73 -12.49 2.58 -27.55
CA SER J 73 -11.17 2.73 -28.14
C SER J 73 -11.23 2.28 -29.58
N TYR J 74 -10.70 3.10 -30.48
CA TYR J 74 -10.75 2.84 -31.91
C TYR J 74 -9.34 2.60 -32.43
N LEU J 75 -9.15 1.52 -33.18
CA LEU J 75 -7.89 1.22 -33.84
C LEU J 75 -8.02 1.49 -35.32
N TYR J 76 -7.11 2.30 -35.86
CA TYR J 76 -7.12 2.69 -37.26
C TYR J 76 -5.91 2.11 -37.98
N ILE J 77 -6.14 1.63 -39.20
CA ILE J 77 -5.08 1.10 -40.05
C ILE J 77 -5.23 1.77 -41.42
N LYS J 78 -4.27 2.63 -41.77
CA LYS J 78 -4.28 3.31 -43.05
C LYS J 78 -3.41 2.55 -44.05
N GLY J 79 -3.93 2.42 -45.27
CA GLY J 79 -3.20 1.74 -46.32
C GLY J 79 -2.91 0.29 -45.97
N SER J 80 -3.95 -0.53 -45.85
CA SER J 80 -3.78 -1.90 -45.39
C SER J 80 -2.83 -2.66 -46.30
N GLN J 81 -1.99 -3.48 -45.70
CA GLN J 81 -1.03 -4.31 -46.40
C GLN J 81 -1.22 -5.75 -45.98
N PRO J 82 -0.73 -6.72 -46.78
CA PRO J 82 -0.92 -8.13 -46.43
C PRO J 82 -0.45 -8.49 -45.03
N GLU J 83 0.62 -7.86 -44.54
CA GLU J 83 1.12 -8.15 -43.20
C GLU J 83 0.11 -7.81 -42.12
N ASP J 84 -0.84 -6.91 -42.41
CA ASP J 84 -1.83 -6.50 -41.42
C ASP J 84 -2.84 -7.60 -41.10
N SER J 85 -2.87 -8.68 -41.86
CA SER J 85 -3.80 -9.78 -41.59
C SER J 85 -3.42 -10.42 -40.27
N ALA J 86 -4.24 -10.20 -39.25
CA ALA J 86 -3.98 -10.74 -37.92
C ALA J 86 -5.26 -10.63 -37.12
N THR J 87 -5.24 -11.23 -35.93
CA THR J 87 -6.30 -11.05 -34.95
C THR J 87 -5.86 -9.97 -33.98
N TYR J 88 -6.61 -8.87 -33.94
CA TYR J 88 -6.29 -7.75 -33.07
C TYR J 88 -7.09 -7.88 -31.78
N LEU J 89 -6.39 -7.98 -30.66
CA LEU J 89 -6.99 -8.21 -29.36
C LEU J 89 -7.03 -6.92 -28.56
N CYS J 90 -8.13 -6.72 -27.84
CA CYS J 90 -8.28 -5.58 -26.95
C CYS J 90 -8.19 -6.07 -25.50
N TYR J 91 -7.23 -5.53 -24.76
CA TYR J 91 -6.96 -5.93 -23.39
C TYR J 91 -7.30 -4.77 -22.46
N VAL J 92 -8.30 -4.95 -21.60
CA VAL J 92 -8.77 -3.86 -20.75
C VAL J 92 -8.63 -4.24 -19.29
N PRO J 93 -7.53 -3.90 -18.62
CA PRO J 93 -7.46 -4.05 -17.17
C PRO J 93 -8.50 -3.17 -16.49
N MET J 94 -9.14 -3.73 -15.47
CA MET J 94 -10.28 -3.12 -14.80
C MET J 94 -10.09 -3.20 -13.30
N ASP J 95 -10.95 -2.49 -12.57
CA ASP J 95 -10.95 -2.51 -11.10
C ASP J 95 -9.56 -2.22 -10.55
N SER J 96 -8.97 -1.12 -10.99
CA SER J 96 -7.63 -0.72 -10.56
C SER J 96 -6.64 -1.87 -10.73
N ASN J 97 -6.65 -2.45 -11.92
CA ASN J 97 -5.81 -3.57 -12.35
C ASN J 97 -6.07 -4.88 -11.60
N TYR J 98 -7.16 -4.97 -10.83
CA TYR J 98 -7.51 -6.22 -10.18
C TYR J 98 -8.38 -7.12 -11.05
N GLN J 99 -8.79 -6.67 -12.23
CA GLN J 99 -9.54 -7.48 -13.19
C GLN J 99 -8.88 -7.33 -14.54
N LEU J 100 -8.44 -8.45 -15.11
CA LEU J 100 -7.73 -8.47 -16.39
C LEU J 100 -8.66 -9.14 -17.40
N ILE J 101 -9.38 -8.31 -18.16
CA ILE J 101 -10.41 -8.78 -19.08
C ILE J 101 -9.90 -8.68 -20.51
N TRP J 102 -10.03 -9.77 -21.26
CA TRP J 102 -9.62 -9.82 -22.65
C TRP J 102 -10.84 -9.75 -23.56
N GLY J 103 -10.67 -9.10 -24.71
CA GLY J 103 -11.72 -9.06 -25.70
C GLY J 103 -11.74 -10.30 -26.55
N ALA J 104 -12.84 -10.47 -27.29
CA ALA J 104 -12.95 -11.60 -28.19
C ALA J 104 -12.02 -11.48 -29.38
N GLY J 105 -11.63 -10.26 -29.73
CA GLY J 105 -10.70 -10.04 -30.81
C GLY J 105 -11.42 -9.73 -32.12
N THR J 106 -10.79 -8.88 -32.93
CA THR J 106 -11.25 -8.57 -34.27
C THR J 106 -10.26 -9.20 -35.25
N LYS J 107 -10.74 -10.16 -36.04
CA LYS J 107 -9.89 -10.87 -36.98
C LYS J 107 -9.88 -10.11 -38.31
N LEU J 108 -8.72 -9.61 -38.70
CA LEU J 108 -8.55 -8.85 -39.93
C LEU J 108 -7.95 -9.74 -41.00
N ILE J 109 -8.59 -9.76 -42.17
CA ILE J 109 -8.12 -10.51 -43.33
C ILE J 109 -7.99 -9.53 -44.48
N ILE J 110 -6.77 -9.37 -45.00
CA ILE J 110 -6.53 -8.49 -46.13
C ILE J 110 -6.68 -9.28 -47.42
N LYS J 111 -7.58 -8.83 -48.29
CA LYS J 111 -7.82 -9.48 -49.57
C LYS J 111 -6.99 -8.80 -50.66
N PRO J 112 -6.42 -9.57 -51.57
CA PRO J 112 -5.65 -8.98 -52.67
C PRO J 112 -6.57 -8.43 -53.76
N ASP J 113 -6.10 -7.37 -54.42
CA ASP J 113 -6.85 -6.78 -55.53
C ASP J 113 -6.50 -7.58 -56.77
N ILE J 114 -7.22 -8.68 -56.98
CA ILE J 114 -6.98 -9.55 -58.13
C ILE J 114 -7.73 -8.95 -59.32
N GLN J 115 -7.05 -8.16 -60.13
CA GLN J 115 -7.58 -7.70 -61.40
C GLN J 115 -7.00 -8.56 -62.51
N ASN J 116 -7.82 -8.77 -63.54
CA ASN J 116 -7.55 -9.72 -64.63
C ASN J 116 -7.48 -11.13 -64.08
N PRO J 117 -8.55 -11.65 -63.47
CA PRO J 117 -8.52 -13.03 -63.00
C PRO J 117 -8.58 -13.99 -64.17
N ASP J 118 -7.98 -15.16 -63.98
CA ASP J 118 -7.93 -16.20 -65.01
C ASP J 118 -8.26 -17.53 -64.35
N PRO J 119 -9.50 -17.69 -63.87
CA PRO J 119 -9.84 -18.89 -63.10
C PRO J 119 -9.70 -20.15 -63.95
N ALA J 120 -9.12 -21.17 -63.35
CA ALA J 120 -8.84 -22.42 -64.05
C ALA J 120 -8.59 -23.52 -63.04
N VAL J 121 -8.78 -24.75 -63.49
CA VAL J 121 -8.49 -25.94 -62.71
C VAL J 121 -7.49 -26.78 -63.48
N TYR J 122 -6.31 -27.01 -62.91
CA TYR J 122 -5.24 -27.76 -63.54
C TYR J 122 -5.00 -29.05 -62.77
N GLN J 123 -4.44 -30.04 -63.47
CA GLN J 123 -4.00 -31.29 -62.85
C GLN J 123 -2.48 -31.32 -62.85
N LEU J 124 -1.90 -31.52 -61.67
CA LEU J 124 -0.45 -31.57 -61.52
C LEU J 124 0.07 -32.99 -61.69
N ARG J 125 1.27 -33.11 -62.25
CA ARG J 125 1.86 -34.42 -62.44
C ARG J 125 2.06 -35.11 -61.10
N ASP J 126 1.88 -36.43 -61.09
CA ASP J 126 1.96 -37.18 -59.85
C ASP J 126 3.41 -37.39 -59.44
N SER J 127 3.60 -37.80 -58.19
CA SER J 127 4.91 -38.20 -57.69
C SER J 127 4.95 -39.72 -57.62
N LYS J 128 6.15 -40.27 -57.80
CA LYS J 128 6.32 -41.73 -57.83
C LYS J 128 5.88 -42.41 -56.54
N SER J 129 5.74 -41.67 -55.45
CA SER J 129 5.40 -42.23 -54.14
C SER J 129 3.98 -41.93 -53.69
N SER J 130 3.18 -41.24 -54.50
CA SER J 130 1.84 -40.82 -54.12
C SER J 130 0.79 -41.58 -54.92
N ASP J 131 -0.23 -42.05 -54.22
CA ASP J 131 -1.37 -42.72 -54.80
C ASP J 131 -2.49 -41.77 -55.24
N LYS J 132 -2.39 -40.50 -54.88
CA LYS J 132 -3.44 -39.52 -55.15
C LYS J 132 -3.04 -38.58 -56.27
N SER J 133 -4.03 -38.16 -57.04
CA SER J 133 -3.86 -37.15 -58.08
C SER J 133 -4.24 -35.79 -57.51
N VAL J 134 -3.47 -34.77 -57.86
CA VAL J 134 -3.60 -33.44 -57.26
C VAL J 134 -4.18 -32.48 -58.29
N CYS J 135 -5.22 -31.75 -57.89
CA CYS J 135 -5.86 -30.72 -58.70
C CYS J 135 -5.62 -29.36 -58.07
N LEU J 136 -5.58 -28.33 -58.93
CA LEU J 136 -5.28 -26.97 -58.49
C LEU J 136 -6.31 -26.01 -59.08
N PHE J 137 -7.05 -25.34 -58.21
CA PHE J 137 -7.98 -24.29 -58.58
C PHE J 137 -7.30 -22.95 -58.27
N THR J 138 -6.99 -22.17 -59.31
CA THR J 138 -6.14 -21.01 -59.13
C THR J 138 -6.61 -19.85 -60.00
N ASP J 139 -6.12 -18.66 -59.64
CA ASP J 139 -6.31 -17.44 -60.43
C ASP J 139 -7.78 -17.02 -60.51
N PHE J 140 -8.52 -17.26 -59.43
CA PHE J 140 -9.92 -16.87 -59.36
C PHE J 140 -10.06 -15.60 -58.54
N ASP J 141 -11.16 -14.90 -58.77
CA ASP J 141 -11.43 -13.62 -58.13
C ASP J 141 -11.42 -13.76 -56.61
N SER J 142 -11.09 -12.66 -55.94
CA SER J 142 -10.94 -12.67 -54.49
C SER J 142 -12.27 -12.91 -53.77
N GLN J 143 -13.40 -12.66 -54.42
CA GLN J 143 -14.71 -12.87 -53.81
C GLN J 143 -15.32 -14.22 -54.19
N THR J 144 -14.50 -15.16 -54.65
CA THR J 144 -14.93 -16.52 -54.92
C THR J 144 -14.65 -17.39 -53.71
N ASN J 145 -15.62 -18.23 -53.34
CA ASN J 145 -15.54 -19.05 -52.14
C ASN J 145 -15.46 -20.51 -52.53
N VAL J 146 -14.51 -21.23 -51.92
CA VAL J 146 -14.28 -22.64 -52.20
C VAL J 146 -15.00 -23.42 -51.12
N SER J 147 -16.23 -23.84 -51.42
CA SER J 147 -16.98 -24.70 -50.50
C SER J 147 -16.26 -26.03 -50.34
N GLN J 148 -16.65 -26.76 -49.30
CA GLN J 148 -16.00 -28.02 -48.96
C GLN J 148 -16.26 -29.08 -50.03
N SER J 149 -16.04 -30.34 -49.68
CA SER J 149 -16.21 -31.45 -50.63
C SER J 149 -17.40 -32.30 -50.24
N LYS J 150 -18.07 -32.85 -51.24
CA LYS J 150 -19.22 -33.72 -51.00
C LYS J 150 -18.83 -35.21 -51.09
N ASP J 151 -17.56 -35.51 -51.34
CA ASP J 151 -17.05 -36.87 -51.37
C ASP J 151 -16.10 -37.03 -50.19
N SER J 152 -16.27 -38.11 -49.43
CA SER J 152 -15.40 -38.36 -48.28
C SER J 152 -13.95 -38.49 -48.70
N ASP J 153 -13.68 -39.29 -49.72
CA ASP J 153 -12.31 -39.52 -50.19
C ASP J 153 -11.69 -38.26 -50.80
N VAL J 154 -12.49 -37.30 -51.24
CA VAL J 154 -11.97 -36.08 -51.85
C VAL J 154 -11.69 -35.03 -50.78
N TYR J 155 -10.44 -34.55 -50.73
CA TYR J 155 -10.01 -33.52 -49.81
C TYR J 155 -9.76 -32.21 -50.55
N ILE J 156 -10.23 -31.11 -49.97
CA ILE J 156 -10.13 -29.79 -50.57
C ILE J 156 -9.71 -28.79 -49.51
N THR J 157 -8.66 -28.04 -49.77
CA THR J 157 -8.17 -27.01 -48.86
C THR J 157 -8.85 -25.69 -49.17
N ASP J 158 -8.63 -24.70 -48.30
CA ASP J 158 -9.24 -23.40 -48.47
C ASP J 158 -8.38 -22.56 -49.40
N LYS J 159 -8.87 -21.36 -49.74
CA LYS J 159 -8.12 -20.48 -50.62
C LYS J 159 -6.81 -20.07 -49.94
N CYS J 160 -5.88 -19.56 -50.76
CA CYS J 160 -4.51 -19.34 -50.32
C CYS J 160 -3.92 -18.21 -51.16
N VAL J 161 -3.82 -17.03 -50.56
CA VAL J 161 -3.23 -15.86 -51.23
C VAL J 161 -1.75 -16.12 -51.43
N LEU J 162 -1.35 -16.39 -52.66
CA LEU J 162 0.04 -16.54 -53.05
C LEU J 162 0.56 -15.23 -53.65
N ASP J 163 1.69 -14.74 -53.12
CA ASP J 163 2.25 -13.45 -53.52
C ASP J 163 3.60 -13.67 -54.20
N MET J 164 3.65 -13.40 -55.51
CA MET J 164 4.90 -13.41 -56.27
C MET J 164 5.49 -12.00 -56.24
N ARG J 165 6.32 -11.74 -55.22
CA ARG J 165 6.84 -10.40 -54.97
C ARG J 165 7.52 -9.81 -56.19
N SER J 166 8.42 -10.57 -56.81
CA SER J 166 9.28 -9.99 -57.85
C SER J 166 8.50 -9.54 -59.07
N MET J 167 7.37 -10.20 -59.37
CA MET J 167 6.56 -9.85 -60.53
C MET J 167 5.37 -8.96 -60.19
N ASP J 168 5.22 -8.56 -58.93
CA ASP J 168 4.08 -7.78 -58.47
C ASP J 168 2.77 -8.47 -58.84
N PHE J 169 2.73 -9.77 -58.58
CA PHE J 169 1.60 -10.61 -58.95
C PHE J 169 1.13 -11.41 -57.74
N LYS J 170 -0.18 -11.44 -57.53
CA LYS J 170 -0.80 -12.24 -56.49
C LYS J 170 -1.85 -13.14 -57.14
N SER J 171 -2.07 -14.30 -56.54
CA SER J 171 -2.98 -15.29 -57.10
C SER J 171 -3.58 -16.12 -55.99
N ASN J 172 -4.91 -16.25 -56.00
CA ASN J 172 -5.59 -17.16 -55.10
C ASN J 172 -5.51 -18.58 -55.62
N SER J 173 -5.44 -19.54 -54.71
CA SER J 173 -5.31 -20.92 -55.11
C SER J 173 -5.96 -21.83 -54.09
N ALA J 174 -6.47 -22.96 -54.57
CA ALA J 174 -6.99 -24.02 -53.72
C ALA J 174 -6.66 -25.35 -54.38
N VAL J 175 -6.31 -26.34 -53.55
CA VAL J 175 -5.84 -27.63 -54.04
C VAL J 175 -6.80 -28.71 -53.57
N ALA J 176 -7.07 -29.67 -54.45
CA ALA J 176 -7.91 -30.81 -54.14
C ALA J 176 -7.20 -32.08 -54.59
N TRP J 177 -7.43 -33.17 -53.87
CA TRP J 177 -6.80 -34.44 -54.20
C TRP J 177 -7.65 -35.59 -53.69
N SER J 178 -7.48 -36.74 -54.34
CA SER J 178 -8.10 -37.98 -53.91
C SER J 178 -7.34 -39.13 -54.55
N ASN J 179 -7.42 -40.30 -53.92
CA ASN J 179 -6.83 -41.51 -54.47
C ASN J 179 -7.83 -42.35 -55.24
N LYS J 180 -9.07 -41.86 -55.41
CA LYS J 180 -10.07 -42.61 -56.18
C LYS J 180 -9.73 -42.59 -57.67
N SER J 181 -10.12 -43.67 -58.35
CA SER J 181 -9.95 -43.75 -59.80
C SER J 181 -11.04 -42.99 -60.57
N ASP J 182 -12.17 -42.71 -59.95
CA ASP J 182 -13.25 -41.97 -60.61
C ASP J 182 -13.30 -40.54 -60.12
N PHE J 183 -12.11 -39.93 -60.11
CA PHE J 183 -11.90 -38.59 -59.61
C PHE J 183 -11.15 -37.82 -60.68
N ALA J 184 -11.82 -36.89 -61.34
CA ALA J 184 -11.18 -35.99 -62.29
C ALA J 184 -11.03 -34.60 -61.68
N CYS J 185 -10.18 -33.79 -62.29
CA CYS J 185 -9.98 -32.44 -61.77
C CYS J 185 -11.04 -31.48 -62.28
N ALA J 186 -11.60 -31.73 -63.46
CA ALA J 186 -12.69 -30.90 -63.94
C ALA J 186 -14.01 -31.23 -63.27
N ASN J 187 -14.02 -32.22 -62.39
CA ASN J 187 -15.18 -32.63 -61.61
C ASN J 187 -14.78 -32.83 -60.16
N ALA J 188 -14.01 -31.90 -59.62
CA ALA J 188 -13.58 -31.90 -58.24
C ALA J 188 -14.15 -30.74 -57.44
N PHE J 189 -14.15 -29.55 -58.03
CA PHE J 189 -14.84 -28.39 -57.44
C PHE J 189 -16.24 -28.26 -58.02
N ASN J 190 -17.06 -29.27 -57.76
CA ASN J 190 -18.44 -29.27 -58.23
C ASN J 190 -19.33 -28.66 -57.18
N ILE J 193 -19.58 -22.51 -55.85
CA ILE J 193 -19.89 -21.55 -56.90
C ILE J 193 -18.60 -21.13 -57.60
N ILE J 194 -18.30 -21.78 -58.71
CA ILE J 194 -17.10 -21.49 -59.49
C ILE J 194 -17.32 -20.16 -60.19
N PRO J 195 -16.25 -19.37 -60.43
CA PRO J 195 -16.44 -18.02 -60.98
C PRO J 195 -17.00 -17.94 -62.39
N GLU J 196 -17.28 -19.08 -63.03
CA GLU J 196 -17.75 -19.12 -64.41
C GLU J 196 -16.63 -18.63 -65.34
N ASP J 197 -16.67 -19.02 -66.61
CA ASP J 197 -15.56 -18.81 -67.54
C ASP J 197 -14.28 -19.43 -67.03
N THR J 198 -14.40 -20.37 -66.10
CA THR J 198 -13.24 -21.07 -65.55
C THR J 198 -12.61 -21.94 -66.63
N PHE J 199 -11.31 -21.82 -66.80
CA PHE J 199 -10.61 -22.57 -67.83
C PHE J 199 -10.42 -24.01 -67.37
N PHE J 200 -10.86 -24.95 -68.20
CA PHE J 200 -10.67 -26.38 -67.93
C PHE J 200 -9.90 -27.01 -69.08
N PRO J 201 -8.58 -27.17 -68.97
CA PRO J 201 -7.74 -27.67 -70.06
C PRO J 201 -8.01 -29.14 -70.38
N GLN K 1 14.31 -11.93 -25.45
CA GLN K 1 13.30 -11.46 -24.51
C GLN K 1 12.81 -12.61 -23.63
N VAL K 2 11.50 -12.88 -23.69
CA VAL K 2 10.90 -13.96 -22.92
C VAL K 2 11.26 -15.29 -23.58
N THR K 3 12.11 -16.07 -22.92
CA THR K 3 12.57 -17.35 -23.46
C THR K 3 11.71 -18.45 -22.88
N GLN K 4 10.82 -19.00 -23.71
CA GLN K 4 9.91 -20.06 -23.32
C GLN K 4 10.29 -21.35 -24.04
N ASN K 5 10.35 -22.45 -23.31
CA ASN K 5 10.75 -23.75 -23.85
C ASN K 5 9.94 -24.85 -23.19
N PRO K 6 9.61 -25.93 -23.92
CA PRO K 6 9.92 -26.20 -25.34
C PRO K 6 8.86 -25.66 -26.29
N ARG K 7 9.21 -25.44 -27.57
CA ARG K 7 8.21 -24.94 -28.51
C ARG K 7 7.17 -26.01 -28.82
N TYR K 8 7.56 -27.28 -28.73
CA TYR K 8 6.65 -28.39 -28.94
C TYR K 8 6.96 -29.49 -27.92
N LEU K 9 5.93 -30.27 -27.58
CA LEU K 9 6.09 -31.31 -26.58
C LEU K 9 4.95 -32.32 -26.69
N ILE K 10 5.31 -33.59 -26.61
CA ILE K 10 4.36 -34.71 -26.60
C ILE K 10 4.65 -35.53 -25.35
N THR K 11 3.66 -35.68 -24.49
CA THR K 11 3.81 -36.43 -23.26
C THR K 11 2.61 -37.36 -23.05
N VAL K 12 2.81 -38.39 -22.25
CA VAL K 12 1.75 -39.32 -21.90
C VAL K 12 0.93 -38.74 -20.75
N THR K 13 -0.33 -39.17 -20.64
CA THR K 13 -1.19 -38.72 -19.56
C THR K 13 -0.60 -39.13 -18.21
N GLY K 14 -0.44 -38.15 -17.32
CA GLY K 14 0.01 -38.40 -15.96
C GLY K 14 1.48 -38.12 -15.71
N LYS K 15 2.32 -38.17 -16.75
CA LYS K 15 3.74 -37.88 -16.56
C LYS K 15 3.96 -36.40 -16.30
N LYS K 16 4.50 -36.09 -15.12
CA LYS K 16 4.67 -34.71 -14.68
C LYS K 16 5.40 -33.88 -15.74
N LEU K 17 5.03 -32.60 -15.81
CA LEU K 17 5.54 -31.69 -16.82
C LEU K 17 5.91 -30.36 -16.18
N THR K 18 6.90 -29.68 -16.75
CA THR K 18 7.25 -28.33 -16.36
C THR K 18 7.64 -27.56 -17.62
N VAL K 19 6.81 -26.60 -18.01
CA VAL K 19 7.14 -25.70 -19.11
C VAL K 19 7.80 -24.46 -18.53
N THR K 20 9.01 -24.16 -18.99
CA THR K 20 9.82 -23.10 -18.41
C THR K 20 9.79 -21.85 -19.29
N CYS K 21 9.77 -20.68 -18.64
CA CYS K 21 10.01 -19.43 -19.33
C CYS K 21 10.76 -18.49 -18.40
N SER K 22 11.77 -17.81 -18.95
CA SER K 22 12.63 -16.95 -18.16
C SER K 22 12.80 -15.63 -18.88
N GLN K 23 13.20 -14.61 -18.12
CA GLN K 23 13.55 -13.32 -18.68
C GLN K 23 14.57 -12.67 -17.75
N ASN K 24 15.58 -12.05 -18.35
CA ASN K 24 16.60 -11.32 -17.61
C ASN K 24 16.45 -9.82 -17.84
N MET K 25 15.20 -9.37 -17.91
CA MET K 25 14.87 -7.98 -18.19
C MET K 25 14.42 -7.23 -16.95
N ASN K 26 14.52 -7.86 -15.78
CA ASN K 26 14.08 -7.26 -14.51
C ASN K 26 12.58 -6.97 -14.53
N HIS K 27 11.82 -7.88 -15.12
CA HIS K 27 10.37 -7.73 -15.25
C HIS K 27 9.68 -8.25 -14.01
N GLU K 28 8.85 -7.41 -13.39
CA GLU K 28 8.14 -7.79 -12.18
C GLU K 28 6.97 -8.73 -12.47
N TYR K 29 6.33 -8.58 -13.62
CA TYR K 29 5.13 -9.32 -13.95
C TYR K 29 5.43 -10.46 -14.91
N MET K 30 4.93 -11.65 -14.60
CA MET K 30 4.97 -12.79 -15.52
C MET K 30 3.70 -13.61 -15.35
N SER K 31 3.16 -14.08 -16.47
CA SER K 31 1.89 -14.78 -16.47
C SER K 31 1.91 -15.86 -17.53
N TRP K 32 1.10 -16.88 -17.33
CA TRP K 32 0.92 -17.95 -18.30
C TRP K 32 -0.48 -17.87 -18.89
N TYR K 33 -0.55 -18.08 -20.20
CA TYR K 33 -1.82 -18.07 -20.93
C TYR K 33 -1.93 -19.37 -21.72
N ARG K 34 -3.16 -19.67 -22.14
CA ARG K 34 -3.42 -20.78 -23.03
C ARG K 34 -4.53 -20.37 -23.99
N GLN K 35 -4.36 -20.70 -25.26
CA GLN K 35 -5.33 -20.35 -26.29
C GLN K 35 -5.87 -21.62 -26.93
N ASP K 36 -7.18 -21.75 -26.99
CA ASP K 36 -7.88 -22.89 -27.56
C ASP K 36 -8.93 -22.42 -28.55
N PRO K 37 -9.18 -23.20 -29.60
CA PRO K 37 -10.20 -22.79 -30.58
C PRO K 37 -11.55 -22.64 -29.93
N GLY K 38 -12.23 -21.52 -30.21
CA GLY K 38 -13.51 -21.22 -29.62
C GLY K 38 -13.44 -20.57 -28.27
N LEU K 39 -12.34 -20.71 -27.54
CA LEU K 39 -12.19 -20.13 -26.21
C LEU K 39 -11.26 -18.93 -26.15
N GLY K 40 -10.29 -18.84 -27.05
CA GLY K 40 -9.39 -17.70 -27.08
C GLY K 40 -8.34 -17.75 -25.99
N LEU K 41 -7.75 -16.59 -25.73
CA LEU K 41 -6.73 -16.48 -24.69
C LEU K 41 -7.37 -16.51 -23.30
N ARG K 42 -6.84 -17.36 -22.43
CA ARG K 42 -7.31 -17.44 -21.06
C ARG K 42 -6.10 -17.55 -20.13
N GLN K 43 -6.11 -16.74 -19.08
CA GLN K 43 -4.97 -16.68 -18.17
C GLN K 43 -5.01 -17.85 -17.21
N ILE K 44 -3.84 -18.45 -16.98
CA ILE K 44 -3.72 -19.60 -16.09
C ILE K 44 -3.29 -19.15 -14.71
N TYR K 45 -2.11 -18.54 -14.63
CA TYR K 45 -1.56 -17.99 -13.40
C TYR K 45 -0.76 -16.74 -13.75
N TYR K 46 -0.60 -15.86 -12.77
CA TYR K 46 0.22 -14.67 -12.99
C TYR K 46 0.91 -14.30 -11.68
N SER K 47 2.06 -13.64 -11.82
CA SER K 47 2.87 -13.22 -10.69
C SER K 47 3.15 -11.74 -10.81
N MET K 48 2.71 -10.95 -9.83
CA MET K 48 2.93 -9.52 -9.82
C MET K 48 4.26 -9.12 -9.17
N ASN K 49 4.90 -10.04 -8.46
CA ASN K 49 6.09 -9.73 -7.67
C ASN K 49 6.77 -11.05 -7.35
N VAL K 50 7.99 -10.96 -6.82
CA VAL K 50 8.69 -12.17 -6.40
C VAL K 50 7.94 -12.80 -5.24
N GLU K 51 7.76 -14.13 -5.32
CA GLU K 51 7.05 -14.90 -4.29
C GLU K 51 5.60 -14.45 -4.13
N VAL K 52 4.98 -14.00 -5.22
CA VAL K 52 3.56 -13.63 -5.24
C VAL K 52 2.92 -14.35 -6.42
N THR K 53 1.87 -15.12 -6.15
CA THR K 53 1.22 -15.93 -7.18
C THR K 53 -0.29 -15.84 -7.01
N ASP K 54 -0.98 -15.61 -8.13
CA ASP K 54 -2.44 -15.52 -8.13
C ASP K 54 -3.01 -16.34 -9.29
N LYS K 55 -4.17 -16.94 -9.04
CA LYS K 55 -4.81 -17.78 -10.04
C LYS K 55 -5.39 -16.92 -11.16
N GLY K 56 -5.33 -17.44 -12.38
CA GLY K 56 -5.94 -16.82 -13.54
C GLY K 56 -7.37 -17.24 -13.72
N ASP K 57 -7.80 -17.28 -14.99
CA ASP K 57 -9.17 -17.69 -15.29
C ASP K 57 -9.32 -19.20 -15.27
N VAL K 58 -8.31 -19.92 -15.77
CA VAL K 58 -8.37 -21.37 -15.82
C VAL K 58 -7.10 -21.92 -15.15
N PRO K 59 -7.03 -21.89 -13.81
CA PRO K 59 -5.85 -22.40 -13.11
C PRO K 59 -5.93 -23.87 -12.75
N GLU K 60 -7.08 -24.51 -12.93
CA GLU K 60 -7.23 -25.91 -12.54
C GLU K 60 -6.24 -26.78 -13.31
N GLY K 61 -5.51 -27.61 -12.57
CA GLY K 61 -4.55 -28.52 -13.18
C GLY K 61 -3.15 -27.98 -13.32
N TYR K 62 -2.92 -26.72 -13.00
CA TYR K 62 -1.61 -26.10 -13.13
C TYR K 62 -1.12 -25.57 -11.79
N LYS K 63 0.20 -25.53 -11.64
CA LYS K 63 0.86 -24.88 -10.50
C LYS K 63 2.04 -24.09 -11.03
N VAL K 64 2.36 -23.00 -10.34
CA VAL K 64 3.45 -22.12 -10.75
C VAL K 64 4.30 -21.77 -9.53
N SER K 65 5.41 -21.08 -9.79
CA SER K 65 6.31 -20.67 -8.74
C SER K 65 7.00 -19.37 -9.16
N ARG K 66 7.31 -18.53 -8.19
CA ARG K 66 8.06 -17.30 -8.42
C ARG K 66 9.10 -17.12 -7.30
N LYS K 67 9.98 -18.12 -7.13
CA LYS K 67 11.00 -18.00 -6.10
C LYS K 67 12.04 -16.95 -6.46
N GLU K 68 12.34 -16.78 -7.74
CA GLU K 68 13.22 -15.72 -8.22
C GLU K 68 12.59 -15.03 -9.41
N LYS K 69 12.78 -13.70 -9.47
CA LYS K 69 12.12 -12.85 -10.45
C LYS K 69 12.36 -13.32 -11.89
N ARG K 70 13.49 -13.97 -12.17
CA ARG K 70 13.79 -14.29 -13.56
C ARG K 70 12.86 -15.37 -14.13
N ASN K 71 12.37 -16.29 -13.30
CA ASN K 71 11.74 -17.51 -13.78
C ASN K 71 10.29 -17.60 -13.34
N PHE K 72 9.46 -18.19 -14.21
CA PHE K 72 8.06 -18.43 -13.92
C PHE K 72 7.62 -19.75 -14.56
N PRO K 73 7.92 -20.87 -13.92
CA PRO K 73 7.59 -22.17 -14.52
C PRO K 73 6.11 -22.51 -14.41
N LEU K 74 5.63 -23.23 -15.40
CA LEU K 74 4.28 -23.79 -15.42
C LEU K 74 4.39 -25.29 -15.20
N ILE K 75 3.84 -25.78 -14.10
CA ILE K 75 4.00 -27.18 -13.69
C ILE K 75 2.67 -27.89 -13.82
N LEU K 76 2.67 -29.03 -14.51
CA LEU K 76 1.51 -29.90 -14.64
C LEU K 76 1.83 -31.19 -13.90
N GLU K 77 1.31 -31.29 -12.66
CA GLU K 77 1.60 -32.46 -11.82
C GLU K 77 1.13 -33.74 -12.50
N SER K 78 -0.12 -33.77 -12.95
CA SER K 78 -0.68 -34.92 -13.66
C SER K 78 -1.42 -34.39 -14.89
N PRO K 79 -0.71 -34.24 -16.01
CA PRO K 79 -1.35 -33.69 -17.21
C PRO K 79 -2.40 -34.62 -17.76
N SER K 80 -3.50 -34.04 -18.24
CA SER K 80 -4.61 -34.74 -18.83
C SER K 80 -4.86 -34.20 -20.23
N PRO K 81 -5.49 -34.99 -21.11
CA PRO K 81 -5.67 -34.54 -22.50
C PRO K 81 -6.34 -33.18 -22.67
N ASN K 82 -7.22 -32.78 -21.74
CA ASN K 82 -7.86 -31.48 -21.88
C ASN K 82 -6.87 -30.33 -21.78
N GLN K 83 -5.65 -30.58 -21.30
CA GLN K 83 -4.60 -29.57 -21.23
C GLN K 83 -3.75 -29.51 -22.51
N THR K 84 -4.11 -30.26 -23.54
CA THR K 84 -3.48 -30.12 -24.85
C THR K 84 -3.87 -28.77 -25.42
N SER K 85 -2.92 -27.85 -25.52
CA SER K 85 -3.24 -26.48 -25.90
C SER K 85 -1.99 -25.78 -26.39
N LEU K 86 -2.16 -24.53 -26.80
CA LEU K 86 -1.07 -23.62 -27.13
C LEU K 86 -0.88 -22.69 -25.94
N TYR K 87 0.31 -22.74 -25.33
CA TYR K 87 0.60 -21.98 -24.12
C TYR K 87 1.51 -20.81 -24.45
N PHE K 88 1.29 -19.70 -23.76
CA PHE K 88 2.11 -18.50 -23.92
C PHE K 88 2.52 -17.99 -22.56
N CYS K 89 3.83 -17.79 -22.39
CA CYS K 89 4.34 -17.05 -21.24
C CYS K 89 4.53 -15.60 -21.65
N ALA K 90 4.21 -14.70 -20.74
CA ALA K 90 4.31 -13.27 -21.01
C ALA K 90 4.91 -12.58 -19.80
N SER K 91 5.53 -11.43 -20.05
CA SER K 91 6.13 -10.66 -18.97
C SER K 91 5.88 -9.18 -19.23
N SER K 92 5.88 -8.41 -18.15
CA SER K 92 5.78 -6.96 -18.23
C SER K 92 6.76 -6.35 -17.24
N LEU K 93 7.21 -5.13 -17.56
CA LEU K 93 8.18 -4.47 -16.68
C LEU K 93 7.62 -4.32 -15.27
N VAL K 94 6.37 -3.85 -15.15
CA VAL K 94 5.64 -3.84 -13.90
C VAL K 94 4.24 -4.39 -14.19
N GLY K 95 3.57 -4.83 -13.12
CA GLY K 95 2.28 -5.45 -13.27
C GLY K 95 1.15 -4.53 -13.70
N ALA K 96 1.38 -3.23 -13.83
CA ALA K 96 0.26 -2.32 -14.05
C ALA K 96 0.41 -1.47 -15.30
N GLY K 97 1.54 -0.80 -15.45
CA GLY K 97 1.68 0.20 -16.49
C GLY K 97 2.04 -0.29 -17.88
N GLN K 98 2.97 -1.22 -17.95
CA GLN K 98 3.67 -1.56 -19.19
C GLN K 98 2.94 -2.63 -19.97
N PRO K 99 3.23 -2.76 -21.26
CA PRO K 99 2.65 -3.84 -22.06
C PRO K 99 3.32 -5.17 -21.74
N GLN K 100 2.73 -6.23 -22.28
CA GLN K 100 3.23 -7.59 -22.08
C GLN K 100 4.04 -8.02 -23.30
N HIS K 101 5.22 -8.58 -23.04
CA HIS K 101 5.99 -9.26 -24.06
C HIS K 101 5.74 -10.77 -23.96
N PHE K 102 5.39 -11.39 -25.08
CA PHE K 102 5.03 -12.79 -25.11
C PHE K 102 6.21 -13.64 -25.58
N GLY K 103 6.21 -14.90 -25.16
CA GLY K 103 7.22 -15.85 -25.59
C GLY K 103 6.92 -16.35 -26.98
N ASP K 104 7.52 -17.49 -27.33
CA ASP K 104 7.34 -18.06 -28.65
C ASP K 104 6.23 -19.10 -28.69
N GLY K 105 5.71 -19.52 -27.54
CA GLY K 105 4.60 -20.46 -27.52
C GLY K 105 5.02 -21.90 -27.36
N THR K 106 4.22 -22.67 -26.64
CA THR K 106 4.45 -24.09 -26.43
C THR K 106 3.21 -24.85 -26.89
N ARG K 107 3.33 -25.57 -27.99
CA ARG K 107 2.26 -26.43 -28.48
C ARG K 107 2.39 -27.78 -27.79
N LEU K 108 1.68 -27.93 -26.67
CA LEU K 108 1.72 -29.13 -25.87
C LEU K 108 0.63 -30.09 -26.33
N SER K 109 0.99 -31.36 -26.50
CA SER K 109 0.05 -32.41 -26.90
C SER K 109 0.14 -33.55 -25.90
N ILE K 110 -0.92 -33.74 -25.12
CA ILE K 110 -1.00 -34.79 -24.11
C ILE K 110 -1.88 -35.92 -24.64
N LEU K 111 -1.27 -37.09 -24.85
CA LEU K 111 -1.96 -38.22 -25.45
C LEU K 111 -2.07 -39.38 -24.47
N GLU K 112 -3.08 -40.23 -24.72
CA GLU K 112 -3.26 -41.43 -23.93
C GLU K 112 -2.25 -42.51 -24.29
N ASP K 113 -1.78 -42.51 -25.54
CA ASP K 113 -0.87 -43.55 -26.01
C ASP K 113 -0.02 -42.97 -27.13
N LEU K 114 1.29 -43.14 -27.01
CA LEU K 114 2.21 -42.62 -28.02
C LEU K 114 2.15 -43.41 -29.32
N ASN K 115 1.38 -44.50 -29.38
CA ASN K 115 1.24 -45.24 -30.64
C ASN K 115 0.46 -44.48 -31.69
N LYS K 116 -0.07 -43.30 -31.35
CA LYS K 116 -0.84 -42.48 -32.26
C LYS K 116 0.01 -41.42 -32.94
N VAL K 117 1.29 -41.32 -32.57
CA VAL K 117 2.20 -40.33 -33.14
C VAL K 117 2.82 -40.91 -34.41
N PHE K 118 2.60 -40.22 -35.54
CA PHE K 118 3.13 -40.64 -36.82
C PHE K 118 3.87 -39.49 -37.48
N PRO K 119 5.01 -39.76 -38.10
CA PRO K 119 5.70 -38.72 -38.88
C PRO K 119 5.00 -38.47 -40.19
N PRO K 120 5.24 -37.33 -40.84
CA PRO K 120 4.57 -37.05 -42.10
C PRO K 120 5.24 -37.72 -43.28
N GLU K 121 4.47 -37.88 -44.34
CA GLU K 121 4.97 -38.32 -45.64
C GLU K 121 4.81 -37.17 -46.61
N VAL K 122 5.91 -36.78 -47.26
CA VAL K 122 5.95 -35.58 -48.09
C VAL K 122 6.10 -35.99 -49.55
N ALA K 123 5.33 -35.35 -50.42
CA ALA K 123 5.42 -35.56 -51.86
C ALA K 123 5.22 -34.25 -52.58
N VAL K 124 6.02 -34.03 -53.63
CA VAL K 124 5.95 -32.84 -54.47
C VAL K 124 5.29 -33.22 -55.78
N PHE K 125 4.40 -32.36 -56.25
CA PHE K 125 3.71 -32.55 -57.52
C PHE K 125 4.14 -31.46 -58.48
N GLU K 126 4.76 -31.85 -59.58
CA GLU K 126 5.36 -30.89 -60.49
C GLU K 126 4.28 -30.16 -61.29
N PRO K 127 4.56 -28.93 -61.73
CA PRO K 127 3.49 -28.08 -62.29
C PRO K 127 2.82 -28.69 -63.51
N SER K 128 1.58 -28.25 -63.74
CA SER K 128 0.83 -28.67 -64.91
C SER K 128 1.34 -27.99 -66.16
N GLU K 129 1.50 -28.76 -67.24
CA GLU K 129 1.92 -28.15 -68.50
C GLU K 129 0.83 -27.26 -69.10
N ALA K 130 -0.44 -27.48 -68.70
CA ALA K 130 -1.50 -26.60 -69.16
C ALA K 130 -1.41 -25.23 -68.50
N GLU K 131 -1.05 -25.20 -67.21
CA GLU K 131 -0.85 -23.92 -66.54
C GLU K 131 0.30 -23.14 -67.17
N ILE K 132 1.36 -23.85 -67.56
CA ILE K 132 2.51 -23.21 -68.17
C ILE K 132 2.13 -22.56 -69.49
N SER K 133 1.32 -23.25 -70.29
CA SER K 133 0.90 -22.71 -71.59
C SER K 133 -0.04 -21.53 -71.41
N HIS K 134 -0.98 -21.63 -70.47
CA HIS K 134 -2.02 -20.63 -70.34
C HIS K 134 -1.53 -19.39 -69.60
N THR K 135 -0.95 -19.58 -68.42
CA THR K 135 -0.61 -18.47 -67.53
C THR K 135 0.85 -18.05 -67.60
N GLN K 136 1.69 -18.79 -68.33
CA GLN K 136 3.14 -18.55 -68.37
C GLN K 136 3.76 -18.62 -66.97
N LYS K 137 3.11 -19.36 -66.08
CA LYS K 137 3.61 -19.58 -64.73
C LYS K 137 3.46 -21.05 -64.39
N ALA K 138 4.15 -21.47 -63.32
CA ALA K 138 4.18 -22.87 -62.93
C ALA K 138 4.02 -22.97 -61.42
N THR K 139 3.00 -23.70 -60.98
CA THR K 139 2.71 -23.88 -59.57
C THR K 139 3.06 -25.30 -59.16
N LEU K 140 3.94 -25.43 -58.16
CA LEU K 140 4.22 -26.72 -57.53
C LEU K 140 3.34 -26.87 -56.29
N VAL K 141 3.04 -28.11 -55.95
CA VAL K 141 2.21 -28.42 -54.79
C VAL K 141 2.91 -29.48 -53.95
N CYS K 142 3.05 -29.21 -52.66
CA CYS K 142 3.68 -30.08 -51.69
C CYS K 142 2.61 -30.59 -50.72
N LEU K 143 2.59 -31.91 -50.49
CA LEU K 143 1.59 -32.55 -49.66
C LEU K 143 2.27 -33.29 -48.52
N ALA K 144 1.97 -32.88 -47.28
CA ALA K 144 2.42 -33.59 -46.10
C ALA K 144 1.20 -34.27 -45.47
N THR K 145 1.21 -35.60 -45.45
CA THR K 145 0.02 -36.36 -45.08
C THR K 145 0.34 -37.40 -44.01
N GLY K 146 -0.71 -37.82 -43.31
CA GLY K 146 -0.63 -38.95 -42.41
C GLY K 146 0.18 -38.74 -41.16
N PHE K 147 0.25 -37.51 -40.66
CA PHE K 147 1.03 -37.20 -39.47
C PHE K 147 0.12 -36.84 -38.30
N PHE K 148 0.62 -37.13 -37.09
CA PHE K 148 -0.08 -36.80 -35.86
C PHE K 148 0.96 -36.70 -34.76
N PRO K 149 0.91 -35.68 -33.88
CA PRO K 149 -0.09 -34.59 -33.82
C PRO K 149 0.14 -33.50 -34.85
N ASP K 150 -0.46 -32.33 -34.65
CA ASP K 150 -0.31 -31.20 -35.57
C ASP K 150 0.96 -30.42 -35.25
N HIS K 151 2.09 -31.09 -35.14
CA HIS K 151 3.37 -30.46 -34.86
C HIS K 151 4.25 -30.56 -36.11
N VAL K 152 3.98 -29.69 -37.09
CA VAL K 152 4.74 -29.67 -38.34
C VAL K 152 5.01 -28.23 -38.74
N GLU K 153 6.09 -28.05 -39.50
CA GLU K 153 6.44 -26.76 -40.08
C GLU K 153 6.91 -27.02 -41.51
N LEU K 154 6.14 -26.53 -42.49
CA LEU K 154 6.45 -26.73 -43.89
C LEU K 154 7.18 -25.51 -44.44
N SER K 155 8.24 -25.76 -45.22
CA SER K 155 9.05 -24.69 -45.78
C SER K 155 9.53 -25.08 -47.18
N TRP K 156 9.59 -24.10 -48.07
CA TRP K 156 10.07 -24.31 -49.43
C TRP K 156 11.52 -23.82 -49.54
N TRP K 157 12.34 -24.61 -50.21
CA TRP K 157 13.76 -24.31 -50.38
C TRP K 157 14.10 -24.41 -51.87
N VAL K 158 14.42 -23.28 -52.48
CA VAL K 158 14.78 -23.21 -53.90
C VAL K 158 16.28 -22.92 -53.99
N ASN K 159 17.03 -23.85 -54.57
CA ASN K 159 18.47 -23.71 -54.77
C ASN K 159 19.22 -23.51 -53.46
N GLY K 160 18.72 -24.12 -52.38
CA GLY K 160 19.41 -24.08 -51.10
C GLY K 160 19.02 -22.92 -50.21
N LYS K 161 18.20 -21.99 -50.69
CA LYS K 161 17.71 -20.87 -49.90
C LYS K 161 16.23 -21.05 -49.63
N GLU K 162 15.80 -20.74 -48.41
CA GLU K 162 14.39 -20.77 -48.09
C GLU K 162 13.69 -19.59 -48.76
N VAL K 163 12.58 -19.88 -49.45
CA VAL K 163 11.84 -18.85 -50.17
C VAL K 163 10.47 -18.69 -49.54
N HIS K 164 10.02 -17.43 -49.46
CA HIS K 164 8.67 -17.12 -49.05
C HIS K 164 7.84 -16.49 -50.16
N SER K 165 8.47 -15.84 -51.13
CA SER K 165 7.75 -15.28 -52.27
C SER K 165 7.19 -16.40 -53.13
N GLY K 166 5.97 -16.22 -53.61
CA GLY K 166 5.32 -17.24 -54.41
C GLY K 166 4.95 -18.48 -53.65
N VAL K 167 4.87 -18.41 -52.32
CA VAL K 167 4.55 -19.55 -51.47
C VAL K 167 3.25 -19.24 -50.73
N CYS K 168 2.43 -20.28 -50.53
CA CYS K 168 1.27 -20.17 -49.66
C CYS K 168 0.99 -21.55 -49.10
N THR K 169 0.99 -21.67 -47.77
CA THR K 169 0.69 -22.92 -47.09
C THR K 169 -0.64 -22.79 -46.35
N ASP K 170 -1.38 -23.91 -46.27
CA ASP K 170 -2.67 -23.91 -45.60
C ASP K 170 -2.49 -23.48 -44.13
N PRO K 171 -3.33 -22.58 -43.63
CA PRO K 171 -3.23 -22.19 -42.22
C PRO K 171 -3.56 -23.32 -41.25
N GLN K 172 -4.44 -24.25 -41.65
CA GLN K 172 -4.83 -25.36 -40.81
C GLN K 172 -4.79 -26.66 -41.61
N PRO K 173 -4.40 -27.76 -40.99
CA PRO K 173 -4.38 -29.04 -41.70
C PRO K 173 -5.78 -29.63 -41.78
N LEU K 174 -5.90 -30.65 -42.63
CA LEU K 174 -7.14 -31.40 -42.78
C LEU K 174 -7.02 -32.74 -42.08
N LYS K 175 -8.07 -33.14 -41.37
CA LYS K 175 -8.10 -34.47 -40.78
C LYS K 175 -8.38 -35.49 -41.88
N GLU K 176 -7.49 -36.46 -42.04
CA GLU K 176 -7.70 -37.48 -43.06
C GLU K 176 -8.97 -38.28 -42.79
N GLN K 177 -9.30 -38.51 -41.52
CA GLN K 177 -10.55 -39.15 -41.13
C GLN K 177 -11.19 -38.26 -40.07
N PRO K 178 -12.03 -37.30 -40.49
CA PRO K 178 -12.53 -36.30 -39.53
C PRO K 178 -13.40 -36.87 -38.42
N ALA K 179 -13.86 -38.11 -38.54
CA ALA K 179 -14.71 -38.72 -37.52
C ALA K 179 -13.93 -39.33 -36.37
N LEU K 180 -12.68 -38.93 -36.16
CA LEU K 180 -11.84 -39.48 -35.10
C LEU K 180 -11.30 -38.36 -34.23
N ASN K 181 -11.04 -38.68 -32.96
CA ASN K 181 -10.37 -37.77 -32.05
C ASN K 181 -8.86 -37.92 -32.08
N ASP K 182 -8.35 -38.70 -33.05
CA ASP K 182 -6.91 -38.93 -33.17
C ASP K 182 -6.52 -39.10 -34.62
N SER K 183 -7.24 -38.46 -35.54
CA SER K 183 -6.99 -38.63 -36.95
C SER K 183 -5.69 -37.97 -37.35
N ARG K 184 -4.94 -38.66 -38.21
CA ARG K 184 -3.73 -38.08 -38.78
C ARG K 184 -4.09 -36.95 -39.74
N TYR K 185 -3.18 -36.00 -39.88
CA TYR K 185 -3.46 -34.77 -40.60
C TYR K 185 -2.82 -34.78 -41.99
N ALA K 186 -3.30 -33.86 -42.83
CA ALA K 186 -2.76 -33.66 -44.17
C ALA K 186 -2.66 -32.17 -44.41
N LEU K 187 -1.53 -31.73 -44.94
CA LEU K 187 -1.24 -30.33 -45.18
C LEU K 187 -0.80 -30.15 -46.63
N SER K 188 -1.18 -29.02 -47.22
CA SER K 188 -0.82 -28.69 -48.58
C SER K 188 -0.16 -27.32 -48.63
N SER K 189 0.76 -27.16 -49.57
CA SER K 189 1.44 -25.90 -49.81
C SER K 189 1.69 -25.74 -51.29
N ARG K 190 1.85 -24.48 -51.72
CA ARG K 190 2.01 -24.14 -53.13
C ARG K 190 3.20 -23.20 -53.31
N LEU K 191 4.06 -23.53 -54.27
CA LEU K 191 5.14 -22.64 -54.70
C LEU K 191 4.96 -22.37 -56.18
N ARG K 192 4.76 -21.11 -56.54
CA ARG K 192 4.50 -20.71 -57.91
C ARG K 192 5.64 -19.85 -58.43
N VAL K 193 6.24 -20.27 -59.54
CA VAL K 193 7.34 -19.56 -60.17
C VAL K 193 6.98 -19.30 -61.62
N SER K 194 7.82 -18.51 -62.29
CA SER K 194 7.61 -18.26 -63.71
C SER K 194 7.86 -19.52 -64.52
N ALA K 195 7.22 -19.61 -65.68
CA ALA K 195 7.41 -20.76 -66.55
C ALA K 195 8.88 -20.91 -66.93
N THR K 196 9.56 -19.79 -67.18
CA THR K 196 10.97 -19.84 -67.54
C THR K 196 11.81 -20.40 -66.40
N PHE K 197 11.46 -20.07 -65.15
CA PHE K 197 12.23 -20.55 -64.01
C PHE K 197 12.07 -22.05 -63.83
N TRP K 198 10.86 -22.57 -64.00
CA TRP K 198 10.65 -24.01 -63.87
C TRP K 198 11.34 -24.78 -65.00
N GLN K 199 11.50 -24.17 -66.17
CA GLN K 199 12.12 -24.82 -67.31
C GLN K 199 13.64 -24.78 -67.29
N ASN K 200 14.25 -24.40 -66.17
CA ASN K 200 15.70 -24.38 -66.05
C ASN K 200 16.14 -25.61 -65.28
N PRO K 201 16.85 -26.57 -65.91
CA PRO K 201 17.21 -27.80 -65.20
C PRO K 201 18.23 -27.60 -64.08
N ARG K 202 18.83 -26.43 -63.94
CA ARG K 202 19.76 -26.17 -62.83
C ARG K 202 19.05 -25.68 -61.57
N ASN K 203 17.74 -25.44 -61.62
CA ASN K 203 16.99 -25.00 -60.46
C ASN K 203 16.50 -26.20 -59.66
N HIS K 204 16.78 -26.19 -58.36
CA HIS K 204 16.43 -27.28 -57.46
C HIS K 204 15.32 -26.82 -56.53
N PHE K 205 14.20 -27.55 -56.52
CA PHE K 205 13.07 -27.26 -55.68
C PHE K 205 12.94 -28.32 -54.61
N ARG K 206 12.75 -27.90 -53.36
CA ARG K 206 12.55 -28.84 -52.27
C ARG K 206 11.60 -28.24 -51.25
N CYS K 207 10.55 -28.97 -50.90
CA CYS K 207 9.71 -28.61 -49.78
C CYS K 207 10.08 -29.49 -48.59
N GLN K 208 10.26 -28.85 -47.44
CA GLN K 208 10.73 -29.51 -46.22
C GLN K 208 9.64 -29.43 -45.17
N VAL K 209 9.38 -30.55 -44.51
CA VAL K 209 8.41 -30.62 -43.43
C VAL K 209 9.17 -31.04 -42.18
N GLN K 210 9.26 -30.11 -41.23
CA GLN K 210 9.87 -30.38 -39.94
C GLN K 210 8.81 -30.95 -39.01
N PHE K 211 9.01 -32.18 -38.55
CA PHE K 211 8.08 -32.84 -37.65
C PHE K 211 8.62 -32.78 -36.23
N TYR K 212 7.83 -32.23 -35.32
CA TYR K 212 8.19 -32.18 -33.90
C TYR K 212 7.46 -33.33 -33.21
N GLY K 213 8.15 -34.46 -33.09
CA GLY K 213 7.55 -35.62 -32.47
C GLY K 213 8.21 -36.00 -31.16
N LEU K 214 8.52 -37.27 -31.00
CA LEU K 214 9.10 -37.76 -29.76
C LEU K 214 10.59 -37.42 -29.71
N SER K 215 11.18 -37.62 -28.55
CA SER K 215 12.61 -37.46 -28.37
C SER K 215 13.26 -38.84 -28.27
N GLU K 216 14.59 -38.86 -28.44
CA GLU K 216 15.29 -40.13 -28.34
C GLU K 216 15.25 -40.70 -26.93
N ASN K 217 14.95 -39.86 -25.93
CA ASN K 217 14.79 -40.33 -24.56
C ASN K 217 13.44 -41.03 -24.34
N ASP K 218 12.44 -40.75 -25.17
CA ASP K 218 11.13 -41.38 -25.03
C ASP K 218 11.22 -42.88 -25.26
N GLU K 219 10.20 -43.60 -24.76
CA GLU K 219 10.14 -45.05 -24.85
C GLU K 219 9.29 -45.44 -26.04
N TRP K 220 9.79 -46.37 -26.85
CA TRP K 220 9.08 -46.86 -28.03
C TRP K 220 9.06 -48.37 -27.98
N THR K 221 7.85 -48.95 -27.90
CA THR K 221 7.68 -50.39 -27.86
C THR K 221 7.07 -50.94 -29.15
N GLN K 222 6.84 -50.10 -30.14
CA GLN K 222 6.18 -50.53 -31.38
C GLN K 222 7.21 -51.14 -32.34
N ASP K 223 6.70 -51.95 -33.26
CA ASP K 223 7.57 -52.56 -34.27
C ASP K 223 8.04 -51.55 -35.30
N ARG K 224 7.28 -50.47 -35.50
CA ARG K 224 7.66 -49.46 -36.49
C ARG K 224 8.74 -48.56 -35.89
N ALA K 225 9.13 -47.53 -36.63
CA ALA K 225 10.19 -46.66 -36.17
C ALA K 225 9.66 -45.66 -35.14
N LYS K 226 10.54 -45.27 -34.23
CA LYS K 226 10.16 -44.30 -33.20
C LYS K 226 9.89 -42.96 -33.88
N PRO K 227 8.67 -42.41 -33.78
CA PRO K 227 8.39 -41.14 -34.44
C PRO K 227 9.09 -39.96 -33.79
N VAL K 228 10.42 -39.95 -33.88
CA VAL K 228 11.19 -38.86 -33.28
C VAL K 228 11.03 -37.59 -34.11
N THR K 229 11.44 -36.48 -33.50
CA THR K 229 11.55 -35.23 -34.23
C THR K 229 12.48 -35.42 -35.42
N GLN K 230 11.98 -35.11 -36.61
CA GLN K 230 12.70 -35.40 -37.83
C GLN K 230 12.24 -34.45 -38.92
N ILE K 231 13.00 -34.42 -40.01
CA ILE K 231 12.67 -33.65 -41.20
C ILE K 231 12.38 -34.62 -42.33
N VAL K 232 11.25 -34.42 -43.01
CA VAL K 232 10.89 -35.19 -44.18
C VAL K 232 10.75 -34.22 -45.34
N SER K 233 11.47 -34.48 -46.43
CA SER K 233 11.52 -33.57 -47.56
C SER K 233 11.14 -34.30 -48.84
N ALA K 234 10.73 -33.52 -49.84
CA ALA K 234 10.50 -34.00 -51.19
C ALA K 234 11.01 -32.95 -52.15
N GLU K 235 11.65 -33.39 -53.23
CA GLU K 235 12.35 -32.47 -54.11
C GLU K 235 11.91 -32.67 -55.55
N ALA K 236 12.17 -31.64 -56.36
CA ALA K 236 11.91 -31.68 -57.80
C ALA K 236 12.90 -30.77 -58.50
N TRP K 237 13.37 -31.18 -59.66
CA TRP K 237 14.31 -30.41 -60.45
C TRP K 237 13.60 -29.74 -61.61
N GLY K 238 14.24 -28.69 -62.15
CA GLY K 238 13.69 -28.01 -63.30
C GLY K 238 13.68 -28.91 -64.53
N ARG K 239 12.73 -28.64 -65.42
CA ARG K 239 12.46 -29.50 -66.56
C ARG K 239 12.40 -28.63 -67.81
N ALA K 240 13.36 -28.82 -68.71
CA ALA K 240 13.45 -27.98 -69.91
C ALA K 240 12.27 -28.23 -70.85
N ASP K 241 11.83 -29.48 -70.97
CA ASP K 241 10.78 -29.82 -71.91
C ASP K 241 9.43 -29.25 -71.48
N ILE L 1 -11.24 -29.69 -8.28
CA ILE L 1 -11.26 -29.24 -9.67
C ILE L 1 -12.69 -29.26 -10.21
N LEU L 2 -13.23 -28.06 -10.48
CA LEU L 2 -14.65 -27.86 -10.81
C LEU L 2 -14.76 -26.79 -11.92
N ASN L 3 -14.60 -27.20 -13.16
CA ASN L 3 -14.54 -26.24 -14.26
C ASN L 3 -15.33 -26.74 -15.45
N VAL L 4 -16.14 -25.86 -16.04
CA VAL L 4 -16.97 -26.18 -17.20
C VAL L 4 -16.61 -25.22 -18.31
N GLU L 5 -16.10 -25.76 -19.41
CA GLU L 5 -15.76 -24.97 -20.59
C GLU L 5 -16.80 -25.20 -21.67
N GLN L 6 -17.15 -24.13 -22.38
CA GLN L 6 -18.12 -24.21 -23.47
C GLN L 6 -17.50 -23.54 -24.69
N SER L 7 -17.39 -24.29 -25.79
CA SER L 7 -16.79 -23.79 -27.01
C SER L 7 -17.74 -24.07 -28.17
N PRO L 8 -17.91 -23.11 -29.08
CA PRO L 8 -17.32 -21.77 -29.09
C PRO L 8 -18.01 -20.81 -28.14
N GLN L 9 -17.40 -19.66 -27.84
CA GLN L 9 -18.09 -18.66 -27.03
C GLN L 9 -19.25 -18.07 -27.82
N SER L 10 -19.04 -17.85 -29.12
CA SER L 10 -20.05 -17.31 -30.02
C SER L 10 -19.93 -18.06 -31.35
N LEU L 11 -21.05 -18.16 -32.06
CA LEU L 11 -21.09 -18.94 -33.28
C LEU L 11 -22.17 -18.40 -34.22
N HIS L 12 -21.82 -18.30 -35.49
CA HIS L 12 -22.74 -17.84 -36.54
C HIS L 12 -22.86 -18.94 -37.59
N VAL L 13 -24.08 -19.35 -37.88
CA VAL L 13 -24.34 -20.37 -38.88
C VAL L 13 -25.48 -19.91 -39.78
N GLN L 14 -25.36 -20.20 -41.07
CA GLN L 14 -26.40 -19.83 -42.02
C GLN L 14 -27.63 -20.71 -41.81
N GLU L 15 -28.82 -20.14 -42.00
CA GLU L 15 -30.04 -20.90 -41.79
C GLU L 15 -30.09 -22.10 -42.72
N GLY L 16 -30.53 -23.24 -42.18
CA GLY L 16 -30.56 -24.47 -42.90
C GLY L 16 -29.30 -25.31 -42.75
N ASP L 17 -28.20 -24.70 -42.35
CA ASP L 17 -26.96 -25.43 -42.11
C ASP L 17 -27.03 -26.13 -40.76
N SER L 18 -25.99 -26.88 -40.44
CA SER L 18 -25.91 -27.63 -39.20
C SER L 18 -24.74 -27.13 -38.35
N THR L 19 -24.88 -27.29 -37.03
CA THR L 19 -23.85 -26.86 -36.10
C THR L 19 -23.82 -27.80 -34.92
N ASN L 20 -22.70 -27.76 -34.20
CA ASN L 20 -22.56 -28.46 -32.94
C ASN L 20 -21.69 -27.61 -32.02
N PHE L 21 -21.88 -27.80 -30.71
CA PHE L 21 -21.03 -27.16 -29.72
C PHE L 21 -20.70 -28.18 -28.65
N THR L 22 -19.67 -27.88 -27.86
CA THR L 22 -19.14 -28.82 -26.90
C THR L 22 -19.20 -28.24 -25.49
N CYS L 23 -19.35 -29.13 -24.52
CA CYS L 23 -19.22 -28.79 -23.11
C CYS L 23 -18.22 -29.73 -22.47
N SER L 24 -17.22 -29.17 -21.80
CA SER L 24 -16.14 -29.94 -21.19
C SER L 24 -16.23 -29.81 -19.68
N PHE L 25 -15.97 -30.90 -18.97
CA PHE L 25 -16.07 -30.95 -17.53
C PHE L 25 -15.11 -32.01 -17.01
N PRO L 26 -14.71 -31.93 -15.74
CA PRO L 26 -13.83 -32.96 -15.18
C PRO L 26 -14.55 -34.29 -15.01
N SER L 27 -13.87 -35.37 -15.40
CA SER L 27 -14.45 -36.71 -15.33
C SER L 27 -14.73 -37.14 -13.89
N SER L 28 -13.72 -37.05 -13.02
CA SER L 28 -13.84 -37.60 -11.68
C SER L 28 -14.85 -36.85 -10.81
N ASN L 29 -15.11 -35.58 -11.08
CA ASN L 29 -16.04 -34.78 -10.27
C ASN L 29 -17.36 -34.55 -10.99
N PHE L 30 -17.92 -35.58 -11.62
CA PHE L 30 -19.15 -35.44 -12.37
C PHE L 30 -20.30 -36.13 -11.65
N TYR L 31 -21.49 -35.52 -11.72
CA TYR L 31 -22.70 -36.13 -11.20
C TYR L 31 -23.77 -36.14 -12.28
N ALA L 32 -23.98 -35.01 -12.94
CA ALA L 32 -25.02 -34.90 -13.96
C ALA L 32 -24.64 -33.75 -14.90
N LEU L 33 -25.35 -33.70 -16.03
CA LEU L 33 -25.17 -32.63 -17.01
C LEU L 33 -26.52 -32.26 -17.60
N HIS L 34 -26.79 -30.95 -17.65
CA HIS L 34 -28.00 -30.42 -18.24
C HIS L 34 -27.64 -29.53 -19.42
N TRP L 35 -28.55 -29.46 -20.40
CA TRP L 35 -28.47 -28.51 -21.49
C TRP L 35 -29.68 -27.58 -21.40
N TYR L 36 -29.42 -26.28 -21.32
CA TYR L 36 -30.47 -25.28 -21.27
C TYR L 36 -30.38 -24.36 -22.48
N ARG L 37 -31.53 -24.04 -23.06
CA ARG L 37 -31.65 -23.10 -24.16
C ARG L 37 -32.29 -21.82 -23.63
N TRP L 38 -31.69 -20.68 -23.97
CA TRP L 38 -32.12 -19.37 -23.47
C TRP L 38 -32.30 -18.42 -24.66
N GLU L 39 -33.50 -18.36 -25.21
CA GLU L 39 -33.79 -17.41 -26.27
C GLU L 39 -33.89 -16.00 -25.69
N THR L 40 -33.63 -15.01 -26.54
CA THR L 40 -33.64 -13.62 -26.09
C THR L 40 -35.03 -13.22 -25.61
N ALA L 41 -35.07 -12.50 -24.49
CA ALA L 41 -36.28 -12.00 -23.85
C ALA L 41 -37.11 -13.12 -23.23
N LYS L 42 -36.79 -14.38 -23.56
CA LYS L 42 -37.44 -15.52 -22.96
C LYS L 42 -36.71 -15.90 -21.66
N SER L 43 -36.96 -17.09 -21.14
CA SER L 43 -36.29 -17.61 -19.96
C SER L 43 -35.50 -18.86 -20.32
N PRO L 44 -34.52 -19.24 -19.51
CA PRO L 44 -33.80 -20.49 -19.76
C PRO L 44 -34.75 -21.68 -19.72
N GLU L 45 -34.69 -22.51 -20.76
CA GLU L 45 -35.55 -23.67 -20.92
C GLU L 45 -34.69 -24.92 -20.96
N ALA L 46 -35.14 -25.97 -20.28
CA ALA L 46 -34.37 -27.20 -20.19
C ALA L 46 -34.50 -27.99 -21.48
N LEU L 47 -33.35 -28.39 -22.04
CA LEU L 47 -33.30 -29.21 -23.24
C LEU L 47 -33.04 -30.68 -22.94
N PHE L 48 -31.99 -30.98 -22.18
CA PHE L 48 -31.62 -32.35 -21.89
C PHE L 48 -31.08 -32.45 -20.47
N VAL L 49 -31.30 -33.62 -19.87
CA VAL L 49 -30.72 -33.98 -18.59
C VAL L 49 -30.11 -35.37 -18.78
N MET L 50 -28.79 -35.45 -18.69
CA MET L 50 -28.06 -36.69 -18.98
C MET L 50 -27.21 -37.05 -17.78
N THR L 51 -27.27 -38.31 -17.37
CA THR L 51 -26.59 -38.76 -16.17
C THR L 51 -25.77 -40.03 -16.34
N LEU L 52 -25.84 -40.69 -17.50
CA LEU L 52 -25.13 -41.94 -17.73
C LEU L 52 -24.15 -41.76 -18.89
N ASN L 53 -23.02 -42.46 -18.79
CA ASN L 53 -22.03 -42.40 -19.86
C ASN L 53 -22.62 -43.00 -21.13
N GLY L 54 -22.32 -42.38 -22.26
CA GLY L 54 -22.86 -42.81 -23.53
C GLY L 54 -24.31 -42.45 -23.78
N ASP L 55 -24.91 -41.62 -22.93
CA ASP L 55 -26.29 -41.21 -23.14
C ASP L 55 -26.40 -40.42 -24.44
N GLU L 56 -27.32 -40.84 -25.30
CA GLU L 56 -27.63 -40.13 -26.53
C GLU L 56 -29.10 -39.74 -26.48
N LYS L 57 -29.36 -38.44 -26.48
CA LYS L 57 -30.71 -37.90 -26.33
C LYS L 57 -31.05 -37.04 -27.53
N LYS L 58 -32.18 -37.34 -28.18
CA LYS L 58 -32.64 -36.60 -29.35
C LYS L 58 -34.02 -36.04 -29.05
N LYS L 59 -34.20 -34.75 -29.31
CA LYS L 59 -35.50 -34.08 -29.17
C LYS L 59 -35.68 -33.16 -30.37
N GLY L 60 -36.43 -33.63 -31.36
CA GLY L 60 -36.59 -32.86 -32.58
C GLY L 60 -35.29 -32.79 -33.36
N ARG L 61 -34.92 -31.58 -33.77
CA ARG L 61 -33.68 -31.38 -34.51
C ARG L 61 -32.47 -31.18 -33.61
N ILE L 62 -32.67 -31.19 -32.30
CA ILE L 62 -31.61 -30.96 -31.32
C ILE L 62 -31.31 -32.29 -30.64
N SER L 63 -30.05 -32.74 -30.71
CA SER L 63 -29.61 -33.97 -30.09
C SER L 63 -28.37 -33.70 -29.24
N ALA L 64 -28.10 -34.61 -28.31
CA ALA L 64 -26.97 -34.44 -27.42
C ALA L 64 -26.38 -35.80 -27.05
N THR L 65 -25.08 -35.80 -26.76
CA THR L 65 -24.36 -36.98 -26.31
C THR L 65 -23.56 -36.63 -25.06
N LEU L 66 -23.26 -37.64 -24.26
CA LEU L 66 -22.50 -37.47 -23.04
C LEU L 66 -21.37 -38.49 -22.97
N ASN L 67 -20.16 -38.01 -22.70
CA ASN L 67 -18.97 -38.85 -22.54
C ASN L 67 -18.37 -38.50 -21.19
N THR L 68 -18.73 -39.24 -20.14
CA THR L 68 -18.24 -38.95 -18.81
C THR L 68 -16.83 -39.45 -18.59
N LYS L 69 -16.35 -40.40 -19.39
CA LYS L 69 -14.98 -40.88 -19.23
C LYS L 69 -13.98 -39.83 -19.66
N GLU L 70 -14.27 -39.10 -20.74
CA GLU L 70 -13.41 -38.04 -21.22
C GLU L 70 -13.92 -36.65 -20.84
N GLY L 71 -15.11 -36.56 -20.24
CA GLY L 71 -15.62 -35.29 -19.77
C GLY L 71 -16.05 -34.34 -20.86
N TYR L 72 -16.86 -34.83 -21.81
CA TYR L 72 -17.31 -34.02 -22.94
C TYR L 72 -18.79 -34.29 -23.18
N SER L 73 -19.49 -33.25 -23.62
CA SER L 73 -20.88 -33.37 -24.08
C SER L 73 -21.06 -32.50 -25.30
N TYR L 74 -21.66 -33.07 -26.35
CA TYR L 74 -21.86 -32.38 -27.62
C TYR L 74 -23.36 -32.19 -27.87
N LEU L 75 -23.73 -30.96 -28.22
CA LEU L 75 -25.10 -30.65 -28.62
C LEU L 75 -25.12 -30.43 -30.13
N TYR L 76 -26.01 -31.13 -30.82
CA TYR L 76 -26.10 -31.04 -32.27
C TYR L 76 -27.41 -30.39 -32.69
N ILE L 77 -27.32 -29.48 -33.66
CA ILE L 77 -28.49 -28.83 -34.26
C ILE L 77 -28.29 -28.88 -35.77
N LYS L 78 -29.01 -29.78 -36.44
CA LYS L 78 -28.95 -29.88 -37.89
C LYS L 78 -30.17 -29.19 -38.50
N GLY L 79 -29.95 -28.50 -39.62
CA GLY L 79 -31.01 -27.77 -40.28
C GLY L 79 -31.47 -26.60 -39.44
N SER L 80 -30.57 -25.63 -39.26
CA SER L 80 -30.82 -24.49 -38.39
C SER L 80 -32.02 -23.69 -38.85
N GLN L 81 -32.80 -23.22 -37.89
CA GLN L 81 -33.95 -22.36 -38.11
C GLN L 81 -33.80 -21.12 -37.24
N PRO L 82 -34.49 -20.03 -37.58
CA PRO L 82 -34.35 -18.80 -36.80
C PRO L 82 -34.62 -18.97 -35.31
N GLU L 83 -35.55 -19.86 -34.93
CA GLU L 83 -35.84 -20.06 -33.51
C GLU L 83 -34.62 -20.56 -32.73
N ASP L 84 -33.66 -21.19 -33.42
CA ASP L 84 -32.49 -21.74 -32.76
C ASP L 84 -31.53 -20.68 -32.22
N SER L 85 -31.70 -19.42 -32.60
CA SER L 85 -30.85 -18.34 -32.11
C SER L 85 -31.08 -18.16 -30.62
N ALA L 86 -30.11 -18.58 -29.81
CA ALA L 86 -30.23 -18.49 -28.36
C ALA L 86 -28.85 -18.72 -27.76
N THR L 87 -28.76 -18.48 -26.46
CA THR L 87 -27.57 -18.83 -25.68
C THR L 87 -27.82 -20.18 -25.03
N TYR L 88 -27.00 -21.17 -25.38
CA TYR L 88 -27.14 -22.52 -24.87
C TYR L 88 -26.22 -22.72 -23.68
N LEU L 89 -26.80 -23.02 -22.53
CA LEU L 89 -26.07 -23.13 -21.28
C LEU L 89 -25.84 -24.59 -20.91
N CYS L 90 -24.65 -24.88 -20.39
CA CYS L 90 -24.29 -26.20 -19.92
C CYS L 90 -24.24 -26.19 -18.40
N TYR L 91 -25.04 -27.03 -17.77
CA TYR L 91 -25.17 -27.11 -16.33
C TYR L 91 -24.63 -28.45 -15.87
N VAL L 92 -23.54 -28.43 -15.11
CA VAL L 92 -22.89 -29.67 -14.69
C VAL L 92 -22.85 -29.73 -13.17
N PRO L 93 -23.83 -30.36 -12.53
CA PRO L 93 -23.70 -30.66 -11.10
C PRO L 93 -22.49 -31.57 -10.87
N MET L 94 -21.75 -31.30 -9.81
CA MET L 94 -20.48 -31.96 -9.58
C MET L 94 -20.40 -32.45 -8.13
N ASP L 95 -19.32 -33.18 -7.86
CA ASP L 95 -19.12 -33.84 -6.57
C ASP L 95 -20.31 -34.75 -6.41
N SER L 96 -21.08 -34.68 -5.32
CA SER L 96 -22.26 -35.52 -5.21
C SER L 96 -23.48 -34.62 -5.17
N ASN L 97 -23.58 -33.74 -6.17
CA ASN L 97 -24.56 -32.66 -6.27
C ASN L 97 -24.30 -31.56 -5.24
N TYR L 98 -23.13 -31.60 -4.58
CA TYR L 98 -22.72 -30.56 -3.65
C TYR L 98 -22.04 -29.38 -4.35
N GLN L 99 -21.79 -29.48 -5.66
CA GLN L 99 -21.24 -28.39 -6.45
C GLN L 99 -22.12 -28.22 -7.69
N LEU L 100 -22.68 -27.02 -7.86
CA LEU L 100 -23.58 -26.72 -8.97
C LEU L 100 -22.87 -25.72 -9.88
N ILE L 101 -22.22 -26.21 -10.93
CA ILE L 101 -21.37 -25.41 -11.80
C ILE L 101 -22.09 -25.14 -13.10
N TRP L 102 -22.13 -23.86 -13.49
CA TRP L 102 -22.73 -23.43 -14.75
C TRP L 102 -21.65 -23.11 -15.77
N GLY L 103 -21.96 -23.38 -17.04
CA GLY L 103 -21.05 -23.01 -18.09
C GLY L 103 -21.19 -21.55 -18.49
N ALA L 104 -20.19 -21.06 -19.22
CA ALA L 104 -20.23 -19.68 -19.70
C ALA L 104 -21.26 -19.48 -20.79
N GLY L 105 -21.62 -20.56 -21.51
CA GLY L 105 -22.63 -20.47 -22.54
C GLY L 105 -22.08 -20.26 -23.93
N THR L 106 -22.74 -20.86 -24.92
CA THR L 106 -22.42 -20.68 -26.33
C THR L 106 -23.55 -19.89 -26.98
N LYS L 107 -23.23 -18.71 -27.49
CA LYS L 107 -24.23 -17.85 -28.12
C LYS L 107 -24.35 -18.23 -29.59
N LEU L 108 -25.50 -18.76 -29.98
CA LEU L 108 -25.77 -19.16 -31.35
C LEU L 108 -26.59 -18.09 -32.04
N ILE L 109 -26.14 -17.67 -33.21
CA ILE L 109 -26.82 -16.66 -34.03
C ILE L 109 -27.09 -17.27 -35.39
N ILE L 110 -28.36 -17.35 -35.77
CA ILE L 110 -28.75 -17.87 -37.09
C ILE L 110 -28.79 -16.69 -38.05
N LYS L 111 -27.99 -16.77 -39.12
CA LYS L 111 -27.98 -15.71 -40.11
C LYS L 111 -28.92 -16.04 -41.26
N PRO L 112 -29.63 -15.05 -41.78
CA PRO L 112 -30.55 -15.31 -42.89
C PRO L 112 -29.83 -15.44 -44.22
N ASP L 113 -30.38 -16.29 -45.09
CA ASP L 113 -29.84 -16.50 -46.43
C ASP L 113 -30.40 -15.43 -47.34
N ILE L 114 -29.74 -14.27 -47.39
CA ILE L 114 -30.18 -13.16 -48.23
C ILE L 114 -29.68 -13.43 -49.64
N GLN L 115 -30.53 -13.99 -50.47
CA GLN L 115 -30.25 -14.16 -51.89
C GLN L 115 -30.89 -13.01 -52.65
N ASN L 116 -30.20 -12.54 -53.69
CA ASN L 116 -30.59 -11.36 -54.45
C ASN L 116 -30.63 -10.13 -53.55
N PRO L 117 -29.51 -9.73 -52.95
CA PRO L 117 -29.52 -8.52 -52.12
C PRO L 117 -29.66 -7.27 -52.98
N ASP L 118 -30.27 -6.24 -52.39
CA ASP L 118 -30.49 -4.96 -53.06
C ASP L 118 -30.13 -3.84 -52.10
N PRO L 119 -28.84 -3.72 -51.76
CA PRO L 119 -28.45 -2.75 -50.72
C PRO L 119 -28.77 -1.32 -51.15
N ALA L 120 -29.31 -0.56 -50.21
CA ALA L 120 -29.74 0.80 -50.49
C ALA L 120 -29.91 1.55 -49.17
N VAL L 121 -29.83 2.87 -49.26
CA VAL L 121 -30.07 3.75 -48.12
C VAL L 121 -31.19 4.70 -48.51
N TYR L 122 -32.29 4.63 -47.76
CA TYR L 122 -33.47 5.45 -48.01
C TYR L 122 -33.65 6.41 -46.85
N GLN L 123 -34.31 7.53 -47.11
CA GLN L 123 -34.66 8.50 -46.08
C GLN L 123 -36.16 8.46 -45.85
N LEU L 124 -36.56 8.23 -44.61
CA LEU L 124 -37.97 8.16 -44.27
C LEU L 124 -38.48 9.56 -43.94
N ARG L 125 -39.75 9.80 -44.29
CA ARG L 125 -40.35 11.10 -44.05
C ARG L 125 -40.36 11.44 -42.58
N ASP L 126 -40.25 12.72 -42.28
CA ASP L 126 -40.10 13.17 -40.90
C ASP L 126 -41.40 12.99 -40.14
N SER L 127 -41.31 13.10 -38.83
CA SER L 127 -42.46 13.07 -37.95
C SER L 127 -42.81 14.48 -37.51
N LYS L 128 -44.11 14.74 -37.33
CA LYS L 128 -44.56 16.07 -36.93
C LYS L 128 -44.05 16.46 -35.55
N SER L 129 -43.64 15.49 -34.74
CA SER L 129 -43.18 15.74 -33.38
C SER L 129 -41.69 15.52 -33.19
N SER L 130 -40.98 15.09 -34.23
CA SER L 130 -39.56 14.78 -34.14
C SER L 130 -38.73 15.75 -34.97
N ASP L 131 -37.62 16.21 -34.40
CA ASP L 131 -36.71 17.11 -35.11
C ASP L 131 -35.69 16.38 -35.97
N LYS L 132 -35.60 15.06 -35.86
CA LYS L 132 -34.57 14.28 -36.53
C LYS L 132 -35.14 13.58 -37.75
N SER L 133 -34.32 13.48 -38.79
CA SER L 133 -34.64 12.71 -39.99
C SER L 133 -34.01 11.32 -39.88
N VAL L 134 -34.74 10.30 -40.31
CA VAL L 134 -34.35 8.91 -40.12
C VAL L 134 -33.94 8.32 -41.47
N CYS L 135 -32.79 7.66 -41.49
CA CYS L 135 -32.28 6.98 -42.68
C CYS L 135 -32.32 5.48 -42.45
N LEU L 136 -32.46 4.73 -43.55
CA LEU L 136 -32.63 3.28 -43.47
C LEU L 136 -31.67 2.61 -44.45
N PHE L 137 -30.77 1.79 -43.91
CA PHE L 137 -29.87 0.96 -44.72
C PHE L 137 -30.45 -0.45 -44.70
N THR L 138 -30.88 -0.94 -45.87
CA THR L 138 -31.65 -2.17 -45.91
C THR L 138 -31.28 -3.01 -47.13
N ASP L 139 -31.68 -4.28 -47.06
CA ASP L 139 -31.56 -5.26 -48.16
C ASP L 139 -30.11 -5.56 -48.52
N PHE L 140 -29.22 -5.56 -47.54
CA PHE L 140 -27.82 -5.93 -47.74
C PHE L 140 -27.58 -7.33 -47.20
N ASP L 141 -26.58 -8.01 -47.77
CA ASP L 141 -26.24 -9.37 -47.34
C ASP L 141 -25.82 -9.42 -45.88
N THR L 144 -21.14 -5.94 -42.51
CA THR L 144 -20.75 -5.27 -41.27
C THR L 144 -21.23 -3.83 -41.24
N ASN L 145 -21.88 -3.45 -40.15
CA ASN L 145 -22.45 -2.12 -39.98
C ASN L 145 -21.80 -1.45 -38.77
N VAL L 146 -21.33 -0.22 -38.95
CA VAL L 146 -20.68 0.52 -37.86
C VAL L 146 -21.60 1.61 -37.30
N LYS L 150 -19.84 7.32 -34.06
CA LYS L 150 -18.66 7.93 -33.47
C LYS L 150 -18.78 9.45 -33.35
N ASP L 151 -19.94 9.99 -33.72
CA ASP L 151 -20.19 11.43 -33.68
C ASP L 151 -21.14 11.79 -32.53
N SER L 152 -21.41 10.84 -31.63
CA SER L 152 -22.27 11.04 -30.47
C SER L 152 -23.64 11.60 -30.83
N ASP L 153 -23.68 12.72 -31.57
CA ASP L 153 -24.95 13.28 -32.01
C ASP L 153 -25.61 12.43 -33.07
N VAL L 154 -24.82 11.70 -33.86
CA VAL L 154 -25.34 10.80 -34.89
C VAL L 154 -25.51 9.43 -34.26
N TYR L 155 -26.71 8.89 -34.31
CA TYR L 155 -27.01 7.58 -33.75
C TYR L 155 -27.23 6.56 -34.86
N ILE L 156 -26.65 5.39 -34.70
CA ILE L 156 -26.73 4.33 -35.70
C ILE L 156 -26.98 3.01 -34.98
N THR L 157 -28.01 2.28 -35.41
CA THR L 157 -28.33 0.99 -34.84
C THR L 157 -27.63 -0.14 -35.58
N ASP L 158 -27.69 -1.34 -35.01
CA ASP L 158 -27.05 -2.51 -35.56
C ASP L 158 -27.99 -3.20 -36.56
N LYS L 159 -27.52 -4.30 -37.15
CA LYS L 159 -28.32 -5.05 -38.11
C LYS L 159 -29.59 -5.59 -37.44
N CYS L 160 -30.55 -5.96 -38.28
CA CYS L 160 -31.87 -6.35 -37.78
C CYS L 160 -32.50 -7.27 -38.82
N VAL L 161 -32.50 -8.57 -38.55
CA VAL L 161 -33.13 -9.56 -39.42
C VAL L 161 -34.64 -9.36 -39.35
N LEU L 162 -35.23 -8.82 -40.41
CA LEU L 162 -36.67 -8.67 -40.54
C LEU L 162 -37.22 -9.79 -41.41
N ASP L 163 -38.21 -10.53 -40.88
CA ASP L 163 -38.77 -11.68 -41.58
C ASP L 163 -40.23 -11.41 -41.93
N MET L 164 -40.51 -11.30 -43.23
CA MET L 164 -41.88 -11.19 -43.74
C MET L 164 -42.37 -12.61 -43.99
N ARG L 165 -42.98 -13.20 -42.96
CA ARG L 165 -43.32 -14.62 -42.98
C ARG L 165 -44.19 -14.96 -44.18
N SER L 166 -45.26 -14.19 -44.40
CA SER L 166 -46.24 -14.55 -45.44
C SER L 166 -45.66 -14.48 -46.84
N MET L 167 -44.66 -13.61 -47.06
CA MET L 167 -44.06 -13.44 -48.38
C MET L 167 -42.78 -14.24 -48.55
N ASP L 168 -42.39 -15.02 -47.53
CA ASP L 168 -41.14 -15.79 -47.56
C ASP L 168 -39.96 -14.90 -47.91
N PHE L 169 -39.91 -13.73 -47.28
CA PHE L 169 -38.88 -12.73 -47.56
C PHE L 169 -38.24 -12.29 -46.26
N LYS L 170 -36.91 -12.22 -46.27
CA LYS L 170 -36.15 -11.73 -45.12
C LYS L 170 -35.23 -10.61 -45.59
N SER L 171 -35.00 -9.63 -44.71
CA SER L 171 -34.23 -8.45 -45.10
C SER L 171 -33.50 -7.88 -43.88
N ASN L 172 -32.21 -7.64 -44.04
CA ASN L 172 -31.42 -6.95 -43.04
C ASN L 172 -31.64 -5.45 -43.13
N SER L 173 -31.61 -4.77 -41.99
CA SER L 173 -31.87 -3.34 -41.94
C SER L 173 -31.12 -2.71 -40.79
N ALA L 174 -30.74 -1.45 -40.97
CA ALA L 174 -30.11 -0.65 -39.93
C ALA L 174 -30.62 0.78 -40.05
N VAL L 175 -30.79 1.44 -38.91
CA VAL L 175 -31.40 2.76 -38.87
C VAL L 175 -30.40 3.76 -38.32
N ALA L 176 -30.38 4.96 -38.91
CA ALA L 176 -29.55 6.05 -38.46
C ALA L 176 -30.38 7.33 -38.43
N TRP L 177 -30.07 8.20 -37.47
CA TRP L 177 -30.78 9.47 -37.36
C TRP L 177 -29.91 10.46 -36.61
N SER L 178 -30.18 11.75 -36.85
CA SER L 178 -29.53 12.82 -36.11
C SER L 178 -30.36 14.08 -36.23
N ASN L 179 -30.23 14.96 -35.24
CA ASN L 179 -30.88 16.26 -35.26
C ASN L 179 -29.96 17.36 -35.78
N LYS L 180 -28.77 17.01 -36.24
CA LYS L 180 -27.84 18.01 -36.75
C LYS L 180 -28.38 18.64 -38.02
N SER L 181 -28.02 19.91 -38.23
CA SER L 181 -28.41 20.58 -39.46
C SER L 181 -27.54 20.13 -40.63
N ASP L 182 -26.38 19.53 -40.35
CA ASP L 182 -25.45 19.07 -41.38
C ASP L 182 -25.42 17.55 -41.48
N PHE L 183 -26.58 16.90 -41.54
CA PHE L 183 -26.67 15.44 -41.57
C PHE L 183 -27.55 14.98 -42.72
N ALA L 184 -26.95 14.33 -43.72
CA ALA L 184 -27.66 13.70 -44.83
C ALA L 184 -27.62 12.18 -44.68
N CYS L 185 -28.47 11.49 -45.46
CA CYS L 185 -28.50 10.03 -45.38
C CYS L 185 -27.41 9.37 -46.20
N ALA L 186 -26.95 10.03 -47.26
CA ALA L 186 -25.80 9.54 -48.00
C ALA L 186 -24.50 9.86 -47.28
N ASN L 187 -24.59 10.47 -46.10
CA ASN L 187 -23.46 10.82 -45.26
C ASN L 187 -23.71 10.33 -43.83
N ALA L 188 -24.30 9.14 -43.71
CA ALA L 188 -24.57 8.54 -42.41
C ALA L 188 -23.87 7.21 -42.23
N PHE L 189 -23.98 6.32 -43.22
CA PHE L 189 -23.23 5.06 -43.22
C PHE L 189 -21.94 5.23 -44.02
N ASN L 190 -21.09 6.11 -43.49
CA ASN L 190 -19.82 6.43 -44.13
C ASN L 190 -18.68 5.54 -43.65
N ASN L 191 -18.63 5.25 -42.35
CA ASN L 191 -17.56 4.45 -41.77
C ASN L 191 -17.88 2.96 -41.76
N SER L 192 -19.02 2.56 -42.33
CA SER L 192 -19.30 1.16 -42.59
C SER L 192 -18.83 0.80 -43.98
N ILE L 193 -18.43 -0.46 -44.17
CA ILE L 193 -18.01 -0.93 -45.50
C ILE L 193 -19.30 -1.36 -46.20
N ILE L 194 -19.94 -0.40 -46.85
CA ILE L 194 -21.16 -0.61 -47.63
C ILE L 194 -20.78 -1.19 -48.99
N PRO L 195 -21.63 -2.01 -49.61
CA PRO L 195 -21.30 -2.56 -50.93
C PRO L 195 -21.19 -1.45 -51.97
N GLU L 196 -20.47 -1.74 -53.06
CA GLU L 196 -20.29 -0.74 -54.10
C GLU L 196 -21.61 -0.44 -54.81
N ASP L 197 -22.52 -1.41 -54.84
CA ASP L 197 -23.77 -1.30 -55.58
C ASP L 197 -24.90 -0.72 -54.73
N THR L 198 -24.58 -0.02 -53.64
CA THR L 198 -25.60 0.54 -52.78
C THR L 198 -26.35 1.67 -53.50
N PHE L 199 -27.67 1.57 -53.53
CA PHE L 199 -28.51 2.54 -54.21
C PHE L 199 -28.77 3.76 -53.32
N PHE L 200 -28.53 4.95 -53.88
CA PHE L 200 -28.81 6.21 -53.20
C PHE L 200 -29.79 6.99 -54.07
N PRO L 201 -31.08 7.00 -53.73
CA PRO L 201 -32.10 7.52 -54.67
C PRO L 201 -32.01 9.00 -54.97
N SER L 202 -31.42 9.82 -54.09
CA SER L 202 -31.37 11.27 -54.28
C SER L 202 -32.77 11.87 -54.40
N VAL M 2 -43.71 -21.69 -12.42
CA VAL M 2 -42.94 -20.84 -11.52
C VAL M 2 -43.35 -19.38 -11.66
N THR M 3 -44.04 -18.86 -10.66
CA THR M 3 -44.56 -17.49 -10.68
C THR M 3 -43.60 -16.57 -9.95
N GLN M 4 -42.86 -15.78 -10.71
CA GLN M 4 -41.88 -14.84 -10.15
C GLN M 4 -42.40 -13.42 -10.39
N ASN M 5 -42.37 -12.60 -9.33
CA ASN M 5 -42.89 -11.25 -9.39
C ASN M 5 -42.02 -10.35 -8.52
N PRO M 6 -41.83 -9.08 -8.89
CA PRO M 6 -42.37 -8.41 -10.08
C PRO M 6 -41.46 -8.57 -11.30
N ARG M 7 -42.01 -8.43 -12.51
CA ARG M 7 -41.18 -8.55 -13.70
C ARG M 7 -40.26 -7.36 -13.88
N TYR M 8 -40.64 -6.19 -13.37
CA TYR M 8 -39.81 -4.99 -13.39
C TYR M 8 -39.98 -4.26 -12.06
N LEU M 9 -38.94 -3.53 -11.67
CA LEU M 9 -38.99 -2.81 -10.40
C LEU M 9 -37.90 -1.75 -10.36
N ILE M 10 -38.25 -0.56 -9.88
CA ILE M 10 -37.31 0.54 -9.69
C ILE M 10 -37.42 1.01 -8.24
N THR M 11 -36.31 0.93 -7.50
CA THR M 11 -36.32 1.35 -6.10
C THR M 11 -35.09 2.20 -5.80
N VAL M 12 -35.20 2.98 -4.73
CA VAL M 12 -34.09 3.80 -4.28
C VAL M 12 -33.13 2.95 -3.44
N THR M 13 -31.88 3.38 -3.38
CA THR M 13 -30.88 2.69 -2.58
C THR M 13 -31.30 2.66 -1.11
N GLY M 14 -31.32 1.46 -0.52
CA GLY M 14 -31.60 1.28 0.88
C GLY M 14 -33.02 0.86 1.21
N LYS M 15 -33.99 1.14 0.33
CA LYS M 15 -35.36 0.74 0.59
C LYS M 15 -35.49 -0.76 0.46
N LYS M 16 -35.88 -1.42 1.57
CA LYS M 16 -35.96 -2.87 1.61
C LYS M 16 -36.84 -3.42 0.50
N LEU M 17 -36.46 -4.59 -0.01
CA LEU M 17 -37.11 -5.21 -1.16
C LEU M 17 -37.33 -6.69 -0.91
N THR M 18 -38.37 -7.23 -1.53
CA THR M 18 -38.63 -8.66 -1.53
C THR M 18 -39.16 -9.06 -2.90
N VAL M 19 -38.36 -9.81 -3.65
CA VAL M 19 -38.80 -10.38 -4.93
C VAL M 19 -39.31 -11.78 -4.62
N THR M 20 -40.57 -12.03 -4.98
CA THR M 20 -41.23 -13.29 -4.62
C THR M 20 -41.29 -14.24 -5.81
N CYS M 21 -41.14 -15.53 -5.53
CA CYS M 21 -41.46 -16.55 -6.52
C CYS M 21 -42.01 -17.77 -5.81
N SER M 22 -43.07 -18.34 -6.39
CA SER M 22 -43.76 -19.47 -5.81
C SER M 22 -44.06 -20.48 -6.90
N GLN M 23 -44.31 -21.72 -6.48
CA GLN M 23 -44.76 -22.76 -7.40
C GLN M 23 -45.60 -23.75 -6.61
N ASN M 24 -46.68 -24.23 -7.24
CA ASN M 24 -47.58 -25.20 -6.64
C ASN M 24 -47.42 -26.57 -7.30
N MET M 25 -46.17 -26.93 -7.61
CA MET M 25 -45.85 -28.19 -8.28
C MET M 25 -45.23 -29.19 -7.33
N ASN M 26 -45.17 -28.90 -6.03
CA ASN M 26 -44.55 -29.76 -5.02
C ASN M 26 -43.07 -29.96 -5.30
N HIS M 27 -42.40 -28.90 -5.72
CA HIS M 27 -40.98 -28.95 -6.05
C HIS M 27 -40.15 -28.74 -4.80
N GLU M 28 -39.26 -29.70 -4.51
CA GLU M 28 -38.43 -29.61 -3.32
C GLU M 28 -37.31 -28.58 -3.47
N TYR M 29 -36.80 -28.42 -4.69
CA TYR M 29 -35.66 -27.55 -4.95
C TYR M 29 -36.15 -26.24 -5.54
N MET M 30 -35.65 -25.13 -4.99
CA MET M 30 -35.93 -23.80 -5.51
C MET M 30 -34.69 -22.94 -5.31
N SER M 31 -34.38 -22.12 -6.32
CA SER M 31 -33.12 -21.40 -6.33
C SER M 31 -33.29 -20.03 -6.98
N TRP M 32 -32.45 -19.08 -6.56
CA TRP M 32 -32.38 -17.75 -7.13
C TRP M 32 -31.07 -17.57 -7.88
N TYR M 33 -31.14 -16.95 -9.05
CA TYR M 33 -29.98 -16.66 -9.88
C TYR M 33 -29.97 -15.19 -10.25
N ARG M 34 -28.82 -14.73 -10.72
CA ARG M 34 -28.69 -13.40 -11.30
C ARG M 34 -27.75 -13.50 -12.49
N GLN M 35 -28.10 -12.84 -13.58
CA GLN M 35 -27.32 -12.89 -14.81
C GLN M 35 -26.85 -11.48 -15.16
N ASP M 36 -25.55 -11.34 -15.39
CA ASP M 36 -24.95 -10.05 -15.72
C ASP M 36 -24.03 -10.20 -16.91
N PRO M 37 -23.90 -9.15 -17.74
CA PRO M 37 -23.04 -9.24 -18.92
C PRO M 37 -21.60 -9.55 -18.53
N GLY M 38 -21.01 -10.51 -19.25
CA GLY M 38 -19.66 -10.95 -18.98
C GLY M 38 -19.51 -11.97 -17.89
N LEU M 39 -20.46 -12.06 -16.96
CA LEU M 39 -20.38 -13.01 -15.86
C LEU M 39 -21.33 -14.19 -15.99
N GLY M 40 -22.44 -14.04 -16.70
CA GLY M 40 -23.35 -15.14 -16.89
C GLY M 40 -24.21 -15.40 -15.66
N LEU M 41 -24.76 -16.61 -15.61
CA LEU M 41 -25.59 -17.01 -14.48
C LEU M 41 -24.74 -17.25 -13.25
N ARG M 42 -25.16 -16.68 -12.12
CA ARG M 42 -24.50 -16.90 -10.84
C ARG M 42 -25.56 -17.13 -9.79
N GLN M 43 -25.38 -18.19 -9.00
CA GLN M 43 -26.37 -18.58 -8.01
C GLN M 43 -26.25 -17.72 -6.76
N ILE M 44 -27.41 -17.29 -6.24
CA ILE M 44 -27.46 -16.45 -5.05
C ILE M 44 -27.75 -17.32 -3.84
N TYR M 45 -28.90 -17.98 -3.84
CA TYR M 45 -29.28 -18.90 -2.79
C TYR M 45 -30.07 -20.03 -3.41
N TYR M 46 -30.08 -21.17 -2.72
CA TYR M 46 -30.89 -22.30 -3.18
C TYR M 46 -31.38 -23.06 -1.96
N SER M 47 -32.52 -23.73 -2.14
CA SER M 47 -33.15 -24.51 -1.08
C SER M 47 -33.42 -25.91 -1.58
N MET M 48 -32.80 -26.90 -0.95
CA MET M 48 -32.98 -28.30 -1.32
C MET M 48 -34.18 -28.95 -0.65
N ASN M 49 -34.75 -28.32 0.36
CA ASN M 49 -35.82 -28.89 1.16
C ASN M 49 -36.50 -27.75 1.91
N VAL M 50 -37.64 -28.06 2.52
CA VAL M 50 -38.31 -27.06 3.35
C VAL M 50 -37.44 -26.77 4.56
N GLU M 51 -37.28 -25.48 4.88
CA GLU M 51 -36.46 -25.02 5.99
C GLU M 51 -34.99 -25.45 5.84
N VAL M 52 -34.53 -25.55 4.60
CA VAL M 52 -33.13 -25.81 4.28
C VAL M 52 -32.69 -24.78 3.24
N THR M 53 -31.66 -24.01 3.56
CA THR M 53 -31.17 -22.96 2.66
C THR M 53 -29.65 -22.95 2.70
N ASP M 54 -29.05 -22.84 1.53
CA ASP M 54 -27.60 -22.80 1.39
C ASP M 54 -27.20 -21.64 0.50
N LYS M 55 -26.04 -21.04 0.80
CA LYS M 55 -25.57 -19.90 0.04
C LYS M 55 -25.07 -20.34 -1.34
N GLY M 56 -25.33 -19.50 -2.33
CA GLY M 56 -24.84 -19.72 -3.68
C GLY M 56 -23.47 -19.11 -3.88
N ASP M 57 -23.21 -18.68 -5.12
CA ASP M 57 -21.92 -18.07 -5.43
C ASP M 57 -21.85 -16.63 -4.98
N VAL M 58 -22.94 -15.88 -5.12
CA VAL M 58 -22.97 -14.48 -4.73
C VAL M 58 -24.13 -14.23 -3.77
N PRO M 59 -24.04 -14.66 -2.51
CA PRO M 59 -25.14 -14.44 -1.57
C PRO M 59 -25.08 -13.14 -0.79
N GLU M 60 -23.97 -12.41 -0.86
CA GLU M 60 -23.82 -11.17 -0.10
C GLU M 60 -24.86 -10.15 -0.53
N GLY M 61 -25.57 -9.60 0.45
CA GLY M 61 -26.62 -8.63 0.20
C GLY M 61 -28.00 -9.22 0.02
N TYR M 62 -28.11 -10.54 0.02
CA TYR M 62 -29.39 -11.22 -0.18
C TYR M 62 -29.71 -12.13 1.00
N LYS M 63 -31.01 -12.31 1.24
CA LYS M 63 -31.51 -13.26 2.21
C LYS M 63 -32.72 -13.98 1.61
N VAL M 64 -32.91 -15.23 2.00
CA VAL M 64 -34.01 -16.05 1.50
C VAL M 64 -34.66 -16.78 2.67
N SER M 65 -35.77 -17.44 2.37
CA SER M 65 -36.50 -18.23 3.35
C SER M 65 -37.19 -19.37 2.63
N ARG M 66 -37.31 -20.51 3.33
CA ARG M 66 -38.05 -21.65 2.80
C ARG M 66 -38.91 -22.24 3.93
N LYS M 67 -39.74 -21.39 4.54
CA LYS M 67 -40.64 -21.88 5.57
C LYS M 67 -41.74 -22.77 4.99
N GLU M 68 -42.13 -22.54 3.73
CA GLU M 68 -43.13 -23.34 3.04
C GLU M 68 -42.54 -23.80 1.72
N LYS M 69 -42.85 -25.05 1.34
CA LYS M 69 -42.31 -25.60 0.09
C LYS M 69 -42.64 -24.71 -1.10
N ARG M 70 -43.78 -24.01 -1.06
CA ARG M 70 -44.26 -23.25 -2.21
C ARG M 70 -43.44 -21.99 -2.48
N ASN M 71 -42.86 -21.36 -1.46
CA ASN M 71 -42.33 -20.01 -1.58
C ASN M 71 -40.84 -19.95 -1.29
N PHE M 72 -40.14 -19.09 -2.03
CA PHE M 72 -38.71 -18.84 -1.82
C PHE M 72 -38.44 -17.37 -2.13
N PRO M 73 -38.73 -16.48 -1.19
CA PRO M 73 -38.55 -15.05 -1.47
C PRO M 73 -37.08 -14.66 -1.46
N LEU M 74 -36.74 -13.67 -2.29
CA LEU M 74 -35.41 -13.08 -2.31
C LEU M 74 -35.50 -11.70 -1.67
N ILE M 75 -34.80 -11.51 -0.56
CA ILE M 75 -34.93 -10.32 0.26
C ILE M 75 -33.65 -9.50 0.14
N LEU M 76 -33.79 -8.22 -0.21
CA LEU M 76 -32.69 -7.29 -0.27
C LEU M 76 -32.90 -6.27 0.85
N GLU M 77 -32.21 -6.49 1.98
CA GLU M 77 -32.39 -5.63 3.14
C GLU M 77 -32.05 -4.18 2.81
N SER M 78 -30.89 -3.94 2.21
CA SER M 78 -30.46 -2.61 1.80
C SER M 78 -29.94 -2.70 0.37
N PRO M 79 -30.82 -2.51 -0.62
CA PRO M 79 -30.40 -2.66 -2.01
C PRO M 79 -29.40 -1.58 -2.41
N SER M 80 -28.42 -1.99 -3.21
CA SER M 80 -27.37 -1.11 -3.70
C SER M 80 -27.35 -1.14 -5.22
N PRO M 81 -26.82 -0.09 -5.87
CA PRO M 81 -26.81 -0.07 -7.33
C PRO M 81 -26.13 -1.27 -7.97
N ASN M 82 -25.15 -1.89 -7.30
CA ASN M 82 -24.49 -3.07 -7.85
C ASN M 82 -25.43 -4.26 -7.96
N GLN M 83 -26.57 -4.23 -7.29
CA GLN M 83 -27.56 -5.30 -7.38
C GLN M 83 -28.55 -5.08 -8.52
N THR M 84 -28.35 -4.06 -9.33
CA THR M 84 -29.13 -3.89 -10.55
C THR M 84 -28.74 -4.99 -11.53
N SER M 85 -29.66 -5.93 -11.75
CA SER M 85 -29.35 -7.11 -12.56
C SER M 85 -30.66 -7.75 -13.00
N LEU M 86 -30.52 -8.82 -13.77
CA LEU M 86 -31.65 -9.66 -14.17
C LEU M 86 -31.66 -10.92 -13.29
N TYR M 87 -32.73 -11.11 -12.55
CA TYR M 87 -32.85 -12.21 -11.60
C TYR M 87 -33.79 -13.29 -12.14
N PHE M 88 -33.47 -14.54 -11.86
CA PHE M 88 -34.28 -15.68 -12.26
C PHE M 88 -34.48 -16.61 -11.08
N CYS M 89 -35.74 -16.92 -10.79
CA CYS M 89 -36.09 -17.98 -9.86
C CYS M 89 -36.33 -19.27 -10.61
N ALA M 90 -35.84 -20.38 -10.05
CA ALA M 90 -35.93 -21.67 -10.70
C ALA M 90 -36.30 -22.74 -9.68
N SER M 91 -36.95 -23.80 -10.16
CA SER M 91 -37.34 -24.90 -9.30
C SER M 91 -37.18 -26.22 -10.05
N SER M 92 -36.96 -27.29 -9.29
CA SER M 92 -36.90 -28.63 -9.85
C SER M 92 -37.66 -29.57 -8.91
N LEU M 93 -38.18 -30.66 -9.47
CA LEU M 93 -38.97 -31.61 -8.69
C LEU M 93 -38.17 -32.12 -7.49
N VAL M 94 -36.91 -32.50 -7.71
CA VAL M 94 -35.99 -32.82 -6.64
C VAL M 94 -34.67 -32.10 -6.90
N GLY M 95 -33.88 -31.95 -5.85
CA GLY M 95 -32.63 -31.22 -5.94
C GLY M 95 -31.54 -31.90 -6.74
N ALA M 96 -31.75 -33.13 -7.21
CA ALA M 96 -30.64 -33.87 -7.81
C ALA M 96 -30.95 -34.35 -9.23
N GLY M 97 -32.09 -35.02 -9.41
CA GLY M 97 -32.35 -35.69 -10.67
C GLY M 97 -32.93 -34.85 -11.79
N GLN M 98 -33.92 -34.00 -11.47
CA GLN M 98 -34.77 -33.37 -12.46
C GLN M 98 -34.20 -32.06 -12.96
N PRO M 99 -34.67 -31.58 -14.11
CA PRO M 99 -34.24 -30.27 -14.62
C PRO M 99 -34.89 -29.13 -13.85
N GLN M 100 -34.40 -27.92 -14.11
CA GLN M 100 -34.90 -26.72 -13.46
C GLN M 100 -35.86 -26.00 -14.38
N HIS M 101 -37.01 -25.59 -13.84
CA HIS M 101 -37.94 -24.70 -14.53
C HIS M 101 -37.73 -23.28 -14.03
N PHE M 102 -37.55 -22.35 -14.96
CA PHE M 102 -37.24 -20.95 -14.63
C PHE M 102 -38.49 -20.08 -14.70
N GLY M 103 -38.47 -19.00 -13.91
CA GLY M 103 -39.53 -18.01 -13.93
C GLY M 103 -39.40 -17.10 -15.14
N ASP M 104 -40.05 -15.94 -15.05
CA ASP M 104 -40.04 -14.99 -16.15
C ASP M 104 -38.98 -13.92 -16.01
N GLY M 105 -38.34 -13.81 -14.86
CA GLY M 105 -37.27 -12.84 -14.69
C GLY M 105 -37.73 -11.55 -14.05
N THR M 106 -36.89 -10.96 -13.22
CA THR M 106 -37.16 -9.70 -12.55
C THR M 106 -36.04 -8.73 -12.90
N ARG M 107 -36.35 -7.73 -13.72
CA ARG M 107 -35.38 -6.70 -14.08
C ARG M 107 -35.42 -5.62 -13.00
N LEU M 108 -34.56 -5.79 -12.00
CA LEU M 108 -34.48 -4.87 -10.88
C LEU M 108 -33.42 -3.81 -11.14
N SER M 109 -33.78 -2.54 -10.93
CA SER M 109 -32.86 -1.42 -11.10
C SER M 109 -32.89 -0.58 -9.82
N ILE M 110 -31.77 -0.54 -9.11
CA ILE M 110 -31.64 0.23 -7.87
C ILE M 110 -30.89 1.51 -8.20
N LEU M 111 -31.56 2.65 -8.02
CA LEU M 111 -31.01 3.95 -8.36
C LEU M 111 -30.82 4.78 -7.10
N GLU M 112 -29.86 5.70 -7.14
CA GLU M 112 -29.65 6.60 -6.01
C GLU M 112 -30.69 7.70 -5.96
N ASP M 113 -31.28 8.06 -7.10
CA ASP M 113 -32.23 9.15 -7.17
C ASP M 113 -33.20 8.89 -8.31
N LEU M 114 -34.50 8.95 -8.01
CA LEU M 114 -35.53 8.68 -9.00
C LEU M 114 -35.67 9.79 -10.03
N ASN M 115 -34.90 10.88 -9.93
CA ASN M 115 -34.95 11.93 -10.94
C ASN M 115 -34.38 11.48 -12.28
N LYS M 116 -33.83 10.27 -12.36
CA LYS M 116 -33.24 9.76 -13.59
C LYS M 116 -34.22 8.90 -14.39
N VAL M 117 -35.41 8.66 -13.86
CA VAL M 117 -36.41 7.82 -14.52
C VAL M 117 -37.25 8.71 -15.44
N PHE M 118 -37.22 8.41 -16.74
CA PHE M 118 -37.97 9.14 -17.73
C PHE M 118 -38.79 8.19 -18.60
N PRO M 119 -40.03 8.55 -18.92
CA PRO M 119 -40.80 7.75 -19.87
C PRO M 119 -40.30 8.00 -21.28
N PRO M 120 -40.58 7.10 -22.22
CA PRO M 120 -40.10 7.29 -23.58
C PRO M 120 -40.98 8.24 -24.37
N GLU M 121 -40.40 8.78 -25.43
CA GLU M 121 -41.13 9.54 -26.44
C GLU M 121 -41.09 8.74 -27.73
N VAL M 122 -42.25 8.46 -28.29
CA VAL M 122 -42.38 7.56 -29.43
C VAL M 122 -42.79 8.36 -30.65
N ALA M 123 -42.14 8.09 -31.78
CA ALA M 123 -42.47 8.71 -33.05
C ALA M 123 -42.35 7.69 -34.16
N VAL M 124 -43.30 7.73 -35.10
CA VAL M 124 -43.30 6.84 -36.26
C VAL M 124 -42.89 7.63 -37.48
N PHE M 125 -42.04 7.02 -38.31
CA PHE M 125 -41.57 7.62 -39.55
C PHE M 125 -42.10 6.79 -40.72
N GLU M 126 -42.88 7.44 -41.59
CA GLU M 126 -43.55 6.73 -42.66
C GLU M 126 -42.57 6.34 -43.76
N PRO M 127 -42.87 5.29 -44.51
CA PRO M 127 -41.87 4.71 -45.43
C PRO M 127 -41.42 5.70 -46.49
N SER M 128 -40.22 5.45 -47.01
CA SER M 128 -39.68 6.26 -48.09
C SER M 128 -40.37 5.94 -49.40
N GLU M 129 -40.71 6.99 -50.15
CA GLU M 129 -41.32 6.77 -51.46
C GLU M 129 -40.33 6.18 -52.45
N ALA M 130 -39.02 6.34 -52.20
CA ALA M 130 -38.03 5.70 -53.06
C ALA M 130 -37.99 4.20 -52.84
N GLU M 131 -38.11 3.77 -51.58
CA GLU M 131 -38.15 2.33 -51.29
C GLU M 131 -39.34 1.67 -51.97
N ILE M 132 -40.47 2.36 -52.03
CA ILE M 132 -41.66 1.82 -52.67
C ILE M 132 -41.40 1.58 -54.16
N SER M 133 -40.70 2.52 -54.81
CA SER M 133 -40.44 2.39 -56.23
C SER M 133 -39.46 1.26 -56.52
N HIS M 134 -38.40 1.13 -55.71
CA HIS M 134 -37.35 0.16 -56.01
C HIS M 134 -37.74 -1.24 -55.57
N THR M 135 -38.15 -1.40 -54.31
CA THR M 135 -38.33 -2.73 -53.73
C THR M 135 -39.78 -3.20 -53.74
N GLN M 136 -40.73 -2.34 -54.10
CA GLN M 136 -42.16 -2.66 -54.03
C GLN M 136 -42.58 -3.02 -52.61
N LYS M 137 -41.85 -2.49 -51.62
CA LYS M 137 -42.14 -2.71 -50.22
C LYS M 137 -42.01 -1.36 -49.50
N ALA M 138 -42.54 -1.32 -48.28
CA ALA M 138 -42.59 -0.08 -47.51
C ALA M 138 -42.18 -0.38 -46.08
N THR M 139 -41.12 0.27 -45.60
CA THR M 139 -40.62 0.06 -44.25
C THR M 139 -40.96 1.27 -43.38
N LEU M 140 -41.67 1.02 -42.28
CA LEU M 140 -41.90 2.02 -41.26
C LEU M 140 -40.83 1.89 -40.18
N VAL M 141 -40.52 2.99 -39.51
CA VAL M 141 -39.53 3.02 -38.45
C VAL M 141 -40.13 3.70 -37.22
N CYS M 142 -40.02 3.04 -36.08
CA CYS M 142 -40.51 3.53 -34.80
C CYS M 142 -39.32 3.85 -33.91
N LEU M 143 -39.34 5.02 -33.28
CA LEU M 143 -38.25 5.50 -32.45
C LEU M 143 -38.76 5.77 -31.05
N ALA M 144 -38.20 5.08 -30.06
CA ALA M 144 -38.45 5.33 -28.66
C ALA M 144 -37.21 5.96 -28.07
N THR M 145 -37.33 7.21 -27.61
CA THR M 145 -36.17 8.00 -27.20
C THR M 145 -36.37 8.57 -25.80
N GLY M 146 -35.25 8.90 -25.17
CA GLY M 146 -35.25 9.66 -23.94
C GLY M 146 -35.82 8.96 -22.73
N PHE M 147 -35.72 7.64 -22.66
CA PHE M 147 -36.27 6.89 -21.55
C PHE M 147 -35.16 6.27 -20.71
N PHE M 148 -35.45 6.09 -19.42
CA PHE M 148 -34.52 5.45 -18.49
C PHE M 148 -35.33 4.92 -17.31
N PRO M 149 -35.10 3.69 -16.85
CA PRO M 149 -34.09 2.71 -17.30
C PRO M 149 -34.51 1.98 -18.57
N ASP M 150 -33.85 0.88 -18.88
CA ASP M 150 -34.17 0.08 -20.07
C ASP M 150 -35.31 -0.90 -19.79
N HIS M 151 -36.40 -0.39 -19.23
CA HIS M 151 -37.59 -1.19 -18.94
C HIS M 151 -38.66 -0.77 -19.93
N VAL M 152 -38.54 -1.25 -21.17
CA VAL M 152 -39.48 -0.92 -22.23
C VAL M 152 -39.79 -2.18 -23.02
N GLU M 153 -40.96 -2.18 -23.65
CA GLU M 153 -41.37 -3.24 -24.56
C GLU M 153 -42.03 -2.58 -25.76
N LEU M 154 -41.39 -2.67 -26.92
CA LEU M 154 -41.90 -2.07 -28.14
C LEU M 154 -42.66 -3.13 -28.93
N SER M 155 -43.84 -2.76 -29.44
CA SER M 155 -44.68 -3.69 -30.19
C SER M 155 -45.39 -2.96 -31.30
N TRP M 156 -45.53 -3.63 -32.44
CA TRP M 156 -46.23 -3.07 -33.59
C TRP M 156 -47.65 -3.62 -33.65
N TRP M 157 -48.60 -2.74 -33.96
CA TRP M 157 -50.01 -3.09 -34.02
C TRP M 157 -50.58 -2.61 -35.35
N VAL M 158 -50.96 -3.56 -36.20
CA VAL M 158 -51.54 -3.25 -37.50
C VAL M 158 -53.03 -3.59 -37.47
N ASN M 159 -53.87 -2.57 -37.64
CA ASN M 159 -55.32 -2.74 -37.69
C ASN M 159 -55.88 -3.39 -36.42
N GLY M 160 -55.27 -3.09 -35.27
CA GLY M 160 -55.76 -3.59 -34.00
C GLY M 160 -55.17 -4.90 -33.55
N LYS M 161 -54.37 -5.55 -34.38
CA LYS M 161 -53.70 -6.80 -34.04
C LYS M 161 -52.21 -6.57 -33.89
N GLU M 162 -51.61 -7.18 -32.86
CA GLU M 162 -50.16 -7.12 -32.71
C GLU M 162 -49.51 -8.01 -33.76
N VAL M 163 -48.50 -7.47 -34.45
CA VAL M 163 -47.83 -8.19 -35.52
C VAL M 163 -46.38 -8.45 -35.11
N HIS M 164 -45.88 -9.63 -35.49
CA HIS M 164 -44.46 -9.94 -35.37
C HIS M 164 -43.80 -10.18 -36.71
N SER M 165 -44.57 -10.58 -37.74
CA SER M 165 -44.02 -10.74 -39.08
C SER M 165 -43.63 -9.39 -39.65
N GLY M 166 -42.49 -9.35 -40.34
CA GLY M 166 -42.01 -8.10 -40.89
C GLY M 166 -41.61 -7.06 -39.87
N VAL M 167 -41.35 -7.49 -38.64
CA VAL M 167 -40.97 -6.60 -37.54
C VAL M 167 -39.56 -6.96 -37.12
N CYS M 168 -38.78 -5.95 -36.74
CA CYS M 168 -37.48 -6.18 -36.13
C CYS M 168 -37.14 -4.99 -35.24
N THR M 169 -36.91 -5.24 -33.96
CA THR M 169 -36.53 -4.22 -32.99
C THR M 169 -35.08 -4.44 -32.56
N ASP M 170 -34.37 -3.34 -32.28
CA ASP M 170 -32.98 -3.42 -31.87
C ASP M 170 -32.86 -4.26 -30.61
N PRO M 171 -31.92 -5.22 -30.56
CA PRO M 171 -31.77 -6.02 -29.33
C PRO M 171 -31.30 -5.21 -28.14
N GLN M 172 -30.53 -4.15 -28.38
CA GLN M 172 -30.02 -3.31 -27.32
C GLN M 172 -30.23 -1.84 -27.66
N PRO M 173 -30.52 -1.01 -26.68
CA PRO M 173 -30.74 0.42 -26.95
C PRO M 173 -29.41 1.16 -27.09
N LEU M 174 -29.51 2.39 -27.57
CA LEU M 174 -28.38 3.29 -27.72
C LEU M 174 -28.44 4.36 -26.64
N LYS M 175 -27.28 4.68 -26.05
CA LYS M 175 -27.21 5.77 -25.09
C LYS M 175 -27.29 7.10 -25.84
N GLU M 176 -28.29 7.92 -25.48
CA GLU M 176 -28.41 9.23 -26.12
C GLU M 176 -27.19 10.11 -25.81
N GLN M 177 -26.59 9.94 -24.64
CA GLN M 177 -25.38 10.65 -24.26
C GLN M 177 -24.35 9.63 -23.80
N PRO M 178 -23.49 9.15 -24.71
CA PRO M 178 -22.59 8.04 -24.36
C PRO M 178 -21.59 8.37 -23.28
N ALA M 179 -21.35 9.65 -22.99
CA ALA M 179 -20.40 10.05 -21.97
C ALA M 179 -20.97 9.95 -20.55
N LEU M 180 -22.26 9.68 -20.42
CA LEU M 180 -22.91 9.57 -19.12
C LEU M 180 -23.09 8.11 -18.73
N ASN M 181 -22.77 7.80 -17.48
CA ASN M 181 -22.93 6.46 -16.93
C ASN M 181 -24.37 6.17 -16.51
N ASP M 182 -25.29 7.06 -16.87
CA ASP M 182 -26.70 6.93 -16.53
C ASP M 182 -27.57 7.58 -17.60
N SER M 183 -27.09 7.55 -18.85
CA SER M 183 -27.75 8.23 -19.95
C SER M 183 -29.08 7.57 -20.32
N ARG M 184 -30.05 8.41 -20.66
CA ARG M 184 -31.32 7.91 -21.17
C ARG M 184 -31.10 7.24 -22.52
N TYR M 185 -31.96 6.27 -22.82
CA TYR M 185 -31.75 5.37 -23.94
C TYR M 185 -32.61 5.76 -25.14
N ALA M 186 -32.27 5.19 -26.29
CA ALA M 186 -33.02 5.36 -27.53
C ALA M 186 -33.12 4.02 -28.22
N LEU M 187 -34.32 3.67 -28.68
CA LEU M 187 -34.58 2.39 -29.30
C LEU M 187 -35.24 2.58 -30.65
N SER M 188 -34.91 1.71 -31.61
CA SER M 188 -35.49 1.78 -32.94
C SER M 188 -36.07 0.42 -33.31
N SER M 189 -37.16 0.46 -34.09
CA SER M 189 -37.80 -0.75 -34.59
C SER M 189 -38.32 -0.45 -35.98
N ARG M 190 -38.46 -1.50 -36.78
CA ARG M 190 -38.91 -1.34 -38.16
C ARG M 190 -39.98 -2.38 -38.48
N LEU M 191 -41.05 -1.92 -39.12
CA LEU M 191 -42.12 -2.77 -39.64
C LEU M 191 -42.19 -2.58 -41.15
N ARG M 192 -42.00 -3.67 -41.89
CA ARG M 192 -41.98 -3.62 -43.35
C ARG M 192 -43.16 -4.38 -43.92
N VAL M 193 -43.94 -3.70 -44.76
CA VAL M 193 -45.12 -4.26 -45.40
C VAL M 193 -44.98 -4.05 -46.91
N SER M 194 -45.88 -4.67 -47.65
CA SER M 194 -45.90 -4.50 -49.10
C SER M 194 -46.31 -3.07 -49.44
N ALA M 195 -45.85 -2.61 -50.61
CA ALA M 195 -46.19 -1.27 -51.06
C ALA M 195 -47.70 -1.11 -51.21
N THR M 196 -48.38 -2.13 -51.72
CA THR M 196 -49.84 -2.05 -51.87
C THR M 196 -50.52 -1.97 -50.52
N PHE M 197 -49.98 -2.64 -49.51
CA PHE M 197 -50.58 -2.60 -48.18
C PHE M 197 -50.43 -1.22 -47.55
N TRP M 198 -49.26 -0.61 -47.68
CA TRP M 198 -49.05 0.74 -47.14
C TRP M 198 -49.90 1.76 -47.87
N GLN M 199 -50.19 1.53 -49.15
CA GLN M 199 -50.96 2.46 -49.96
C GLN M 199 -52.46 2.32 -49.76
N ASN M 200 -52.88 1.60 -48.74
CA ASN M 200 -54.30 1.44 -48.42
C ASN M 200 -54.65 2.37 -47.25
N PRO M 201 -55.45 3.41 -47.48
CA PRO M 201 -55.78 4.34 -46.38
C PRO M 201 -56.60 3.72 -45.28
N ARG M 202 -57.09 2.49 -45.45
CA ARG M 202 -57.86 1.83 -44.41
C ARG M 202 -56.99 1.08 -43.42
N ASN M 203 -55.69 0.99 -43.69
CA ASN M 203 -54.76 0.29 -42.81
C ASN M 203 -54.21 1.25 -41.75
N HIS M 204 -54.29 0.83 -40.50
CA HIS M 204 -53.85 1.64 -39.37
C HIS M 204 -52.59 1.01 -38.78
N PHE M 205 -51.52 1.79 -38.70
CA PHE M 205 -50.25 1.35 -38.15
C PHE M 205 -49.97 2.08 -36.85
N ARG M 206 -49.60 1.32 -35.81
CA ARG M 206 -49.27 1.92 -34.52
C ARG M 206 -48.17 1.10 -33.87
N CYS M 207 -47.09 1.77 -33.47
CA CYS M 207 -46.08 1.14 -32.62
C CYS M 207 -46.30 1.61 -31.19
N GLN M 208 -46.32 0.66 -30.27
CA GLN M 208 -46.62 0.91 -28.87
C GLN M 208 -45.39 0.58 -28.04
N VAL M 209 -45.04 1.47 -27.12
CA VAL M 209 -43.91 1.28 -26.22
C VAL M 209 -44.46 1.24 -24.80
N GLN M 210 -44.38 0.07 -24.17
CA GLN M 210 -44.78 -0.09 -22.79
C GLN M 210 -43.60 0.25 -21.89
N PHE M 211 -43.75 1.27 -21.06
CA PHE M 211 -42.70 1.69 -20.14
C PHE M 211 -43.03 1.19 -18.74
N TYR M 212 -42.10 0.45 -18.15
CA TYR M 212 -42.25 -0.04 -16.78
C TYR M 212 -41.44 0.90 -15.88
N GLY M 213 -42.13 1.90 -15.33
CA GLY M 213 -41.45 2.86 -14.48
C GLY M 213 -41.91 2.79 -13.04
N LEU M 214 -42.21 3.95 -12.46
CA LEU M 214 -42.62 4.00 -11.07
C LEU M 214 -44.08 3.56 -10.93
N SER M 215 -44.48 3.34 -9.68
CA SER M 215 -45.86 3.05 -9.35
C SER M 215 -46.50 4.28 -8.70
N GLU M 216 -47.82 4.27 -8.63
CA GLU M 216 -48.52 5.39 -8.00
C GLU M 216 -48.24 5.47 -6.51
N ASN M 217 -47.77 4.38 -5.90
CA ASN M 217 -47.40 4.40 -4.49
C ASN M 217 -46.07 5.10 -4.25
N ASP M 218 -45.20 5.18 -5.25
CA ASP M 218 -43.93 5.86 -5.12
C ASP M 218 -44.12 7.36 -4.89
N GLU M 219 -43.09 7.99 -4.33
CA GLU M 219 -43.11 9.43 -4.05
C GLU M 219 -42.37 10.17 -5.15
N TRP M 220 -42.99 11.25 -5.63
CA TRP M 220 -42.44 12.09 -6.69
C TRP M 220 -42.45 13.54 -6.23
N THR M 221 -41.27 14.14 -6.14
CA THR M 221 -41.13 15.52 -5.72
C THR M 221 -40.72 16.46 -6.85
N GLN M 222 -40.63 15.96 -8.08
CA GLN M 222 -40.20 16.78 -9.19
C GLN M 222 -41.38 17.56 -9.79
N ASP M 223 -41.06 18.67 -10.46
CA ASP M 223 -42.10 19.45 -11.12
C ASP M 223 -42.65 18.76 -12.34
N ARG M 224 -41.87 17.88 -12.96
CA ARG M 224 -42.36 17.15 -14.11
C ARG M 224 -43.32 16.05 -13.67
N ALA M 225 -43.81 15.26 -14.62
CA ALA M 225 -44.78 14.23 -14.30
C ALA M 225 -44.11 13.01 -13.70
N LYS M 226 -44.83 12.32 -12.83
CA LYS M 226 -44.30 11.12 -12.20
C LYS M 226 -44.12 10.07 -13.27
N PRO M 227 -42.91 9.58 -13.51
CA PRO M 227 -42.70 8.59 -14.57
C PRO M 227 -43.29 7.23 -14.20
N VAL M 228 -44.62 7.16 -14.12
CA VAL M 228 -45.27 5.91 -13.77
C VAL M 228 -45.19 4.93 -14.93
N THR M 229 -45.46 3.66 -14.62
CA THR M 229 -45.62 2.65 -15.67
C THR M 229 -46.70 3.11 -16.64
N GLN M 230 -46.35 3.20 -17.91
CA GLN M 230 -47.27 3.80 -18.87
C GLN M 230 -46.96 3.27 -20.27
N ILE M 231 -47.88 3.54 -21.18
CA ILE M 231 -47.75 3.21 -22.59
C ILE M 231 -47.69 4.52 -23.37
N VAL M 232 -46.69 4.63 -24.25
CA VAL M 232 -46.56 5.75 -25.17
C VAL M 232 -46.61 5.20 -26.58
N SER M 233 -47.52 5.73 -27.39
CA SER M 233 -47.72 5.22 -28.74
C SER M 233 -47.62 6.35 -29.77
N ALA M 234 -47.32 5.94 -31.00
CA ALA M 234 -47.36 6.83 -32.15
C ALA M 234 -47.94 6.01 -33.31
N GLU M 235 -48.79 6.66 -34.11
CA GLU M 235 -49.54 5.94 -35.12
C GLU M 235 -49.38 6.61 -36.48
N ALA M 236 -49.69 5.85 -37.53
CA ALA M 236 -49.69 6.36 -38.89
C ALA M 236 -50.70 5.57 -39.71
N TRP M 237 -51.39 6.26 -40.60
CA TRP M 237 -52.39 5.64 -41.45
C TRP M 237 -51.84 5.42 -42.85
N GLY M 238 -52.48 4.50 -43.58
CA GLY M 238 -52.06 4.24 -44.95
C GLY M 238 -52.28 5.47 -45.82
N ARG M 239 -51.45 5.57 -46.86
CA ARG M 239 -51.38 6.77 -47.68
C ARG M 239 -51.47 6.37 -49.15
N ALA M 240 -52.56 6.78 -49.81
CA ALA M 240 -52.75 6.39 -51.21
C ALA M 240 -51.70 7.06 -52.11
N ASP M 241 -51.40 8.33 -51.85
CA ASP M 241 -50.46 9.07 -52.68
C ASP M 241 -49.03 8.58 -52.45
N LEU N 2 48.86 45.13 20.75
CA LEU N 2 47.45 45.49 20.87
C LEU N 2 47.28 46.96 21.21
N ASN N 3 47.50 47.83 20.22
CA ASN N 3 47.49 49.27 20.43
C ASN N 3 46.69 49.93 19.31
N VAL N 4 45.90 50.93 19.67
CA VAL N 4 45.12 51.72 18.72
C VAL N 4 45.43 53.19 18.96
N GLU N 5 46.04 53.84 17.97
CA GLU N 5 46.45 55.24 18.08
C GLU N 5 45.45 56.12 17.36
N GLN N 6 45.19 57.29 17.94
CA GLN N 6 44.21 58.22 17.40
C GLN N 6 44.83 59.61 17.35
N SER N 7 44.88 60.18 16.14
CA SER N 7 45.41 61.52 15.91
C SER N 7 44.42 62.31 15.07
N PRO N 8 44.26 63.62 15.35
CA PRO N 8 44.95 64.43 16.36
C PRO N 8 44.40 64.23 17.77
N GLN N 9 45.13 64.71 18.78
CA GLN N 9 44.64 64.61 20.15
C GLN N 9 43.50 65.59 20.39
N SER N 10 43.65 66.83 19.93
CA SER N 10 42.59 67.83 19.94
C SER N 10 42.76 68.69 18.71
N LEU N 11 41.63 69.23 18.21
CA LEU N 11 41.67 70.05 17.02
C LEU N 11 40.49 71.01 17.03
N HIS N 12 40.71 72.21 16.49
CA HIS N 12 39.70 73.26 16.42
C HIS N 12 39.42 73.58 14.96
N VAL N 13 38.14 73.60 14.58
CA VAL N 13 37.73 73.97 13.23
C VAL N 13 36.59 74.97 13.32
N GLN N 14 36.56 75.92 12.39
CA GLN N 14 35.50 76.90 12.32
C GLN N 14 34.21 76.25 11.81
N GLU N 15 33.08 76.72 12.34
CA GLU N 15 31.78 76.24 11.90
C GLU N 15 31.62 76.39 10.40
N GLY N 16 31.14 75.33 9.75
CA GLY N 16 30.95 75.30 8.32
C GLY N 16 32.08 74.65 7.54
N ASP N 17 33.25 74.47 8.16
CA ASP N 17 34.38 73.83 7.51
C ASP N 17 34.19 72.32 7.47
N SER N 18 35.17 71.63 6.87
CA SER N 18 35.20 70.18 6.83
C SER N 18 36.44 69.69 7.58
N THR N 19 36.34 68.49 8.14
CA THR N 19 37.41 67.96 8.97
C THR N 19 37.51 66.45 8.77
N ASN N 20 38.64 65.91 9.22
CA ASN N 20 38.85 64.47 9.19
C ASN N 20 39.78 64.09 10.34
N PHE N 21 39.46 62.97 11.01
CA PHE N 21 40.30 62.41 12.04
C PHE N 21 40.80 61.04 11.57
N THR N 22 41.78 60.50 12.28
CA THR N 22 42.42 59.27 11.87
C THR N 22 42.48 58.27 13.02
N CYS N 23 42.25 57.00 12.70
CA CYS N 23 42.39 55.90 13.64
C CYS N 23 43.27 54.84 13.01
N SER N 24 44.32 54.45 13.73
CA SER N 24 45.29 53.48 13.25
C SER N 24 45.25 52.22 14.10
N PHE N 25 45.43 51.08 13.45
CA PHE N 25 45.36 49.78 14.10
C PHE N 25 46.21 48.79 13.31
N PRO N 26 46.68 47.72 13.94
CA PRO N 26 47.44 46.71 13.20
C PRO N 26 46.58 46.04 12.13
N SER N 27 47.19 45.83 10.96
CA SER N 27 46.48 45.19 9.85
C SER N 27 46.06 43.77 10.22
N SER N 28 47.01 42.97 10.70
CA SER N 28 46.69 41.64 11.17
C SER N 28 45.92 41.73 12.49
N ASN N 29 45.54 40.56 13.01
CA ASN N 29 44.74 40.41 14.23
C ASN N 29 43.62 41.46 14.33
N PHE N 30 42.94 41.73 13.21
CA PHE N 30 41.84 42.68 13.14
C PHE N 30 40.53 41.93 12.99
N TYR N 31 39.47 42.45 13.60
CA TYR N 31 38.15 41.85 13.45
C TYR N 31 37.12 42.90 13.02
N ALA N 32 37.06 44.02 13.72
CA ALA N 32 36.07 45.04 13.43
C ALA N 32 36.59 46.40 13.90
N LEU N 33 35.88 47.46 13.49
CA LEU N 33 36.19 48.82 13.90
C LEU N 33 34.88 49.57 14.10
N HIS N 34 34.78 50.29 15.22
CA HIS N 34 33.61 51.11 15.52
C HIS N 34 34.03 52.58 15.61
N TRP N 35 33.09 53.47 15.31
CA TRP N 35 33.24 54.90 15.51
C TRP N 35 32.15 55.38 16.45
N TYR N 36 32.55 55.95 17.59
CA TYR N 36 31.62 56.44 18.58
C TYR N 36 31.77 57.94 18.75
N ARG N 37 30.64 58.62 18.88
CA ARG N 37 30.59 60.05 19.16
C ARG N 37 30.16 60.25 20.60
N TRP N 38 30.92 61.03 21.35
CA TRP N 38 30.67 61.25 22.77
C TRP N 38 30.59 62.75 23.02
N GLU N 39 29.37 63.29 22.98
CA GLU N 39 29.17 64.70 23.27
C GLU N 39 29.32 64.94 24.77
N THR N 40 29.70 66.18 25.11
CA THR N 40 29.96 66.50 26.50
C THR N 40 28.70 66.38 27.35
N ALA N 41 28.86 65.80 28.54
CA ALA N 41 27.80 65.56 29.52
C ALA N 41 26.78 64.52 29.04
N LYS N 42 26.81 64.17 27.76
CA LYS N 42 25.96 63.11 27.21
C LYS N 42 26.68 61.77 27.35
N SER N 43 26.26 60.78 26.58
CA SER N 43 26.86 59.45 26.59
C SER N 43 27.42 59.12 25.21
N PRO N 44 28.40 58.23 25.13
CA PRO N 44 28.92 57.82 23.82
C PRO N 44 27.83 57.17 22.98
N GLU N 45 27.72 57.64 21.74
CA GLU N 45 26.72 57.18 20.79
C GLU N 45 27.42 56.50 19.62
N ALA N 46 26.86 55.40 19.14
CA ALA N 46 27.47 54.65 18.06
C ALA N 46 27.20 55.36 16.73
N LEU N 47 28.26 55.56 15.95
CA LEU N 47 28.16 56.16 14.63
C LEU N 47 28.30 55.14 13.51
N PHE N 48 29.37 54.34 13.52
CA PHE N 48 29.61 53.37 12.47
C PHE N 48 30.22 52.11 13.06
N VAL N 49 29.89 50.98 12.43
CA VAL N 49 30.54 49.70 12.70
C VAL N 49 30.93 49.11 11.36
N MET N 50 32.24 49.01 11.11
CA MET N 50 32.75 48.59 9.82
C MET N 50 33.62 47.35 9.98
N THR N 51 33.44 46.39 9.07
CA THR N 51 34.16 45.12 9.14
C THR N 51 34.78 44.68 7.82
N LEU N 52 34.54 45.39 6.72
CA LEU N 52 35.06 45.01 5.41
C LEU N 52 35.96 46.10 4.85
N ASN N 53 36.97 45.67 4.09
CA ASN N 53 37.87 46.61 3.45
C ASN N 53 37.14 47.38 2.35
N GLY N 54 37.43 48.67 2.24
CA GLY N 54 36.77 49.49 1.25
C GLY N 54 35.35 49.87 1.60
N ASP N 55 34.97 49.72 2.86
CA ASP N 55 33.62 50.05 3.30
C ASP N 55 33.33 51.54 3.08
N GLU N 56 32.17 51.82 2.50
CA GLU N 56 31.71 53.19 2.26
C GLU N 56 30.41 53.37 3.04
N LYS N 57 30.48 54.11 4.13
CA LYS N 57 29.32 54.36 4.99
C LYS N 57 29.16 55.86 5.18
N LYS N 58 28.01 56.38 4.77
CA LYS N 58 27.68 57.80 4.91
C LYS N 58 26.36 57.92 5.66
N LYS N 59 26.38 58.69 6.75
CA LYS N 59 25.18 58.95 7.55
C LYS N 59 25.03 60.46 7.69
N GLY N 60 24.16 61.05 6.89
CA GLY N 60 24.02 62.50 6.91
C GLY N 60 25.29 63.14 6.39
N ARG N 61 25.81 64.09 7.16
CA ARG N 61 27.03 64.80 6.79
C ARG N 61 28.28 64.16 7.35
N ILE N 62 28.16 63.11 8.14
CA ILE N 62 29.29 62.41 8.74
C ILE N 62 29.47 61.08 8.02
N SER N 63 30.65 60.87 7.46
CA SER N 63 30.95 59.65 6.73
C SER N 63 32.27 59.06 7.23
N ALA N 64 32.46 57.77 6.96
CA ALA N 64 33.64 57.06 7.40
C ALA N 64 34.06 56.04 6.35
N THR N 65 35.36 55.79 6.28
CA THR N 65 35.94 54.78 5.40
C THR N 65 36.88 53.87 6.20
N LEU N 66 37.05 52.65 5.70
CA LEU N 66 37.90 51.66 6.35
C LEU N 66 38.90 51.10 5.36
N ASN N 67 40.17 51.10 5.73
CA ASN N 67 41.25 50.53 4.94
C ASN N 67 41.97 49.53 5.83
N THR N 68 41.59 48.25 5.72
CA THR N 68 42.19 47.20 6.53
C THR N 68 43.57 46.79 6.03
N LYS N 69 43.92 47.16 4.80
CA LYS N 69 45.23 46.80 4.27
C LYS N 69 46.35 47.57 4.97
N GLU N 70 46.14 48.86 5.22
CA GLU N 70 47.13 49.69 5.88
C GLU N 70 46.79 50.00 7.34
N GLY N 71 45.62 49.59 7.81
CA GLY N 71 45.25 49.80 9.19
C GLY N 71 44.88 51.24 9.52
N TYR N 72 44.06 51.86 8.69
CA TYR N 72 43.63 53.24 8.91
C TYR N 72 42.14 53.34 8.67
N SER N 73 41.50 54.26 9.40
CA SER N 73 40.10 54.59 9.21
C SER N 73 39.91 56.08 9.40
N TYR N 74 39.30 56.73 8.42
CA TYR N 74 39.08 58.17 8.43
C TYR N 74 37.60 58.45 8.61
N LEU N 75 37.28 59.33 9.56
CA LEU N 75 35.92 59.83 9.75
C LEU N 75 35.86 61.26 9.23
N TYR N 76 34.95 61.51 8.30
CA TYR N 76 34.83 62.81 7.66
C TYR N 76 33.56 63.51 8.12
N ILE N 77 33.67 64.81 8.38
CA ILE N 77 32.54 65.65 8.76
C ILE N 77 32.57 66.87 7.84
N LYS N 78 31.67 66.90 6.86
CA LYS N 78 31.59 68.01 5.93
C LYS N 78 30.50 68.98 6.37
N GLY N 79 30.78 70.27 6.25
CA GLY N 79 29.86 71.29 6.73
C GLY N 79 29.67 71.21 8.23
N SER N 80 30.71 71.57 8.98
CA SER N 80 30.69 71.43 10.42
C SER N 80 29.62 72.30 11.05
N GLN N 81 28.93 71.76 12.05
CA GLN N 81 27.90 72.43 12.80
C GLN N 81 28.18 72.29 14.30
N PRO N 82 27.69 73.23 15.13
CA PRO N 82 28.07 73.22 16.55
C PRO N 82 27.83 71.91 17.27
N GLU N 83 26.81 71.15 16.86
CA GLU N 83 26.49 69.89 17.52
C GLU N 83 27.61 68.86 17.38
N ASP N 84 28.45 68.98 16.36
CA ASP N 84 29.49 68.01 16.09
C ASP N 84 30.64 68.08 17.09
N SER N 85 30.67 69.10 17.94
CA SER N 85 31.73 69.24 18.94
C SER N 85 31.59 68.13 19.98
N ALA N 86 32.51 67.16 19.94
CA ALA N 86 32.45 66.01 20.82
C ALA N 86 33.80 65.30 20.78
N THR N 87 33.96 64.30 21.64
CA THR N 87 35.11 63.42 21.63
C THR N 87 34.76 62.17 20.85
N TYR N 88 35.41 61.97 19.71
CA TYR N 88 35.12 60.86 18.82
C TYR N 88 36.09 59.71 19.12
N LEU N 89 35.53 58.58 19.54
CA LEU N 89 36.31 57.42 19.96
C LEU N 89 36.36 56.39 18.86
N CYS N 90 37.52 55.73 18.73
CA CYS N 90 37.72 54.63 17.80
C CYS N 90 37.81 53.33 18.59
N TYR N 91 36.95 52.37 18.26
CA TYR N 91 36.87 51.10 18.96
C TYR N 91 37.22 49.99 17.99
N VAL N 92 38.31 49.28 18.26
CA VAL N 92 38.83 48.27 17.34
C VAL N 92 38.88 46.91 18.02
N PRO N 93 37.84 46.09 17.91
CA PRO N 93 37.96 44.70 18.34
C PRO N 93 39.02 43.98 17.54
N MET N 94 39.83 43.17 18.23
CA MET N 94 40.98 42.51 17.61
C MET N 94 41.06 41.07 18.06
N ASP N 95 41.86 40.29 17.34
CA ASP N 95 42.09 38.86 17.62
C ASP N 95 40.79 38.08 17.60
N SER N 96 40.07 38.19 16.47
CA SER N 96 38.78 37.53 16.30
C SER N 96 37.86 37.84 17.47
N ASN N 97 37.78 39.13 17.80
CA ASN N 97 36.93 39.69 18.86
C ASN N 97 37.35 39.24 20.26
N TYR N 98 38.51 38.62 20.42
CA TYR N 98 39.03 38.27 21.73
C TYR N 98 39.84 39.39 22.37
N GLN N 99 40.01 40.52 21.68
CA GLN N 99 40.67 41.70 22.22
C GLN N 99 39.82 42.91 21.88
N LEU N 100 39.34 43.61 22.89
CA LEU N 100 38.49 44.80 22.72
C LEU N 100 39.33 46.01 23.12
N ILE N 101 39.93 46.67 22.12
CA ILE N 101 40.88 47.74 22.35
C ILE N 101 40.22 49.07 22.00
N TRP N 102 40.37 50.06 22.87
CA TRP N 102 39.81 51.39 22.68
C TRP N 102 40.90 52.38 22.30
N GLY N 103 40.53 53.36 21.48
CA GLY N 103 41.43 54.42 21.10
C GLY N 103 41.44 55.55 22.12
N ALA N 104 42.44 56.42 21.98
CA ALA N 104 42.57 57.54 22.90
C ALA N 104 41.51 58.61 22.65
N GLY N 105 40.99 58.69 21.45
CA GLY N 105 39.96 59.66 21.14
C GLY N 105 40.50 60.95 20.58
N THR N 106 39.71 61.55 19.68
CA THR N 106 40.04 62.84 19.09
C THR N 106 38.99 63.85 19.51
N LYS N 107 39.42 64.90 20.20
CA LYS N 107 38.51 65.92 20.71
C LYS N 107 38.27 66.98 19.63
N LEU N 108 37.02 67.11 19.21
CA LEU N 108 36.63 68.10 18.20
C LEU N 108 35.96 69.28 18.90
N ILE N 109 36.46 70.48 18.61
CA ILE N 109 35.94 71.72 19.17
C ILE N 109 35.57 72.64 18.02
N ILE N 110 34.30 73.03 17.96
CA ILE N 110 33.80 73.86 16.88
C ILE N 110 33.86 75.32 17.31
N LYS N 111 34.59 76.13 16.53
CA LYS N 111 34.63 77.54 16.87
C LYS N 111 33.66 78.33 16.00
N PRO N 112 32.97 79.31 16.57
CA PRO N 112 32.03 80.10 15.78
C PRO N 112 32.74 81.16 14.95
N ASP N 113 32.09 81.53 13.84
CA ASP N 113 32.63 82.54 12.93
C ASP N 113 32.18 83.91 13.40
N ILE N 114 32.95 84.50 14.31
CA ILE N 114 32.68 85.86 14.77
C ILE N 114 33.33 86.82 13.77
N GLN N 115 32.50 87.40 12.89
CA GLN N 115 32.98 88.29 11.84
C GLN N 115 32.80 89.76 12.20
N ASN N 116 32.27 90.06 13.38
CA ASN N 116 32.15 91.44 13.87
C ASN N 116 32.48 91.45 15.36
N PRO N 117 33.74 91.22 15.72
CA PRO N 117 34.11 91.15 17.14
C PRO N 117 34.04 92.52 17.81
N ASP N 118 33.60 92.53 19.05
CA ASP N 118 33.52 93.74 19.87
C ASP N 118 34.00 93.42 21.27
N PRO N 119 35.29 93.12 21.44
CA PRO N 119 35.78 92.66 22.74
C PRO N 119 35.62 93.74 23.80
N ALA N 120 35.22 93.32 24.99
CA ALA N 120 35.00 94.27 26.09
C ALA N 120 34.93 93.49 27.40
N VAL N 121 35.18 94.21 28.49
CA VAL N 121 35.12 93.66 29.85
C VAL N 121 34.16 94.53 30.65
N TYR N 122 33.10 93.90 31.16
CA TYR N 122 32.07 94.59 31.93
C TYR N 122 32.02 94.05 33.35
N GLN N 123 31.49 94.86 34.26
CA GLN N 123 31.25 94.46 35.63
C GLN N 123 29.76 94.32 35.89
N LEU N 124 29.35 93.16 36.37
CA LEU N 124 27.95 92.89 36.65
C LEU N 124 27.65 93.14 38.12
N ARG N 125 26.53 93.80 38.37
CA ARG N 125 26.10 94.05 39.74
C ARG N 125 25.52 92.79 40.36
N ASP N 126 25.70 92.67 41.67
CA ASP N 126 25.20 91.50 42.40
C ASP N 126 23.68 91.53 42.52
N ASP N 131 27.20 90.65 47.59
CA ASP N 131 28.06 89.49 47.43
C ASP N 131 29.40 89.89 46.79
N LYS N 132 29.95 89.00 45.98
CA LYS N 132 31.22 89.27 45.32
C LYS N 132 31.00 90.08 44.05
N SER N 133 32.10 90.49 43.44
CA SER N 133 32.08 91.24 42.18
C SER N 133 32.48 90.32 41.04
N VAL N 134 31.71 90.36 39.95
CA VAL N 134 31.89 89.47 38.80
C VAL N 134 32.20 90.30 37.58
N CYS N 135 33.25 89.91 36.84
CA CYS N 135 33.65 90.56 35.61
C CYS N 135 33.36 89.64 34.42
N LEU N 136 33.12 90.24 33.26
CA LEU N 136 32.68 89.51 32.09
C LEU N 136 33.42 90.00 30.86
N PHE N 137 34.11 89.09 30.19
CA PHE N 137 34.85 89.35 28.96
C PHE N 137 34.10 88.67 27.81
N THR N 138 33.63 89.47 26.85
CA THR N 138 32.73 88.95 25.82
C THR N 138 33.11 89.46 24.44
N ASP N 139 32.49 88.85 23.43
CA ASP N 139 32.46 89.37 22.05
C ASP N 139 33.85 89.44 21.42
N PHE N 140 34.68 88.45 21.72
CA PHE N 140 36.00 88.37 21.12
C PHE N 140 36.04 87.26 20.07
N ASP N 141 36.97 87.40 19.12
CA ASP N 141 37.08 86.46 18.02
C ASP N 141 37.43 85.07 18.53
N SER N 142 37.13 84.06 17.71
CA SER N 142 37.36 82.67 18.08
C SER N 142 38.85 82.32 18.21
N GLN N 143 39.75 83.23 17.86
CA GLN N 143 41.18 82.96 17.89
C GLN N 143 41.86 83.37 19.20
N THR N 144 41.17 84.14 20.05
CA THR N 144 41.79 84.63 21.28
C THR N 144 41.64 83.64 22.43
N GLN N 148 43.71 82.17 29.29
CA GLN N 148 44.27 81.35 30.37
C GLN N 148 43.54 81.64 31.67
N SER N 149 44.29 81.86 32.75
CA SER N 149 43.70 82.18 34.04
C SER N 149 44.76 82.88 34.90
N LYS N 150 44.54 82.90 36.21
CA LYS N 150 45.46 83.53 37.16
C LYS N 150 45.12 83.06 38.56
N ASP N 151 46.10 83.16 39.45
CA ASP N 151 45.93 82.77 40.86
C ASP N 151 45.37 83.93 41.68
N TYR N 155 39.31 83.66 40.37
CA TYR N 155 38.84 82.43 39.74
C TYR N 155 38.40 82.72 38.30
N ILE N 156 39.30 82.55 37.35
CA ILE N 156 39.02 82.85 35.95
C ILE N 156 38.57 81.57 35.24
N THR N 157 37.40 81.63 34.61
CA THR N 157 36.87 80.50 33.84
C THR N 157 37.29 80.63 32.38
N ASP N 158 36.93 79.62 31.59
CA ASP N 158 37.29 79.58 30.18
C ASP N 158 36.21 80.19 29.29
N CYS N 160 32.05 81.40 26.01
CA CYS N 160 32.30 79.99 25.73
C CYS N 160 31.33 79.46 24.68
N VAL N 161 31.13 80.26 23.63
CA VAL N 161 30.18 80.01 22.56
C VAL N 161 28.76 80.04 23.12
N LEU N 162 27.98 81.03 22.69
CA LEU N 162 26.64 81.29 23.18
C LEU N 162 25.80 81.61 21.96
N ASP N 163 24.98 80.64 21.52
CA ASP N 163 24.21 80.78 20.28
C ASP N 163 22.84 81.34 20.61
N MET N 164 22.68 82.65 20.44
CA MET N 164 21.35 83.24 20.48
C MET N 164 20.59 82.82 19.24
N ARG N 165 19.89 81.69 19.34
CA ARG N 165 19.38 80.99 18.16
C ARG N 165 18.49 81.89 17.31
N SER N 166 17.51 82.55 17.93
CA SER N 166 16.55 83.33 17.15
C SER N 166 17.20 84.52 16.46
N MET N 167 18.30 85.04 17.01
CA MET N 167 18.94 86.22 16.46
C MET N 167 20.10 85.90 15.54
N ASP N 168 20.42 84.62 15.35
CA ASP N 168 21.53 84.19 14.51
C ASP N 168 22.82 84.89 14.93
N PHE N 169 23.05 84.91 16.24
CA PHE N 169 24.20 85.59 16.82
C PHE N 169 24.93 84.63 17.74
N LYS N 170 26.25 84.62 17.66
CA LYS N 170 27.09 83.82 18.54
C LYS N 170 28.15 84.70 19.18
N SER N 171 28.48 84.39 20.43
CA SER N 171 29.37 85.23 21.22
C SER N 171 30.19 84.38 22.18
N ASN N 172 31.50 84.60 22.19
CA ASN N 172 32.38 83.96 23.16
C ASN N 172 32.48 84.81 24.41
N SER N 173 32.64 84.14 25.56
CA SER N 173 32.58 84.83 26.84
C SER N 173 33.36 84.04 27.88
N ALA N 174 33.89 84.78 28.86
CA ALA N 174 34.59 84.19 29.99
C ALA N 174 34.33 85.06 31.22
N VAL N 175 34.23 84.42 32.38
CA VAL N 175 33.82 85.07 33.62
C VAL N 175 34.96 84.98 34.63
N ALA N 176 35.13 86.06 35.40
CA ALA N 176 36.10 86.10 36.49
C ALA N 176 35.47 86.73 37.72
N TRP N 177 35.89 86.28 38.89
CA TRP N 177 35.40 86.81 40.15
C TRP N 177 36.45 86.57 41.22
N SER N 178 36.29 87.26 42.35
CA SER N 178 37.22 87.12 43.46
C SER N 178 36.55 87.53 44.76
N ASN N 179 37.11 87.06 45.86
CA ASN N 179 36.60 87.39 47.19
C ASN N 179 37.37 88.56 47.80
N GLN O 1 16.69 52.54 26.16
CA GLN O 1 17.41 51.31 25.89
C GLN O 1 18.00 50.72 27.17
N VAL O 2 19.20 51.21 27.50
CA VAL O 2 20.01 50.67 28.59
C VAL O 2 19.75 51.51 29.84
N THR O 3 19.09 50.92 30.83
CA THR O 3 18.71 51.62 32.05
C THR O 3 19.77 51.36 33.12
N GLN O 4 20.58 52.36 33.41
CA GLN O 4 21.64 52.28 34.39
C GLN O 4 21.28 53.15 35.59
N ASN O 5 21.43 52.62 36.79
CA ASN O 5 21.07 53.31 38.02
C ASN O 5 22.06 52.95 39.12
N PRO O 6 22.36 53.90 40.02
CA PRO O 6 21.85 55.27 40.11
C PRO O 6 22.65 56.26 39.27
N ARG O 7 22.04 57.39 38.89
CA ARG O 7 22.74 58.39 38.08
C ARG O 7 23.81 59.12 38.90
N TYR O 8 23.59 59.27 40.20
CA TYR O 8 24.58 59.85 41.10
C TYR O 8 24.62 59.07 42.39
N LEU O 9 25.78 59.06 43.04
CA LEU O 9 25.91 58.31 44.28
C LEU O 9 27.12 58.74 45.09
N ILE O 10 26.90 58.92 46.39
CA ILE O 10 27.94 59.23 47.37
C ILE O 10 27.83 58.22 48.50
N THR O 11 28.89 57.43 48.71
CA THR O 11 28.94 56.46 49.78
C THR O 11 30.29 56.52 50.49
N VAL O 12 30.31 56.01 51.71
CA VAL O 12 31.55 55.97 52.49
C VAL O 12 32.38 54.77 52.06
N THR O 13 33.69 54.87 52.30
CA THR O 13 34.60 53.78 52.02
C THR O 13 34.22 52.55 52.84
N GLY O 14 34.04 51.41 52.16
CA GLY O 14 33.73 50.17 52.81
C GLY O 14 32.26 49.79 52.75
N LYS O 15 31.37 50.76 52.58
CA LYS O 15 29.94 50.48 52.48
C LYS O 15 29.67 49.76 51.16
N LYS O 16 29.21 48.51 51.26
CA LYS O 16 29.00 47.69 50.06
C LYS O 16 28.12 48.43 49.06
N LEU O 17 28.39 48.21 47.78
CA LEU O 17 27.72 48.94 46.72
C LEU O 17 27.31 47.99 45.61
N THR O 18 26.20 48.32 44.95
CA THR O 18 25.75 47.61 43.76
C THR O 18 25.16 48.63 42.80
N VAL O 19 25.83 48.85 41.68
CA VAL O 19 25.31 49.68 40.60
C VAL O 19 24.62 48.76 39.60
N THR O 20 23.35 49.04 39.31
CA THR O 20 22.51 48.17 38.51
C THR O 20 22.45 48.69 37.08
N CYS O 21 22.38 47.75 36.13
CA CYS O 21 22.17 48.09 34.73
C CYS O 21 21.28 47.03 34.10
N SER O 22 20.27 47.47 33.35
CA SER O 22 19.30 46.55 32.77
C SER O 22 19.01 46.94 31.33
N GLN O 23 18.55 45.97 30.56
CA GLN O 23 18.05 46.21 29.22
C GLN O 23 17.06 45.11 28.88
N ASN O 24 15.96 45.49 28.23
CA ASN O 24 14.94 44.55 27.79
C ASN O 24 14.94 44.40 26.27
N MET O 25 16.12 44.41 25.68
CA MET O 25 16.26 44.34 24.22
C MET O 25 16.79 43.00 23.75
N ASN O 26 16.89 42.00 24.64
CA ASN O 26 17.40 40.68 24.29
C ASN O 26 18.84 40.77 23.80
N HIS O 27 19.64 41.61 24.46
CA HIS O 27 21.03 41.83 24.08
C HIS O 27 21.91 40.78 24.77
N GLU O 28 22.69 40.05 23.97
CA GLU O 28 23.55 39.02 24.53
C GLU O 28 24.76 39.59 25.25
N TYR O 29 25.26 40.74 24.79
CA TYR O 29 26.49 41.33 25.31
C TYR O 29 26.14 42.48 26.25
N MET O 30 26.79 42.50 27.40
CA MET O 30 26.66 43.59 28.36
C MET O 30 28.01 43.81 29.04
N SER O 31 28.38 45.07 29.24
CA SER O 31 29.71 45.39 29.74
C SER O 31 29.66 46.62 30.64
N TRP O 32 30.62 46.69 31.56
CA TRP O 32 30.82 47.84 32.44
C TRP O 32 32.12 48.55 32.09
N TYR O 33 32.09 49.87 32.09
CA TYR O 33 33.25 50.69 31.79
C TYR O 33 33.45 51.71 32.91
N ARG O 34 34.64 52.32 32.93
CA ARG O 34 34.98 53.40 33.84
C ARG O 34 35.79 54.44 33.07
N GLN O 35 35.48 55.71 33.29
CA GLN O 35 36.17 56.80 32.62
C GLN O 35 36.86 57.70 33.63
N ASP O 36 38.14 57.95 33.42
CA ASP O 36 38.94 58.81 34.27
C ASP O 36 39.74 59.77 33.40
N PRO O 37 39.97 60.99 33.87
CA PRO O 37 40.72 61.96 33.06
C PRO O 37 42.12 61.45 32.74
N GLY O 38 42.49 61.59 31.45
CA GLY O 38 43.79 61.15 30.98
C GLY O 38 43.88 59.68 30.63
N LEU O 39 42.99 58.84 31.16
CA LEU O 39 43.01 57.40 30.91
C LEU O 39 41.92 56.93 29.96
N GLY O 40 40.80 57.65 29.89
CA GLY O 40 39.76 57.29 28.96
C GLY O 40 38.92 56.11 29.41
N LEU O 41 38.27 55.49 28.43
CA LEU O 41 37.41 54.35 28.69
C LEU O 41 38.25 53.12 29.04
N ARG O 42 37.87 52.45 30.12
CA ARG O 42 38.57 51.25 30.57
C ARG O 42 37.52 50.21 30.97
N GLN O 43 37.65 49.00 30.44
CA GLN O 43 36.67 47.97 30.67
C GLN O 43 36.88 47.30 32.03
N ILE O 44 35.78 47.09 32.75
CA ILE O 44 35.83 46.45 34.07
C ILE O 44 35.49 44.98 33.93
N TYR O 45 34.29 44.69 33.46
CA TYR O 45 33.82 43.34 33.22
C TYR O 45 32.89 43.37 32.01
N TYR O 46 32.76 42.22 31.36
CA TYR O 46 31.83 42.10 30.25
C TYR O 46 31.27 40.69 30.20
N SER O 47 30.06 40.56 29.66
CA SER O 47 29.37 39.28 29.56
C SER O 47 28.94 39.07 28.11
N MET O 48 29.46 38.00 27.50
CA MET O 48 29.12 37.67 26.12
C MET O 48 27.87 36.81 26.00
N ASN O 49 27.40 36.24 27.11
CA ASN O 49 26.25 35.33 27.09
C ASN O 49 25.72 35.23 28.51
N VAL O 50 24.56 34.59 28.65
CA VAL O 50 23.99 34.37 29.98
C VAL O 50 24.91 33.44 30.76
N GLU O 51 25.19 33.80 32.01
CA GLU O 51 26.06 33.02 32.89
C GLU O 51 27.48 32.89 32.32
N VAL O 52 27.92 33.92 31.61
CA VAL O 52 29.29 34.01 31.10
C VAL O 52 29.84 35.38 31.47
N THR O 53 30.96 35.40 32.18
CA THR O 53 31.58 36.65 32.63
C THR O 53 33.09 36.54 32.49
N ASP O 54 33.70 37.59 31.94
CA ASP O 54 35.16 37.67 31.74
C ASP O 54 35.67 38.98 32.29
N LYS O 55 36.90 38.95 32.82
CA LYS O 55 37.50 40.15 33.39
C LYS O 55 37.92 41.13 32.30
N GLY O 56 37.76 42.41 32.58
CA GLY O 56 38.20 43.47 31.69
C GLY O 56 39.63 43.88 31.93
N ASP O 57 39.91 45.16 31.69
CA ASP O 57 41.26 45.67 31.89
C ASP O 57 41.55 45.97 33.35
N VAL O 58 40.56 46.51 34.07
CA VAL O 58 40.73 46.83 35.48
C VAL O 58 39.59 46.19 36.27
N PRO O 59 39.65 44.88 36.52
CA PRO O 59 38.59 44.22 37.27
C PRO O 59 38.79 44.18 38.77
N GLU O 60 39.98 44.52 39.26
CA GLU O 60 40.25 44.48 40.70
C GLU O 60 39.33 45.43 41.44
N GLY O 61 38.70 44.92 42.51
CA GLY O 61 37.78 45.70 43.31
C GLY O 61 36.34 45.63 42.87
N TYR O 62 36.05 45.00 41.73
CA TYR O 62 34.71 44.88 41.20
C TYR O 62 34.36 43.41 41.02
N LYS O 63 33.07 43.11 41.15
CA LYS O 63 32.54 41.80 40.81
C LYS O 63 31.22 41.99 40.09
N VAL O 64 30.91 41.07 39.18
CA VAL O 64 29.68 41.13 38.38
C VAL O 64 29.04 39.74 38.33
N SER O 65 27.82 39.71 37.79
CA SER O 65 27.10 38.46 37.59
C SER O 65 26.15 38.63 36.40
N ARG O 66 25.89 37.53 35.70
CA ARG O 66 24.96 37.50 34.58
C ARG O 66 24.04 36.28 34.72
N LYS O 67 23.38 36.18 35.87
CA LYS O 67 22.43 35.09 36.10
C LYS O 67 21.20 35.25 35.24
N GLU O 68 20.83 36.49 34.92
CA GLU O 68 19.72 36.74 34.04
C GLU O 68 20.14 37.72 32.95
N LYS O 69 19.71 37.41 31.72
CA LYS O 69 20.10 38.16 30.53
C LYS O 69 19.83 39.65 30.64
N ARG O 70 18.74 40.03 31.31
CA ARG O 70 18.35 41.43 31.29
C ARG O 70 19.30 42.31 32.07
N ASN O 71 19.93 41.79 33.13
CA ASN O 71 20.66 42.61 34.08
C ASN O 71 22.13 42.20 34.16
N PHE O 72 22.98 43.20 34.42
CA PHE O 72 24.42 43.01 34.59
C PHE O 72 24.88 43.95 35.69
N PRO O 73 24.70 43.56 36.96
CA PRO O 73 25.04 44.45 38.06
C PRO O 73 26.54 44.56 38.30
N LEU O 74 26.94 45.74 38.76
CA LEU O 74 28.32 46.02 39.16
C LEU O 74 28.35 46.13 40.67
N ILE O 75 29.08 45.22 41.32
CA ILE O 75 29.11 45.10 42.78
C ILE O 75 30.49 45.52 43.27
N LEU O 76 30.51 46.44 44.23
CA LEU O 76 31.73 46.88 44.90
C LEU O 76 31.65 46.39 46.35
N GLU O 77 32.35 45.29 46.65
CA GLU O 77 32.28 44.72 47.98
C GLU O 77 32.72 45.72 49.05
N SER O 78 33.91 46.30 48.87
CA SER O 78 34.41 47.33 49.78
C SER O 78 34.97 48.47 48.95
N PRO O 79 34.13 49.45 48.60
CA PRO O 79 34.60 50.53 47.72
C PRO O 79 35.66 51.39 48.40
N SER O 80 36.63 51.81 47.60
CA SER O 80 37.76 52.63 48.02
C SER O 80 37.81 53.89 47.17
N PRO O 81 38.45 54.97 47.65
CA PRO O 81 38.45 56.23 46.88
C PRO O 81 38.96 56.10 45.45
N ASN O 82 39.85 55.15 45.15
CA ASN O 82 40.29 54.99 43.77
C ASN O 82 39.17 54.53 42.84
N GLN O 83 38.06 54.05 43.40
CA GLN O 83 36.91 53.65 42.60
C GLN O 83 35.94 54.81 42.37
N THR O 84 36.29 56.01 42.82
CA THR O 84 35.54 57.21 42.47
C THR O 84 35.76 57.53 41.00
N SER O 85 34.74 57.34 40.18
CA SER O 85 34.89 57.49 38.74
C SER O 85 33.53 57.66 38.10
N LEU O 86 33.53 57.85 36.77
CA LEU O 86 32.33 57.86 35.96
C LEU O 86 32.21 56.51 35.27
N TYR O 87 31.12 55.80 35.55
CA TYR O 87 30.91 54.45 35.04
C TYR O 87 29.87 54.44 33.94
N PHE O 88 30.07 53.58 32.95
CA PHE O 88 29.14 53.40 31.84
C PHE O 88 28.87 51.92 31.66
N CYS O 89 27.60 51.54 31.65
CA CYS O 89 27.19 50.20 31.27
C CYS O 89 26.76 50.23 29.81
N ALA O 90 27.13 49.19 29.06
CA ALA O 90 26.84 49.13 27.63
C ALA O 90 26.37 47.74 27.26
N SER O 91 25.57 47.67 26.19
CA SER O 91 25.05 46.40 25.71
C SER O 91 25.04 46.39 24.19
N SER O 92 25.12 45.19 23.63
CA SER O 92 25.03 44.98 22.19
C SER O 92 24.14 43.77 21.92
N LEU O 93 23.51 43.78 20.74
CA LEU O 93 22.63 42.68 20.36
C LEU O 93 23.37 41.36 20.41
N VAL O 94 24.57 41.32 19.82
CA VAL O 94 25.47 40.18 19.94
C VAL O 94 26.83 40.73 20.32
N GLY O 95 27.67 39.87 20.90
CA GLY O 95 28.96 40.29 21.38
C GLY O 95 29.97 40.65 20.30
N ALA O 96 29.63 40.45 19.02
CA ALA O 96 30.63 40.61 17.97
C ALA O 96 30.21 41.59 16.88
N GLY O 97 29.02 41.42 16.32
CA GLY O 97 28.64 42.15 15.13
C GLY O 97 28.10 43.56 15.32
N GLN O 98 27.21 43.74 16.28
CA GLN O 98 26.41 44.95 16.37
C GLN O 98 27.09 46.02 17.22
N PRO O 99 26.67 47.26 17.09
CA PRO O 99 27.25 48.34 17.94
C PRO O 99 26.75 48.25 19.37
N GLN O 100 27.38 49.06 20.22
CA GLN O 100 27.08 49.11 21.64
C GLN O 100 26.19 50.31 21.93
N HIS O 101 25.13 50.07 22.71
CA HIS O 101 24.32 51.13 23.27
C HIS O 101 24.78 51.39 24.69
N PHE O 102 25.07 52.66 25.01
CA PHE O 102 25.63 53.02 26.30
C PHE O 102 24.52 53.56 27.21
N GLY O 103 24.73 53.42 28.51
CA GLY O 103 23.80 53.96 29.49
C GLY O 103 24.00 55.45 29.66
N ASP O 104 23.46 55.98 30.77
CA ASP O 104 23.55 57.40 31.05
C ASP O 104 24.70 57.78 31.97
N GLY O 105 25.37 56.80 32.57
CA GLY O 105 26.51 57.09 33.40
C GLY O 105 26.21 57.20 34.89
N THR O 106 27.14 56.75 35.72
CA THR O 106 27.02 56.82 37.17
C THR O 106 28.23 57.57 37.70
N ARG O 107 28.03 58.79 38.17
CA ARG O 107 29.10 59.58 38.77
C ARG O 107 29.18 59.17 40.23
N LEU O 108 30.01 58.17 40.50
CA LEU O 108 30.17 57.61 41.83
C LEU O 108 31.31 58.34 42.56
N SER O 109 31.05 58.72 43.81
CA SER O 109 32.04 59.39 44.65
C SER O 109 32.17 58.62 45.95
N ILE O 110 33.33 58.00 46.16
CA ILE O 110 33.63 57.23 47.36
C ILE O 110 34.49 58.14 48.24
N LEU O 111 33.96 58.53 49.39
CA LEU O 111 34.64 59.46 50.27
C LEU O 111 35.03 58.79 51.57
N GLU O 112 36.08 59.32 52.20
CA GLU O 112 36.53 58.80 53.47
C GLU O 112 35.61 59.24 54.61
N ASP O 113 34.95 60.38 54.45
CA ASP O 113 34.09 60.95 55.47
C ASP O 113 33.05 61.84 54.79
N LEU O 114 31.77 61.63 55.12
CA LEU O 114 30.70 62.43 54.51
C LEU O 114 30.67 63.87 55.02
N ASN O 115 31.53 64.26 55.95
CA ASN O 115 31.57 65.64 56.40
C ASN O 115 32.07 66.60 55.33
N LYS O 116 32.50 66.07 54.18
CA LYS O 116 33.08 66.88 53.11
C LYS O 116 32.10 67.27 52.01
N VAL O 117 30.86 66.78 52.02
CA VAL O 117 29.89 67.10 50.98
C VAL O 117 29.13 68.36 51.37
N PHE O 118 29.18 69.37 50.50
CA PHE O 118 28.48 70.63 50.78
C PHE O 118 27.57 70.96 49.60
N PRO O 119 26.36 71.45 49.88
CA PRO O 119 25.49 71.91 48.80
C PRO O 119 25.98 73.24 48.25
N PRO O 120 25.58 73.61 47.04
CA PRO O 120 26.07 74.86 46.44
C PRO O 120 25.31 76.06 46.95
N GLU O 121 25.94 77.23 46.79
CA GLU O 121 25.32 78.52 47.01
C GLU O 121 25.23 79.22 45.67
N VAL O 122 24.03 79.62 45.28
CA VAL O 122 23.75 80.15 43.95
C VAL O 122 23.44 81.62 44.06
N ALA O 123 24.03 82.41 43.16
CA ALA O 123 23.78 83.85 43.08
C ALA O 123 23.78 84.26 41.61
N VAL O 124 22.85 85.15 41.27
CA VAL O 124 22.72 85.68 39.91
C VAL O 124 23.26 87.11 39.90
N PHE O 125 24.03 87.43 38.87
CA PHE O 125 24.60 88.76 38.70
C PHE O 125 23.98 89.39 37.46
N GLU O 126 23.27 90.50 37.66
CA GLU O 126 22.50 91.11 36.59
C GLU O 126 23.42 91.85 35.60
N PRO O 127 23.00 91.97 34.33
CA PRO O 127 23.91 92.47 33.30
C PRO O 127 24.36 93.89 33.57
N SER O 128 25.54 94.23 33.01
CA SER O 128 26.09 95.58 33.12
C SER O 128 25.38 96.52 32.16
N GLU O 129 25.10 97.74 32.64
CA GLU O 129 24.48 98.74 31.78
C GLU O 129 25.42 99.20 30.67
N ALA O 130 26.73 98.98 30.80
CA ALA O 130 27.65 99.31 29.73
C ALA O 130 27.50 98.35 28.56
N GLU O 131 27.27 97.07 28.84
CA GLU O 131 27.04 96.10 27.77
C GLU O 131 25.77 96.43 26.99
N ILE O 132 24.73 96.90 27.68
CA ILE O 132 23.48 97.25 27.01
C ILE O 132 23.69 98.41 26.06
N SER O 133 24.50 99.40 26.46
CA SER O 133 24.73 100.56 25.61
C SER O 133 25.58 100.18 24.39
N HIS O 134 26.61 99.36 24.58
CA HIS O 134 27.55 99.07 23.51
C HIS O 134 27.02 98.01 22.57
N THR O 135 26.59 96.86 23.10
CA THR O 135 26.23 95.71 22.29
C THR O 135 24.73 95.56 22.07
N GLN O 136 23.90 96.37 22.74
CA GLN O 136 22.45 96.24 22.67
C GLN O 136 21.99 94.87 23.15
N LYS O 137 22.79 94.23 24.00
CA LYS O 137 22.46 92.92 24.55
C LYS O 137 22.77 92.93 26.04
N ALA O 138 22.25 91.94 26.74
CA ALA O 138 22.39 91.88 28.20
C ALA O 138 22.72 90.44 28.59
N THR O 139 23.86 90.26 29.24
CA THR O 139 24.34 88.95 29.66
C THR O 139 24.20 88.83 31.17
N LEU O 140 23.46 87.81 31.61
CA LEU O 140 23.40 87.46 33.02
C LEU O 140 24.44 86.40 33.33
N VAL O 141 24.89 86.37 34.58
CA VAL O 141 25.90 85.41 35.04
C VAL O 141 25.40 84.74 36.30
N CYS O 142 25.42 83.41 36.31
CA CYS O 142 24.98 82.59 37.43
C CYS O 142 26.21 81.92 38.04
N LEU O 143 26.34 82.02 39.35
CA LEU O 143 27.51 81.50 40.07
C LEU O 143 27.05 80.51 41.13
N ALA O 144 27.45 79.24 40.99
CA ALA O 144 27.24 78.22 41.99
C ALA O 144 28.58 77.86 42.61
N THR O 145 28.74 78.11 43.90
CA THR O 145 30.05 78.03 44.55
C THR O 145 29.97 77.16 45.80
N GLY O 146 31.13 76.65 46.21
CA GLY O 146 31.29 76.00 47.49
C GLY O 146 30.60 74.65 47.64
N PHE O 147 30.48 73.89 46.56
CA PHE O 147 29.82 72.59 46.59
C PHE O 147 30.83 71.48 46.36
N PHE O 148 30.54 70.30 46.93
CA PHE O 148 31.35 69.12 46.78
C PHE O 148 30.48 67.89 47.00
N PRO O 149 30.59 66.85 46.17
CA PRO O 149 31.47 66.68 45.00
C PRO O 149 30.96 67.41 43.77
N ASP O 150 31.46 67.03 42.59
CA ASP O 150 31.03 67.66 41.35
C ASP O 150 29.75 67.01 40.83
N HIS O 151 28.74 66.90 41.68
CA HIS O 151 27.44 66.34 41.32
C HIS O 151 26.46 67.51 41.24
N VAL O 152 26.54 68.24 40.13
CA VAL O 152 25.76 69.45 39.93
C VAL O 152 25.21 69.47 38.51
N GLU O 153 24.04 70.10 38.34
CA GLU O 153 23.44 70.33 37.03
C GLU O 153 22.83 71.73 37.05
N LEU O 154 23.41 72.65 36.27
CA LEU O 154 22.94 74.03 36.20
C LEU O 154 22.01 74.20 35.02
N SER O 155 20.89 74.89 35.25
CA SER O 155 19.89 75.12 34.20
C SER O 155 19.29 76.51 34.36
N TRP O 156 19.00 77.15 33.23
CA TRP O 156 18.38 78.47 33.21
C TRP O 156 16.88 78.36 32.93
N TRP O 157 16.09 79.14 33.65
CA TRP O 157 14.64 79.13 33.51
C TRP O 157 14.15 80.56 33.33
N VAL O 158 13.64 80.87 32.14
CA VAL O 158 13.13 82.20 31.80
C VAL O 158 11.61 82.09 31.72
N ASN O 159 10.92 82.83 32.60
CA ASN O 159 9.46 82.86 32.63
C ASN O 159 8.87 81.47 32.86
N GLY O 160 9.57 80.63 33.61
CA GLY O 160 9.07 79.32 33.96
C GLY O 160 9.44 78.22 32.98
N LYS O 161 10.06 78.54 31.86
CA LYS O 161 10.49 77.56 30.87
C LYS O 161 12.01 77.47 30.85
N GLU O 162 12.52 76.24 30.72
CA GLU O 162 13.96 76.04 30.62
C GLU O 162 14.44 76.50 29.24
N VAL O 163 15.51 77.29 29.22
CA VAL O 163 16.07 77.84 27.99
C VAL O 163 17.46 77.27 27.75
N HIS O 164 17.76 76.98 26.49
CA HIS O 164 19.11 76.63 26.07
C HIS O 164 19.71 77.65 25.11
N SER O 165 18.90 78.39 24.36
CA SER O 165 19.42 79.43 23.49
C SER O 165 20.01 80.56 24.31
N GLY O 166 21.15 81.07 23.85
CA GLY O 166 21.83 82.14 24.57
C GLY O 166 22.41 81.72 25.90
N VAL O 167 22.63 80.42 26.12
CA VAL O 167 23.14 79.89 27.37
C VAL O 167 24.50 79.24 27.12
N CYS O 168 25.40 79.38 28.10
CA CYS O 168 26.65 78.65 28.11
C CYS O 168 27.09 78.43 29.54
N THR O 169 27.25 77.17 29.93
CA THR O 169 27.76 76.79 31.23
C THR O 169 29.14 76.18 31.06
N ASP O 170 30.00 76.42 32.05
CA ASP O 170 31.36 75.89 31.99
C ASP O 170 31.34 74.37 31.92
N PRO O 171 32.10 73.75 31.02
CA PRO O 171 32.13 72.28 30.96
C PRO O 171 32.72 71.65 32.21
N GLN O 172 33.66 72.32 32.88
CA GLN O 172 34.27 71.79 34.10
C GLN O 172 34.30 72.89 35.15
N PRO O 173 34.07 72.55 36.42
CA PRO O 173 34.09 73.55 37.49
C PRO O 173 35.51 73.88 37.92
N LEU O 174 35.62 74.96 38.69
CA LEU O 174 36.88 75.41 39.24
C LEU O 174 36.93 75.06 40.72
N LYS O 175 38.10 74.57 41.16
CA LYS O 175 38.34 74.27 42.56
C LYS O 175 38.59 75.57 43.31
N GLU O 176 37.77 75.84 44.34
CA GLU O 176 37.94 77.06 45.12
C GLU O 176 39.28 77.07 45.85
N GLN O 177 39.76 75.91 46.26
CA GLN O 177 41.08 75.77 46.89
C GLN O 177 41.86 74.66 46.18
N PRO O 178 42.70 75.00 45.18
CA PRO O 178 43.37 73.99 44.36
C PRO O 178 44.35 73.13 45.14
N ASN O 181 43.05 68.95 47.27
CA ASN O 181 42.41 67.64 47.36
C ASN O 181 41.20 67.67 48.29
N ASP O 182 40.02 67.47 47.69
CA ASP O 182 38.65 67.45 48.22
C ASP O 182 38.10 68.87 48.37
N SER O 183 38.59 69.79 47.54
CA SER O 183 38.15 71.17 47.62
C SER O 183 36.75 71.32 47.05
N ARG O 184 35.95 72.19 47.67
CA ARG O 184 34.64 72.52 47.14
C ARG O 184 34.78 73.26 45.82
N TYR O 185 33.79 73.09 44.94
CA TYR O 185 33.86 73.57 43.57
C TYR O 185 33.04 74.84 43.36
N ALA O 186 33.29 75.48 42.22
CA ALA O 186 32.54 76.65 41.79
C ALA O 186 32.27 76.55 40.29
N LEU O 187 31.03 76.82 39.89
CA LEU O 187 30.61 76.71 38.50
C LEU O 187 29.96 78.01 38.07
N SER O 188 30.18 78.39 36.81
CA SER O 188 29.62 79.61 36.26
C SER O 188 28.87 79.30 34.97
N SER O 189 27.81 80.08 34.72
CA SER O 189 27.01 79.98 33.51
C SER O 189 26.56 81.37 33.10
N ARG O 190 26.27 81.53 31.82
CA ARG O 190 25.90 82.83 31.26
C ARG O 190 24.66 82.69 30.41
N LEU O 191 23.68 83.57 30.63
CA LEU O 191 22.49 83.68 29.80
C LEU O 191 22.46 85.09 29.22
N ARG O 192 22.49 85.19 27.89
CA ARG O 192 22.51 86.47 27.21
C ARG O 192 21.22 86.63 26.42
N VAL O 193 20.51 87.74 26.65
CA VAL O 193 19.26 88.05 25.97
C VAL O 193 19.38 89.44 25.36
N SER O 194 18.38 89.80 24.56
CA SER O 194 18.37 91.13 23.96
C SER O 194 18.14 92.19 25.04
N ALA O 195 18.65 93.40 24.77
CA ALA O 195 18.49 94.49 25.71
C ALA O 195 17.01 94.78 25.98
N THR O 196 16.17 94.72 24.94
CA THR O 196 14.75 94.98 25.12
C THR O 196 14.10 93.90 25.99
N PHE O 197 14.54 92.65 25.86
CA PHE O 197 13.96 91.58 26.67
C PHE O 197 14.32 91.75 28.14
N TRP O 198 15.58 92.11 28.42
CA TRP O 198 15.99 92.35 29.79
C TRP O 198 15.29 93.56 30.37
N GLN O 199 14.93 94.53 29.53
CA GLN O 199 14.28 95.75 30.00
C GLN O 199 12.77 95.59 30.21
N ASN O 200 12.26 94.37 30.18
CA ASN O 200 10.84 94.13 30.44
C ASN O 200 10.68 93.65 31.87
N PRO O 201 10.04 94.42 32.75
CA PRO O 201 9.93 94.00 34.16
C PRO O 201 9.05 92.77 34.36
N ARG O 202 8.37 92.32 33.30
CA ARG O 202 7.51 91.14 33.34
C ARG O 202 8.26 89.84 33.12
N ASN O 203 9.53 89.91 32.74
CA ASN O 203 10.34 88.74 32.47
C ASN O 203 11.04 88.29 33.76
N HIS O 204 10.92 87.01 34.08
CA HIS O 204 11.49 86.42 35.28
C HIS O 204 12.64 85.51 34.88
N PHE O 205 13.82 85.77 35.42
CA PHE O 205 15.02 84.99 35.15
C PHE O 205 15.40 84.23 36.41
N ARG O 206 15.67 82.93 36.25
CA ARG O 206 16.11 82.10 37.38
C ARG O 206 17.07 81.04 36.86
N CYS O 207 18.25 80.95 37.46
CA CYS O 207 19.15 79.84 37.21
C CYS O 207 19.04 78.86 38.36
N GLN O 208 18.91 77.58 38.02
CA GLN O 208 18.65 76.52 38.98
C GLN O 208 19.84 75.56 38.99
N VAL O 209 20.29 75.21 40.19
CA VAL O 209 21.39 74.27 40.38
C VAL O 209 20.86 73.07 41.14
N GLN O 210 20.84 71.92 40.48
CA GLN O 210 20.44 70.67 41.11
C GLN O 210 21.67 70.01 41.72
N PHE O 211 21.64 69.81 43.04
CA PHE O 211 22.73 69.18 43.77
C PHE O 211 22.37 67.73 44.07
N TYR O 212 23.21 66.81 43.65
CA TYR O 212 23.04 65.39 43.94
C TYR O 212 23.95 65.03 45.11
N GLY O 213 23.38 65.08 46.31
CA GLY O 213 24.13 64.80 47.52
C GLY O 213 23.67 63.55 48.24
N LEU O 214 23.45 63.65 49.55
CA LEU O 214 23.05 62.50 50.34
C LEU O 214 21.56 62.21 50.16
N SER O 215 21.16 61.05 50.64
CA SER O 215 19.76 60.64 50.68
C SER O 215 19.23 60.73 52.11
N GLU O 216 17.89 60.68 52.24
CA GLU O 216 17.31 60.71 53.58
C GLU O 216 17.64 59.46 54.37
N ASN O 217 18.03 58.38 53.69
CA ASN O 217 18.47 57.17 54.37
C ASN O 217 19.88 57.30 54.94
N ASP O 218 20.69 58.21 54.41
CA ASP O 218 22.04 58.39 54.92
C ASP O 218 21.99 58.92 56.36
N GLU O 219 23.07 58.66 57.09
CA GLU O 219 23.18 59.08 58.49
C GLU O 219 23.98 60.36 58.57
N TRP O 220 23.49 61.32 59.33
CA TRP O 220 24.12 62.63 59.47
C TRP O 220 24.32 62.97 60.94
N THR O 221 25.56 63.04 61.37
CA THR O 221 25.87 63.43 62.73
C THR O 221 26.56 64.79 62.75
N ARG O 224 26.45 70.34 61.29
CA ARG O 224 25.80 71.21 60.30
C ARG O 224 24.51 70.60 59.75
N ALA O 225 23.94 71.26 58.75
CA ALA O 225 22.73 70.80 58.09
C ALA O 225 23.07 69.67 57.12
N LYS O 226 22.15 68.71 57.01
CA LYS O 226 22.37 67.54 56.14
C LYS O 226 22.33 67.94 54.67
N PRO O 227 23.42 67.77 53.93
CA PRO O 227 23.49 68.10 52.48
C PRO O 227 22.77 67.07 51.61
N VAL O 228 21.45 66.99 51.73
CA VAL O 228 20.67 66.05 50.93
C VAL O 228 20.62 66.54 49.49
N THR O 229 20.22 65.65 48.58
CA THR O 229 19.91 66.07 47.23
C THR O 229 18.86 67.16 47.26
N GLN O 230 19.16 68.30 46.64
CA GLN O 230 18.30 69.46 46.75
C GLN O 230 18.53 70.35 45.54
N ILE O 231 17.64 71.33 45.37
CA ILE O 231 17.76 72.34 44.33
C ILE O 231 17.97 73.69 45.01
N VAL O 232 19.01 74.40 44.57
CA VAL O 232 19.28 75.76 45.03
C VAL O 232 19.24 76.67 43.82
N SER O 233 18.38 77.68 43.86
CA SER O 233 18.18 78.57 42.73
C SER O 233 18.32 80.02 43.18
N ALA O 234 18.59 80.88 42.21
CA ALA O 234 18.65 82.32 42.41
C ALA O 234 17.96 82.98 41.22
N GLU O 235 17.23 84.06 41.47
CA GLU O 235 16.37 84.66 40.47
C GLU O 235 16.66 86.15 40.32
N ALA O 236 16.22 86.70 39.20
CA ALA O 236 16.33 88.12 38.91
C ALA O 236 15.18 88.52 38.00
N TRP O 237 14.65 89.72 38.21
CA TRP O 237 13.53 90.22 37.44
C TRP O 237 13.97 91.26 36.41
N GLY O 238 13.08 91.53 35.47
CA GLY O 238 13.34 92.53 34.45
C GLY O 238 13.53 93.91 35.03
N ARG O 239 14.19 94.76 34.25
CA ARG O 239 14.69 96.05 34.72
C ARG O 239 14.18 97.15 33.80
N ALA O 240 13.30 98.00 34.32
CA ALA O 240 12.76 99.08 33.50
C ALA O 240 13.84 100.11 33.16
N ASP O 241 14.69 100.43 34.13
CA ASP O 241 15.72 101.45 33.94
C ASP O 241 16.84 100.93 33.03
#